data_4QVE
# 
_entry.id   4QVE 
# 
_audit_conform.dict_name       mmcif_pdbx.dic 
_audit_conform.dict_version    5.381 
_audit_conform.dict_location   http://mmcif.pdb.org/dictionaries/ascii/mmcif_pdbx.dic 
# 
loop_
_database_2.database_id 
_database_2.database_code 
_database_2.pdbx_database_accession 
_database_2.pdbx_DOI 
PDB   4QVE         pdb_00004qve 10.2210/pdb4qve/pdb 
RCSB  RCSB086561   ?            ?                   
WWPDB D_1000086561 ?            ?                   
# 
loop_
_pdbx_database_related.db_name 
_pdbx_database_related.db_id 
_pdbx_database_related.details 
_pdbx_database_related.content_type 
PDB 1MAZ . unspecified 
PDB 4QVF . unspecified 
# 
_pdbx_database_status.status_code                     REL 
_pdbx_database_status.entry_id                        4QVE 
_pdbx_database_status.recvd_initial_deposition_date   2014-07-14 
_pdbx_database_status.deposit_site                    RCSB 
_pdbx_database_status.process_site                    PDBJ 
_pdbx_database_status.methods_development_category    ? 
_pdbx_database_status.status_code_sf                  REL 
_pdbx_database_status.status_code_mr                  ? 
_pdbx_database_status.SG_entry                        ? 
_pdbx_database_status.status_code_cs                  ? 
_pdbx_database_status.pdb_format_compatible           Y 
_pdbx_database_status.status_code_nmr_data            ? 
# 
loop_
_audit_author.name 
_audit_author.pdbx_ordinal 
'Sreekanth, R.' 1 
'Yoon, H.S.'    2 
# 
_citation.id                        primary 
_citation.title                     
'Bh3 induced conformational changes in Bcl-Xl revealed by crystal structure and comparative analysis.' 
_citation.journal_abbrev            Proteins 
_citation.journal_volume            83 
_citation.page_first                1262 
_citation.page_last                 1272 
_citation.year                      2015 
_citation.journal_id_ASTM           PSFGEY 
_citation.country                   US 
_citation.journal_id_ISSN           1097-0134 
_citation.journal_id_CSD            0867 
_citation.book_publisher            ? 
_citation.pdbx_database_id_PubMed   25907960 
_citation.pdbx_database_id_DOI      10.1002/prot.24816 
# 
loop_
_citation_author.citation_id 
_citation_author.name 
_citation_author.ordinal 
_citation_author.identifier_ORCID 
primary 'Rajan, S.'  1 ? 
primary 'Choi, M.'   2 ? 
primary 'Baek, K.'   3 ? 
primary 'Yoon, H.S.' 4 ? 
# 
_cell.entry_id           4QVE 
_cell.length_a           63.760 
_cell.length_b           63.760 
_cell.length_c           187.652 
_cell.angle_alpha        90.00 
_cell.angle_beta         90.00 
_cell.angle_gamma        120.00 
_cell.Z_PDB              12 
_cell.pdbx_unique_axis   ? 
_cell.length_a_esd       ? 
_cell.length_b_esd       ? 
_cell.length_c_esd       ? 
_cell.angle_alpha_esd    ? 
_cell.angle_beta_esd     ? 
_cell.angle_gamma_esd    ? 
# 
_symmetry.entry_id                         4QVE 
_symmetry.space_group_name_H-M             'P 61 2 2' 
_symmetry.pdbx_full_space_group_name_H-M   ? 
_symmetry.cell_setting                     ? 
_symmetry.Int_Tables_number                178 
_symmetry.space_group_name_Hall            ? 
# 
loop_
_entity.id 
_entity.type 
_entity.src_method 
_entity.pdbx_description 
_entity.formula_weight 
_entity.pdbx_number_of_molecules 
_entity.pdbx_ec 
_entity.pdbx_mutation 
_entity.pdbx_fragment 
_entity.details 
1 polymer     man 'Bcl-2-like protein 1'                              19313.217 1   ? ? 'UNP residues 1-209'           ? 
2 polymer     syn 'Peptide from BH3-interacting domain death agonist' 3693.111  1   ? ? 'BID BH3, UNP RESIDUES 76-109' ? 
3 non-polymer syn IMIDAZOLE                                           69.085    1   ? ? ?                              ? 
4 water       nat water                                               18.015    136 ? ? ?                              ? 
# 
loop_
_entity_name_com.entity_id 
_entity_name_com.name 
1 'Bcl2-L-1, Apoptosis regulator Bcl-X' 
2 
;p22 BID, BID, BH3-interacting domain death agonist p15, p15 BID, BH3-interacting domain death agonist p13, p13 BID, BH3-interacting domain death agonist p11, p11 BID
;
# 
loop_
_entity_poly.entity_id 
_entity_poly.type 
_entity_poly.nstd_linkage 
_entity_poly.nstd_monomer 
_entity_poly.pdbx_seq_one_letter_code 
_entity_poly.pdbx_seq_one_letter_code_can 
_entity_poly.pdbx_strand_id 
_entity_poly.pdbx_target_identifier 
1 'polypeptide(L)' no no 
;MSQSNRELVVDFLSYKLSQKGYSWSQFSDVEENRTEAPEGTESEAVKQALREAGDEFELRYRRAFSDLTSQLHITPGTAY
QSFEQVVNELFRDGVNWGRIVAFFSFGGALCVESVDKEMQVLVSRIAAWMATYLNDHLEPWIQENGGWDTFVELYGNNAA
AESRKGQER
;
;MSQSNRELVVDFLSYKLSQKGYSWSQFSDVEENRTEAPEGTESEAVKQALREAGDEFELRYRRAFSDLTSQLHITPGTAY
QSFEQVVNELFRDGVNWGRIVAFFSFGGALCVESVDKEMQVLVSRIAAWMATYLNDHLEPWIQENGGWDTFVELYGNNAA
AESRKGQER
;
A ? 
2 'polypeptide(L)' no no SESQEDIIRNIARHLAQVGDSMDRSIPPGLVNGL SESQEDIIRNIARHLAQVGDSMDRSIPPGLVNGL B ? 
# 
loop_
_entity_poly_seq.entity_id 
_entity_poly_seq.num 
_entity_poly_seq.mon_id 
_entity_poly_seq.hetero 
1 1   MET n 
1 2   SER n 
1 3   GLN n 
1 4   SER n 
1 5   ASN n 
1 6   ARG n 
1 7   GLU n 
1 8   LEU n 
1 9   VAL n 
1 10  VAL n 
1 11  ASP n 
1 12  PHE n 
1 13  LEU n 
1 14  SER n 
1 15  TYR n 
1 16  LYS n 
1 17  LEU n 
1 18  SER n 
1 19  GLN n 
1 20  LYS n 
1 21  GLY n 
1 22  TYR n 
1 23  SER n 
1 24  TRP n 
1 25  SER n 
1 26  GLN n 
1 27  PHE n 
1 28  SER n 
1 29  ASP n 
1 30  VAL n 
1 31  GLU n 
1 32  GLU n 
1 33  ASN n 
1 34  ARG n 
1 35  THR n 
1 36  GLU n 
1 37  ALA n 
1 38  PRO n 
1 39  GLU n 
1 40  GLY n 
1 41  THR n 
1 42  GLU n 
1 43  SER n 
1 44  GLU n 
1 45  ALA n 
1 46  VAL n 
1 47  LYS n 
1 48  GLN n 
1 49  ALA n 
1 50  LEU n 
1 51  ARG n 
1 52  GLU n 
1 53  ALA n 
1 54  GLY n 
1 55  ASP n 
1 56  GLU n 
1 57  PHE n 
1 58  GLU n 
1 59  LEU n 
1 60  ARG n 
1 61  TYR n 
1 62  ARG n 
1 63  ARG n 
1 64  ALA n 
1 65  PHE n 
1 66  SER n 
1 67  ASP n 
1 68  LEU n 
1 69  THR n 
1 70  SER n 
1 71  GLN n 
1 72  LEU n 
1 73  HIS n 
1 74  ILE n 
1 75  THR n 
1 76  PRO n 
1 77  GLY n 
1 78  THR n 
1 79  ALA n 
1 80  TYR n 
1 81  GLN n 
1 82  SER n 
1 83  PHE n 
1 84  GLU n 
1 85  GLN n 
1 86  VAL n 
1 87  VAL n 
1 88  ASN n 
1 89  GLU n 
1 90  LEU n 
1 91  PHE n 
1 92  ARG n 
1 93  ASP n 
1 94  GLY n 
1 95  VAL n 
1 96  ASN n 
1 97  TRP n 
1 98  GLY n 
1 99  ARG n 
1 100 ILE n 
1 101 VAL n 
1 102 ALA n 
1 103 PHE n 
1 104 PHE n 
1 105 SER n 
1 106 PHE n 
1 107 GLY n 
1 108 GLY n 
1 109 ALA n 
1 110 LEU n 
1 111 CYS n 
1 112 VAL n 
1 113 GLU n 
1 114 SER n 
1 115 VAL n 
1 116 ASP n 
1 117 LYS n 
1 118 GLU n 
1 119 MET n 
1 120 GLN n 
1 121 VAL n 
1 122 LEU n 
1 123 VAL n 
1 124 SER n 
1 125 ARG n 
1 126 ILE n 
1 127 ALA n 
1 128 ALA n 
1 129 TRP n 
1 130 MET n 
1 131 ALA n 
1 132 THR n 
1 133 TYR n 
1 134 LEU n 
1 135 ASN n 
1 136 ASP n 
1 137 HIS n 
1 138 LEU n 
1 139 GLU n 
1 140 PRO n 
1 141 TRP n 
1 142 ILE n 
1 143 GLN n 
1 144 GLU n 
1 145 ASN n 
1 146 GLY n 
1 147 GLY n 
1 148 TRP n 
1 149 ASP n 
1 150 THR n 
1 151 PHE n 
1 152 VAL n 
1 153 GLU n 
1 154 LEU n 
1 155 TYR n 
1 156 GLY n 
1 157 ASN n 
1 158 ASN n 
1 159 ALA n 
1 160 ALA n 
1 161 ALA n 
1 162 GLU n 
1 163 SER n 
1 164 ARG n 
1 165 LYS n 
1 166 GLY n 
1 167 GLN n 
1 168 GLU n 
1 169 ARG n 
2 1   SER n 
2 2   GLU n 
2 3   SER n 
2 4   GLN n 
2 5   GLU n 
2 6   ASP n 
2 7   ILE n 
2 8   ILE n 
2 9   ARG n 
2 10  ASN n 
2 11  ILE n 
2 12  ALA n 
2 13  ARG n 
2 14  HIS n 
2 15  LEU n 
2 16  ALA n 
2 17  GLN n 
2 18  VAL n 
2 19  GLY n 
2 20  ASP n 
2 21  SER n 
2 22  MET n 
2 23  ASP n 
2 24  ARG n 
2 25  SER n 
2 26  ILE n 
2 27  PRO n 
2 28  PRO n 
2 29  GLY n 
2 30  LEU n 
2 31  VAL n 
2 32  ASN n 
2 33  GLY n 
2 34  LEU n 
# 
_entity_src_gen.entity_id                          1 
_entity_src_gen.pdbx_src_id                        1 
_entity_src_gen.pdbx_alt_source_flag               sample 
_entity_src_gen.pdbx_seq_type                      ? 
_entity_src_gen.pdbx_beg_seq_num                   ? 
_entity_src_gen.pdbx_end_seq_num                   ? 
_entity_src_gen.gene_src_common_name               human 
_entity_src_gen.gene_src_genus                     ? 
_entity_src_gen.pdbx_gene_src_gene                 'BCL2L1, BCL2L, BCLX' 
_entity_src_gen.gene_src_species                   ? 
_entity_src_gen.gene_src_strain                    ? 
_entity_src_gen.gene_src_tissue                    ? 
_entity_src_gen.gene_src_tissue_fraction           ? 
_entity_src_gen.gene_src_details                   ? 
_entity_src_gen.pdbx_gene_src_fragment             ? 
_entity_src_gen.pdbx_gene_src_scientific_name      'Homo sapiens' 
_entity_src_gen.pdbx_gene_src_ncbi_taxonomy_id     9606 
_entity_src_gen.pdbx_gene_src_variant              ? 
_entity_src_gen.pdbx_gene_src_cell_line            ? 
_entity_src_gen.pdbx_gene_src_atcc                 ? 
_entity_src_gen.pdbx_gene_src_organ                ? 
_entity_src_gen.pdbx_gene_src_organelle            ? 
_entity_src_gen.pdbx_gene_src_cell                 ? 
_entity_src_gen.pdbx_gene_src_cellular_location    ? 
_entity_src_gen.host_org_common_name               ? 
_entity_src_gen.pdbx_host_org_scientific_name      'Escherichia coli' 
_entity_src_gen.pdbx_host_org_ncbi_taxonomy_id     562 
_entity_src_gen.host_org_genus                     ? 
_entity_src_gen.pdbx_host_org_gene                 ? 
_entity_src_gen.pdbx_host_org_organ                ? 
_entity_src_gen.host_org_species                   ? 
_entity_src_gen.pdbx_host_org_tissue               ? 
_entity_src_gen.pdbx_host_org_tissue_fraction      ? 
_entity_src_gen.pdbx_host_org_strain               'BL21(DE3)' 
_entity_src_gen.pdbx_host_org_variant              ? 
_entity_src_gen.pdbx_host_org_cell_line            ? 
_entity_src_gen.pdbx_host_org_atcc                 ? 
_entity_src_gen.pdbx_host_org_culture_collection   ? 
_entity_src_gen.pdbx_host_org_cell                 ? 
_entity_src_gen.pdbx_host_org_organelle            ? 
_entity_src_gen.pdbx_host_org_cellular_location    ? 
_entity_src_gen.pdbx_host_org_vector_type          Plasmid 
_entity_src_gen.pdbx_host_org_vector               ? 
_entity_src_gen.host_org_details                   ? 
_entity_src_gen.expression_system_id               ? 
_entity_src_gen.plasmid_name                       pETSUMO 
_entity_src_gen.plasmid_details                    ? 
_entity_src_gen.pdbx_description                   ? 
# 
_pdbx_entity_src_syn.entity_id              2 
_pdbx_entity_src_syn.pdbx_src_id            1 
_pdbx_entity_src_syn.pdbx_alt_source_flag   sample 
_pdbx_entity_src_syn.pdbx_beg_seq_num       ? 
_pdbx_entity_src_syn.pdbx_end_seq_num       ? 
_pdbx_entity_src_syn.organism_scientific    'Homo sapiens' 
_pdbx_entity_src_syn.organism_common_name   human 
_pdbx_entity_src_syn.ncbi_taxonomy_id       9606 
_pdbx_entity_src_syn.details                'This BID BH3 sequence occurs naturally in humans' 
# 
loop_
_struct_ref.id 
_struct_ref.db_name 
_struct_ref.db_code 
_struct_ref.pdbx_db_accession 
_struct_ref.entity_id 
_struct_ref.pdbx_seq_one_letter_code 
_struct_ref.pdbx_align_begin 
_struct_ref.pdbx_db_isoform 
1 UNP B2CL1_HUMAN Q07817 1 
;MSQSNRELVVDFLSYKLSQKGYSWSQFSDVEENRTEAPEGTESEMETPSAINGNPSWHLADSPAVNGATGHSSSLDAREV
IPMAAVKQALREAGDEFELRYRRAFSDLTSQLHITPGTAYQSFEQVVNELFRDGVNWGRIVAFFSFGGALCVESVDKEMQ
VLVSRIAAWMATYLNDHLEPWIQENGGWDTFVELYGNNAAAESRKGQER
;
1  ? 
2 UNP BID_HUMAN   P55957 2 SESQEDIIRNIARHLAQVGDSMDRSIPPGLVNGL 76 ? 
# 
loop_
_struct_ref_seq.align_id 
_struct_ref_seq.ref_id 
_struct_ref_seq.pdbx_PDB_id_code 
_struct_ref_seq.pdbx_strand_id 
_struct_ref_seq.seq_align_beg 
_struct_ref_seq.pdbx_seq_align_beg_ins_code 
_struct_ref_seq.seq_align_end 
_struct_ref_seq.pdbx_seq_align_end_ins_code 
_struct_ref_seq.pdbx_db_accession 
_struct_ref_seq.db_align_beg 
_struct_ref_seq.pdbx_db_align_beg_ins_code 
_struct_ref_seq.db_align_end 
_struct_ref_seq.pdbx_db_align_end_ins_code 
_struct_ref_seq.pdbx_auth_seq_align_beg 
_struct_ref_seq.pdbx_auth_seq_align_end 
1 1 4QVE A 1 ? 169 ? Q07817 1  ? 209 ? 1  209 
2 2 4QVE B 1 ? 34  ? P55957 76 ? 109 ? 76 109 
# 
loop_
_struct_ref_seq_dif.align_id 
_struct_ref_seq_dif.pdbx_pdb_id_code 
_struct_ref_seq_dif.mon_id 
_struct_ref_seq_dif.pdbx_pdb_strand_id 
_struct_ref_seq_dif.seq_num 
_struct_ref_seq_dif.pdbx_pdb_ins_code 
_struct_ref_seq_dif.pdbx_seq_db_name 
_struct_ref_seq_dif.pdbx_seq_db_accession_code 
_struct_ref_seq_dif.db_mon_id 
_struct_ref_seq_dif.pdbx_seq_db_seq_num 
_struct_ref_seq_dif.details 
_struct_ref_seq_dif.pdbx_auth_seq_num 
_struct_ref_seq_dif.pdbx_ordinal 
1 4QVE ? A ? ? UNP Q07817 MET 45 deletion ? 1  
1 4QVE ? A ? ? UNP Q07817 GLU 46 deletion ? 2  
1 4QVE ? A ? ? UNP Q07817 THR 47 deletion ? 3  
1 4QVE ? A ? ? UNP Q07817 PRO 48 deletion ? 4  
1 4QVE ? A ? ? UNP Q07817 SER 49 deletion ? 5  
1 4QVE ? A ? ? UNP Q07817 ALA 50 deletion ? 6  
1 4QVE ? A ? ? UNP Q07817 ILE 51 deletion ? 7  
1 4QVE ? A ? ? UNP Q07817 ASN 52 deletion ? 8  
1 4QVE ? A ? ? UNP Q07817 GLY 53 deletion ? 9  
1 4QVE ? A ? ? UNP Q07817 ASN 54 deletion ? 10 
1 4QVE ? A ? ? UNP Q07817 PRO 55 deletion ? 11 
1 4QVE ? A ? ? UNP Q07817 SER 56 deletion ? 12 
1 4QVE ? A ? ? UNP Q07817 TRP 57 deletion ? 13 
1 4QVE ? A ? ? UNP Q07817 HIS 58 deletion ? 14 
1 4QVE ? A ? ? UNP Q07817 LEU 59 deletion ? 15 
1 4QVE ? A ? ? UNP Q07817 ALA 60 deletion ? 16 
1 4QVE ? A ? ? UNP Q07817 ASP 61 deletion ? 17 
1 4QVE ? A ? ? UNP Q07817 SER 62 deletion ? 18 
1 4QVE ? A ? ? UNP Q07817 PRO 63 deletion ? 19 
1 4QVE ? A ? ? UNP Q07817 ALA 64 deletion ? 20 
1 4QVE ? A ? ? UNP Q07817 VAL 65 deletion ? 21 
1 4QVE ? A ? ? UNP Q07817 ASN 66 deletion ? 22 
1 4QVE ? A ? ? UNP Q07817 GLY 67 deletion ? 23 
1 4QVE ? A ? ? UNP Q07817 ALA 68 deletion ? 24 
1 4QVE ? A ? ? UNP Q07817 THR 69 deletion ? 25 
1 4QVE ? A ? ? UNP Q07817 GLY 70 deletion ? 26 
1 4QVE ? A ? ? UNP Q07817 HIS 71 deletion ? 27 
1 4QVE ? A ? ? UNP Q07817 SER 72 deletion ? 28 
1 4QVE ? A ? ? UNP Q07817 SER 73 deletion ? 29 
1 4QVE ? A ? ? UNP Q07817 SER 74 deletion ? 30 
1 4QVE ? A ? ? UNP Q07817 LEU 75 deletion ? 31 
1 4QVE ? A ? ? UNP Q07817 ASP 76 deletion ? 32 
1 4QVE ? A ? ? UNP Q07817 ALA 77 deletion ? 33 
1 4QVE ? A ? ? UNP Q07817 ARG 78 deletion ? 34 
1 4QVE ? A ? ? UNP Q07817 GLU 79 deletion ? 35 
1 4QVE ? A ? ? UNP Q07817 VAL 80 deletion ? 36 
1 4QVE ? A ? ? UNP Q07817 ILE 81 deletion ? 37 
1 4QVE ? A ? ? UNP Q07817 PRO 82 deletion ? 38 
1 4QVE ? A ? ? UNP Q07817 MET 83 deletion ? 39 
1 4QVE ? A ? ? UNP Q07817 ALA 84 deletion ? 40 
# 
loop_
_chem_comp.id 
_chem_comp.type 
_chem_comp.mon_nstd_flag 
_chem_comp.name 
_chem_comp.pdbx_synonyms 
_chem_comp.formula 
_chem_comp.formula_weight 
ALA 'L-peptide linking' y ALANINE         ? 'C3 H7 N O2'     89.093  
ARG 'L-peptide linking' y ARGININE        ? 'C6 H15 N4 O2 1' 175.209 
ASN 'L-peptide linking' y ASPARAGINE      ? 'C4 H8 N2 O3'    132.118 
ASP 'L-peptide linking' y 'ASPARTIC ACID' ? 'C4 H7 N O4'     133.103 
CYS 'L-peptide linking' y CYSTEINE        ? 'C3 H7 N O2 S'   121.158 
GLN 'L-peptide linking' y GLUTAMINE       ? 'C5 H10 N2 O3'   146.144 
GLU 'L-peptide linking' y 'GLUTAMIC ACID' ? 'C5 H9 N O4'     147.129 
GLY 'peptide linking'   y GLYCINE         ? 'C2 H5 N O2'     75.067  
HIS 'L-peptide linking' y HISTIDINE       ? 'C6 H10 N3 O2 1' 156.162 
HOH non-polymer         . WATER           ? 'H2 O'           18.015  
ILE 'L-peptide linking' y ISOLEUCINE      ? 'C6 H13 N O2'    131.173 
IMD non-polymer         . IMIDAZOLE       ? 'C3 H5 N2 1'     69.085  
LEU 'L-peptide linking' y LEUCINE         ? 'C6 H13 N O2'    131.173 
LYS 'L-peptide linking' y LYSINE          ? 'C6 H15 N2 O2 1' 147.195 
MET 'L-peptide linking' y METHIONINE      ? 'C5 H11 N O2 S'  149.211 
PHE 'L-peptide linking' y PHENYLALANINE   ? 'C9 H11 N O2'    165.189 
PRO 'L-peptide linking' y PROLINE         ? 'C5 H9 N O2'     115.130 
SER 'L-peptide linking' y SERINE          ? 'C3 H7 N O3'     105.093 
THR 'L-peptide linking' y THREONINE       ? 'C4 H9 N O3'     119.119 
TRP 'L-peptide linking' y TRYPTOPHAN      ? 'C11 H12 N2 O2'  204.225 
TYR 'L-peptide linking' y TYROSINE        ? 'C9 H11 N O3'    181.189 
VAL 'L-peptide linking' y VALINE          ? 'C5 H11 N O2'    117.146 
# 
_exptl.entry_id          4QVE 
_exptl.method            'X-RAY DIFFRACTION' 
_exptl.crystals_number   1 
# 
_exptl_crystal.id                    1 
_exptl_crystal.density_meas          ? 
_exptl_crystal.density_Matthews      2.39 
_exptl_crystal.density_percent_sol   48.60 
_exptl_crystal.description           ? 
_exptl_crystal.F_000                 ? 
_exptl_crystal.preparation           ? 
# 
_exptl_crystal_grow.crystal_id      1 
_exptl_crystal_grow.method          'VAPOR DIFFUSION, HANGING DROP' 
_exptl_crystal_grow.temp            291 
_exptl_crystal_grow.temp_details    ? 
_exptl_crystal_grow.pH              10.5 
_exptl_crystal_grow.pdbx_details    
'2.0M Ammonium Sulphate, 0.2M Lithium Sulphate, 0.1M CAPS pH 10.5, VAPOR DIFFUSION, HANGING DROP, temperature 291K' 
_exptl_crystal_grow.pdbx_pH_range   . 
# 
_diffrn.id                     1 
_diffrn.ambient_temp           100 
_diffrn.ambient_temp_details   ? 
_diffrn.crystal_id             1 
# 
_diffrn_detector.diffrn_id              1 
_diffrn_detector.detector               CCD 
_diffrn_detector.type                   'ADSC QUANTUM 315' 
_diffrn_detector.pdbx_collection_date   2013-12-13 
_diffrn_detector.details                ? 
# 
_diffrn_radiation.diffrn_id                        1 
_diffrn_radiation.wavelength_id                    1 
_diffrn_radiation.pdbx_monochromatic_or_laue_m_l   M 
_diffrn_radiation.monochromator                    Graphite 
_diffrn_radiation.pdbx_diffrn_protocol             'SINGLE WAVELENGTH' 
_diffrn_radiation.pdbx_scattering_type             x-ray 
# 
_diffrn_radiation_wavelength.id           1 
_diffrn_radiation_wavelength.wavelength   1.0000 
_diffrn_radiation_wavelength.wt           1.0 
# 
_diffrn_source.diffrn_id                   1 
_diffrn_source.source                      SYNCHROTRON 
_diffrn_source.type                        'NSRRC BEAMLINE BL13B1' 
_diffrn_source.pdbx_synchrotron_site       NSRRC 
_diffrn_source.pdbx_synchrotron_beamline   BL13B1 
_diffrn_source.pdbx_wavelength             ? 
_diffrn_source.pdbx_wavelength_list        1.0000 
# 
_reflns.entry_id                     4QVE 
_reflns.observed_criterion_sigma_I   ? 
_reflns.observed_criterion_sigma_F   ? 
_reflns.d_resolution_low             37.86 
_reflns.d_resolution_high            2.05 
_reflns.number_obs                   16313 
_reflns.number_all                   ? 
_reflns.percent_possible_obs         99.9 
_reflns.pdbx_Rmerge_I_obs            0.126 
_reflns.pdbx_Rsym_value              ? 
_reflns.pdbx_netI_over_sigmaI        9.0 
_reflns.B_iso_Wilson_estimate        22.82 
_reflns.pdbx_redundancy              ? 
_reflns.R_free_details               ? 
_reflns.limit_h_max                  ? 
_reflns.limit_h_min                  ? 
_reflns.limit_k_max                  ? 
_reflns.limit_k_min                  ? 
_reflns.limit_l_max                  ? 
_reflns.limit_l_min                  ? 
_reflns.observed_criterion_F_max     ? 
_reflns.observed_criterion_F_min     ? 
_reflns.pdbx_chi_squared             ? 
_reflns.pdbx_scaling_rejects         ? 
_reflns.pdbx_ordinal                 1 
_reflns.pdbx_diffrn_id               1 
# 
_reflns_shell.d_res_high                  2.05 
_reflns_shell.d_res_low                   2.11 
_reflns_shell.percent_possible_all        100.0 
_reflns_shell.Rmerge_I_obs                0.654 
_reflns_shell.pdbx_Rsym_value             ? 
_reflns_shell.meanI_over_sigI_obs         3.1 
_reflns_shell.pdbx_redundancy             ? 
_reflns_shell.percent_possible_obs        ? 
_reflns_shell.number_unique_all           2299 
_reflns_shell.number_measured_all         ? 
_reflns_shell.number_measured_obs         ? 
_reflns_shell.number_unique_obs           ? 
_reflns_shell.pdbx_chi_squared            ? 
_reflns_shell.pdbx_rejects                ? 
_reflns_shell.pdbx_netI_over_sigmaI_obs   ? 
_reflns_shell.number_possible             ? 
_reflns_shell.Rmerge_F_all                ? 
_reflns_shell.Rmerge_F_obs                ? 
_reflns_shell.Rmerge_I_all                ? 
_reflns_shell.meanI_over_sigI_all         ? 
_reflns_shell.pdbx_Rrim_I_all             ? 
_reflns_shell.pdbx_Rpim_I_all             ? 
_reflns_shell.pdbx_ordinal                1 
_reflns_shell.pdbx_diffrn_id              1 
# 
_refine.entry_id                                 4QVE 
_refine.ls_number_reflns_obs                     14799 
_refine.ls_number_reflns_all                     ? 
_refine.pdbx_ls_sigma_I                          ? 
_refine.pdbx_ls_sigma_F                          1.67 
_refine.pdbx_data_cutoff_high_absF               ? 
_refine.pdbx_data_cutoff_low_absF                ? 
_refine.pdbx_data_cutoff_high_rms_absF           ? 
_refine.ls_d_res_low                             26.486 
_refine.ls_d_res_high                            2.050 
_refine.ls_percent_reflns_obs                    99.16 
_refine.ls_R_factor_obs                          0.1813 
_refine.ls_R_factor_all                          ? 
_refine.ls_R_factor_R_work                       0.1790 
_refine.ls_R_factor_R_free                       0.2239 
_refine.ls_R_factor_R_free_error                 ? 
_refine.ls_R_factor_R_free_error_details         ? 
_refine.ls_percent_reflns_R_free                 5.07 
_refine.ls_number_reflns_R_free                  750 
_refine.ls_number_parameters                     ? 
_refine.ls_number_restraints                     ? 
_refine.occupancy_min                            ? 
_refine.occupancy_max                            ? 
_refine.correlation_coeff_Fo_to_Fc               ? 
_refine.correlation_coeff_Fo_to_Fc_free          ? 
_refine.B_iso_mean                               ? 
_refine.aniso_B[1][1]                            ? 
_refine.aniso_B[2][2]                            ? 
_refine.aniso_B[3][3]                            ? 
_refine.aniso_B[1][2]                            ? 
_refine.aniso_B[1][3]                            ? 
_refine.aniso_B[2][3]                            ? 
_refine.solvent_model_details                    'FLAT BULK SOLVENT MODEL' 
_refine.solvent_model_param_ksol                 ? 
_refine.solvent_model_param_bsol                 ? 
_refine.pdbx_solvent_vdw_probe_radii             1.11 
_refine.pdbx_solvent_ion_probe_radii             ? 
_refine.pdbx_solvent_shrinkage_radii             0.90 
_refine.pdbx_ls_cross_valid_method               ? 
_refine.details                                  ? 
_refine.pdbx_starting_model                      4EHR 
_refine.pdbx_method_to_determine_struct          'MOLECULAR REPLACEMENT' 
_refine.pdbx_isotropic_thermal_model             ? 
_refine.pdbx_stereochemistry_target_values       ML 
_refine.pdbx_stereochem_target_val_spec_case     ? 
_refine.pdbx_R_Free_selection_details            ? 
_refine.pdbx_overall_ESU_R                       ? 
_refine.pdbx_overall_ESU_R_Free                  ? 
_refine.overall_SU_ML                            0.22 
_refine.pdbx_overall_phase_error                 20.19 
_refine.overall_SU_B                             ? 
_refine.overall_SU_R_Cruickshank_DPI             ? 
_refine.ls_redundancy_reflns_obs                 ? 
_refine.B_iso_min                                ? 
_refine.B_iso_max                                ? 
_refine.overall_SU_R_free                        ? 
_refine.ls_wR_factor_R_free                      ? 
_refine.ls_wR_factor_R_work                      ? 
_refine.overall_FOM_free_R_set                   ? 
_refine.overall_FOM_work_R_set                   ? 
_refine.pdbx_diffrn_id                           1 
_refine.pdbx_refine_id                           'X-RAY DIFFRACTION' 
_refine.pdbx_TLS_residual_ADP_flag               ? 
_refine.pdbx_overall_SU_R_free_Cruickshank_DPI   ? 
_refine.pdbx_overall_SU_R_Blow_DPI               ? 
_refine.pdbx_overall_SU_R_free_Blow_DPI          ? 
# 
_refine_hist.pdbx_refine_id                   'X-RAY DIFFRACTION' 
_refine_hist.cycle_id                         LAST 
_refine_hist.pdbx_number_atoms_protein        1322 
_refine_hist.pdbx_number_atoms_nucleic_acid   0 
_refine_hist.pdbx_number_atoms_ligand         5 
_refine_hist.number_atoms_solvent             136 
_refine_hist.number_atoms_total               1463 
_refine_hist.d_res_high                       2.050 
_refine_hist.d_res_low                        26.486 
# 
loop_
_refine_ls_restr.type 
_refine_ls_restr.dev_ideal 
_refine_ls_restr.dev_ideal_target 
_refine_ls_restr.weight 
_refine_ls_restr.number 
_refine_ls_restr.pdbx_restraint_function 
_refine_ls_restr.pdbx_refine_id 
f_bond_d           0.008  ? ? 1368 ? 'X-RAY DIFFRACTION' 
f_angle_d          0.950  ? ? 1850 ? 'X-RAY DIFFRACTION' 
f_dihedral_angle_d 13.139 ? ? 488  ? 'X-RAY DIFFRACTION' 
f_chiral_restr     0.042  ? ? 193  ? 'X-RAY DIFFRACTION' 
f_plane_restr      0.004  ? ? 243  ? 'X-RAY DIFFRACTION' 
# 
_struct.entry_id                  4QVE 
_struct.title                     'Crystal structure of Bcl-xL in complex with BID BH3 domain' 
_struct.pdbx_model_details        ? 
_struct.pdbx_CASP_flag            ? 
_struct.pdbx_model_type_details   ? 
# 
_struct_keywords.entry_id        4QVE 
_struct_keywords.pdbx_keywords   APOPTOSIS 
_struct_keywords.text            
'Protein-peptide complex, Bcl-2 like, Heterodimer, Apoptosis, Anti-apoptotic, BH3 binding, BID BH3' 
# 
loop_
_struct_asym.id 
_struct_asym.pdbx_blank_PDB_chainid_flag 
_struct_asym.pdbx_modified 
_struct_asym.entity_id 
_struct_asym.details 
A N N 1 ? 
B N N 2 ? 
C N N 3 ? 
D N N 4 ? 
E N N 4 ? 
# 
_struct_biol.id        1 
_struct_biol.details   ? 
# 
loop_
_struct_conf.conf_type_id 
_struct_conf.id 
_struct_conf.pdbx_PDB_helix_id 
_struct_conf.beg_label_comp_id 
_struct_conf.beg_label_asym_id 
_struct_conf.beg_label_seq_id 
_struct_conf.pdbx_beg_PDB_ins_code 
_struct_conf.end_label_comp_id 
_struct_conf.end_label_asym_id 
_struct_conf.end_label_seq_id 
_struct_conf.pdbx_end_PDB_ins_code 
_struct_conf.beg_auth_comp_id 
_struct_conf.beg_auth_asym_id 
_struct_conf.beg_auth_seq_id 
_struct_conf.end_auth_comp_id 
_struct_conf.end_auth_asym_id 
_struct_conf.end_auth_seq_id 
_struct_conf.pdbx_PDB_helix_class 
_struct_conf.details 
_struct_conf.pdbx_PDB_helix_length 
HELX_P HELX_P1 1 SER A 4   ? LYS A 20  ? SER A 4   LYS A 20  1 ? 17 
HELX_P HELX_P2 2 VAL A 46  ? ARG A 63  ? VAL A 86  ARG A 103 1 ? 18 
HELX_P HELX_P3 3 LEU A 68  ? HIS A 73  ? LEU A 108 HIS A 113 5 ? 6  
HELX_P HELX_P4 4 THR A 78  ? PHE A 91  ? THR A 118 PHE A 131 1 ? 14 
HELX_P HELX_P5 5 ASN A 96  ? LYS A 117 ? ASN A 136 LYS A 157 1 ? 22 
HELX_P HELX_P6 6 VAL A 121 ? LEU A 138 ? VAL A 161 LEU A 178 1 ? 18 
HELX_P HELX_P7 7 LEU A 138 ? ASN A 145 ? LEU A 178 ASN A 185 1 ? 8  
HELX_P HELX_P8 8 GLY A 146 ? GLY A 156 ? GLY A 186 GLY A 196 1 ? 11 
HELX_P HELX_P9 9 SER B 3   ? MET B 22  ? SER B 78  MET B 97  1 ? 20 
# 
_struct_conf_type.id          HELX_P 
_struct_conf_type.criteria    ? 
_struct_conf_type.reference   ? 
# 
_struct_site.id                   AC1 
_struct_site.pdbx_evidence_code   Software 
_struct_site.pdbx_auth_asym_id    B 
_struct_site.pdbx_auth_comp_id    IMD 
_struct_site.pdbx_auth_seq_id     401 
_struct_site.pdbx_auth_ins_code   ? 
_struct_site.pdbx_num_residues    5 
_struct_site.details              'BINDING SITE FOR RESIDUE IMD B 401' 
# 
loop_
_struct_site_gen.id 
_struct_site_gen.site_id 
_struct_site_gen.pdbx_num_res 
_struct_site_gen.label_comp_id 
_struct_site_gen.label_asym_id 
_struct_site_gen.label_seq_id 
_struct_site_gen.pdbx_auth_ins_code 
_struct_site_gen.auth_comp_id 
_struct_site_gen.auth_asym_id 
_struct_site_gen.auth_seq_id 
_struct_site_gen.label_atom_id 
_struct_site_gen.label_alt_id 
_struct_site_gen.symmetry 
_struct_site_gen.details 
1 AC1 5 ALA A 64  ? ALA A 104 . ? 1_555 ? 
2 AC1 5 PHE A 65  ? PHE A 105 . ? 1_555 ? 
3 AC1 5 ARG A 125 ? ARG A 165 . ? 8_545 ? 
4 AC1 5 GLN B 17  ? GLN B 92  . ? 1_555 ? 
5 AC1 5 HOH E .   ? HOH B 513 . ? 1_555 ? 
# 
_atom_sites.entry_id                    4QVE 
_atom_sites.fract_transf_matrix[1][1]   -0.01516602 
_atom_sites.fract_transf_matrix[1][2]   -0.00134852 
_atom_sites.fract_transf_matrix[1][3]   -0.00980583 
_atom_sites.fract_transf_matrix[2][1]   -0.00652670 
_atom_sites.fract_transf_matrix[2][2]   0.01452447 
_atom_sites.fract_transf_matrix[2][3]   -0.00862637 
_atom_sites.fract_transf_matrix[3][1]   0.00289037 
_atom_sites.fract_transf_matrix[3][2]   -0.00125380 
_atom_sites.fract_transf_matrix[3][3]   -0.00429791 
_atom_sites.fract_transf_vector[1]      -0.300459 
_atom_sites.fract_transf_vector[2]      -0.450382 
_atom_sites.fract_transf_vector[3]      0.014830 
# 
loop_
_atom_type.symbol 
C 
N 
O 
S 
# 
loop_
_atom_site.group_PDB 
_atom_site.id 
_atom_site.type_symbol 
_atom_site.label_atom_id 
_atom_site.label_alt_id 
_atom_site.label_comp_id 
_atom_site.label_asym_id 
_atom_site.label_entity_id 
_atom_site.label_seq_id 
_atom_site.pdbx_PDB_ins_code 
_atom_site.Cartn_x 
_atom_site.Cartn_y 
_atom_site.Cartn_z 
_atom_site.occupancy 
_atom_site.B_iso_or_equiv 
_atom_site.pdbx_formal_charge 
_atom_site.auth_seq_id 
_atom_site.auth_comp_id 
_atom_site.auth_asym_id 
_atom_site.auth_atom_id 
_atom_site.pdbx_PDB_model_num 
ATOM   1    N N   . SER A 1 4   ? 11.487  10.870  -4.832  1.00 32.47 ? 4   SER A N   1 
ATOM   2    C CA  . SER A 1 4   ? 10.814  10.414  -6.043  1.00 36.29 ? 4   SER A CA  1 
ATOM   3    C C   . SER A 1 4   ? 9.882   9.243   -5.718  1.00 28.69 ? 4   SER A C   1 
ATOM   4    O O   . SER A 1 4   ? 8.685   9.336   -5.959  1.00 31.69 ? 4   SER A O   1 
ATOM   5    C CB  . SER A 1 4   ? 11.818  10.010  -7.117  1.00 40.43 ? 4   SER A CB  1 
ATOM   6    O OG  . SER A 1 4   ? 11.160  9.445   -8.249  1.00 42.22 ? 4   SER A OG  1 
ATOM   7    N N   . ASN A 1 5   ? 10.426  8.144   -5.192  1.00 27.22 ? 5   ASN A N   1 
ATOM   8    C CA  . ASN A 1 5   ? 9.586   7.138   -4.558  1.00 26.47 ? 5   ASN A CA  1 
ATOM   9    C C   . ASN A 1 5   ? 8.905   7.779   -3.352  1.00 30.80 ? 5   ASN A C   1 
ATOM   10   O O   . ASN A 1 5   ? 7.727   7.548   -3.079  1.00 25.29 ? 5   ASN A O   1 
ATOM   11   C CB  . ASN A 1 5   ? 10.402  5.925   -4.121  1.00 29.90 ? 5   ASN A CB  1 
ATOM   12   C CG  . ASN A 1 5   ? 10.484  4.854   -5.186  1.00 32.77 ? 5   ASN A CG  1 
ATOM   13   O OD1 . ASN A 1 5   ? 9.627   4.766   -6.064  1.00 33.84 ? 5   ASN A OD1 1 
ATOM   14   N ND2 . ASN A 1 5   ? 11.524  4.031   -5.116  1.00 28.07 ? 5   ASN A ND2 1 
ATOM   15   N N   . ARG A 1 6   ? 9.665   8.597   -2.633  1.00 27.18 ? 6   ARG A N   1 
ATOM   16   C CA  . ARG A 1 6   ? 9.138   9.304   -1.478  1.00 26.38 ? 6   ARG A CA  1 
ATOM   17   C C   . ARG A 1 6   ? 8.020   10.258  -1.918  1.00 26.17 ? 6   ARG A C   1 
ATOM   18   O O   . ARG A 1 6   ? 6.977   10.358  -1.273  1.00 22.43 ? 6   ARG A O   1 
ATOM   19   C CB  . ARG A 1 6   ? 10.269  10.051  -0.758  1.00 28.06 ? 6   ARG A CB  1 
ATOM   20   C CG  . ARG A 1 6   ? 9.871   10.636  0.591   1.00 29.35 ? 6   ARG A CG  1 
ATOM   21   C CD  . ARG A 1 6   ? 11.097  11.059  1.404   1.00 29.12 ? 6   ARG A CD  1 
ATOM   22   N NE  . ARG A 1 6   ? 11.982  9.943   1.753   1.00 26.10 ? 6   ARG A NE  1 
ATOM   23   C CZ  . ARG A 1 6   ? 11.934  9.287   2.917   1.00 26.71 ? 6   ARG A CZ  1 
ATOM   24   N NH1 . ARG A 1 6   ? 11.047  9.629   3.841   1.00 22.76 ? 6   ARG A NH1 1 
ATOM   25   N NH2 . ARG A 1 6   ? 12.767  8.291   3.158   1.00 19.48 ? 6   ARG A NH2 1 
ATOM   26   N N   . GLU A 1 7   ? 8.228   10.928  -3.045  1.00 25.82 ? 7   GLU A N   1 
ATOM   27   C CA  . GLU A 1 7   ? 7.228   11.828  -3.601  1.00 29.39 ? 7   GLU A CA  1 
ATOM   28   C C   . GLU A 1 7   ? 5.940   11.095  -3.970  1.00 24.92 ? 7   GLU A C   1 
ATOM   29   O O   . GLU A 1 7   ? 4.848   11.589  -3.682  1.00 22.65 ? 7   GLU A O   1 
ATOM   30   C CB  . GLU A 1 7   ? 7.781   12.546  -4.834  1.00 35.26 ? 7   GLU A CB  1 
ATOM   31   C CG  . GLU A 1 7   ? 6.779   13.462  -5.515  1.00 40.61 ? 7   GLU A CG  1 
ATOM   32   C CD  . GLU A 1 7   ? 7.353   14.833  -5.828  1.00 60.64 ? 7   GLU A CD  1 
ATOM   33   O OE1 . GLU A 1 7   ? 8.505   14.894  -6.312  1.00 67.75 ? 7   GLU A OE1 1 
ATOM   34   O OE2 . GLU A 1 7   ? 6.648   15.846  -5.602  1.00 59.42 ? 7   GLU A OE2 1 
ATOM   35   N N   . LEU A 1 8   ? 6.071   9.929   -4.607  1.00 23.75 ? 8   LEU A N   1 
ATOM   36   C CA  . LEU A 1 8   ? 4.913   9.101   -4.960  1.00 24.08 ? 8   LEU A CA  1 
ATOM   37   C C   . LEU A 1 8   ? 4.106   8.749   -3.719  1.00 19.04 ? 8   LEU A C   1 
ATOM   38   O O   . LEU A 1 8   ? 2.871   8.799   -3.726  1.00 17.77 ? 8   LEU A O   1 
ATOM   39   C CB  . LEU A 1 8   ? 5.345   7.800   -5.653  1.00 24.63 ? 8   LEU A CB  1 
ATOM   40   C CG  . LEU A 1 8   ? 5.814   7.800   -7.110  1.00 29.47 ? 8   LEU A CG  1 
ATOM   41   C CD1 . LEU A 1 8   ? 5.906   6.364   -7.614  1.00 24.55 ? 8   LEU A CD1 1 
ATOM   42   C CD2 . LEU A 1 8   ? 4.896   8.624   -7.994  1.00 27.22 ? 8   LEU A CD2 1 
ATOM   43   N N   . VAL A 1 9   ? 4.826   8.361   -2.669  1.00 14.92 ? 9   VAL A N   1 
ATOM   44   C CA  . VAL A 1 9   ? 4.211   7.936   -1.417  1.00 16.69 ? 9   VAL A CA  1 
ATOM   45   C C   . VAL A 1 9   ? 3.408   9.069   -0.810  1.00 15.90 ? 9   VAL A C   1 
ATOM   46   O O   . VAL A 1 9   ? 2.234   8.893   -0.492  1.00 13.90 ? 9   VAL A O   1 
ATOM   47   C CB  . VAL A 1 9   ? 5.264   7.443   -0.398  1.00 15.18 ? 9   VAL A CB  1 
ATOM   48   C CG1 . VAL A 1 9   ? 4.627   7.218   0.976   1.00 14.63 ? 9   VAL A CG1 1 
ATOM   49   C CG2 . VAL A 1 9   ? 5.906   6.152   -0.883  1.00 13.91 ? 9   VAL A CG2 1 
ATOM   50   N N   . VAL A 1 10  ? 4.015   10.247  -0.685  1.00 15.04 ? 10  VAL A N   1 
ATOM   51   C CA  . VAL A 1 10  ? 3.310   11.385  -0.082  1.00 14.90 ? 10  VAL A CA  1 
ATOM   52   C C   . VAL A 1 10  ? 2.091   11.786  -0.912  1.00 16.25 ? 10  VAL A C   1 
ATOM   53   O O   . VAL A 1 10  ? 1.037   12.099  -0.366  1.00 15.69 ? 10  VAL A O   1 
ATOM   54   C CB  . VAL A 1 10  ? 4.258   12.607  0.106   1.00 18.32 ? 10  VAL A CB  1 
ATOM   55   C CG1 . VAL A 1 10  ? 3.493   13.825  0.605   1.00 15.91 ? 10  VAL A CG1 1 
ATOM   56   C CG2 . VAL A 1 10  ? 5.389   12.255  1.086   1.00 16.72 ? 10  VAL A CG2 1 
ATOM   57   N N   . ASP A 1 11  ? 2.216   11.758  -2.232  1.00 16.53 ? 11  ASP A N   1 
ATOM   58   C CA  . ASP A 1 11  ? 1.068   12.098  -3.057  1.00 16.56 ? 11  ASP A CA  1 
ATOM   59   C C   . ASP A 1 11  ? -0.069  11.097  -2.845  1.00 15.18 ? 11  ASP A C   1 
ATOM   60   O O   . ASP A 1 11  ? -1.233  11.473  -2.699  1.00 15.19 ? 11  ASP A O   1 
ATOM   61   C CB  . ASP A 1 11  ? 1.451   12.146  -4.539  1.00 18.38 ? 11  ASP A CB  1 
ATOM   62   C CG  . ASP A 1 11  ? 0.249   12.371  -5.433  1.00 21.20 ? 11  ASP A CG  1 
ATOM   63   O OD1 . ASP A 1 11  ? -0.080  13.545  -5.699  1.00 24.46 ? 11  ASP A OD1 1 
ATOM   64   O OD2 . ASP A 1 11  ? -0.392  11.379  -5.841  1.00 23.69 ? 11  ASP A OD2 1 
ATOM   65   N N   . PHE A 1 12  ? 0.267   9.815   -2.834  1.00 15.00 ? 12  PHE A N   1 
ATOM   66   C CA  . PHE A 1 12  ? -0.773  8.800   -2.717  1.00 13.37 ? 12  PHE A CA  1 
ATOM   67   C C   . PHE A 1 12  ? -1.493  8.895   -1.373  1.00 15.67 ? 12  PHE A C   1 
ATOM   68   O O   . PHE A 1 12  ? -2.728  8.881   -1.311  1.00 15.46 ? 12  PHE A O   1 
ATOM   69   C CB  . PHE A 1 12  ? -0.187  7.401   -2.904  1.00 16.71 ? 12  PHE A CB  1 
ATOM   70   C CG  . PHE A 1 12  ? -1.216  6.311   -2.849  1.00 15.61 ? 12  PHE A CG  1 
ATOM   71   C CD1 . PHE A 1 12  ? -1.890  5.913   -4.001  1.00 16.48 ? 12  PHE A CD1 1 
ATOM   72   C CD2 . PHE A 1 12  ? -1.540  5.713   -1.640  1.00 13.61 ? 12  PHE A CD2 1 
ATOM   73   C CE1 . PHE A 1 12  ? -2.860  4.914   -3.952  1.00 17.34 ? 12  PHE A CE1 1 
ATOM   74   C CE2 . PHE A 1 12  ? -2.513  4.705   -1.575  1.00 15.14 ? 12  PHE A CE2 1 
ATOM   75   C CZ  . PHE A 1 12  ? -3.173  4.305   -2.742  1.00 17.09 ? 12  PHE A CZ  1 
ATOM   76   N N   . LEU A 1 13  ? -0.717  8.974   -0.296  1.00 14.49 ? 13  LEU A N   1 
ATOM   77   C CA  . LEU A 1 13  ? -1.292  9.071   1.040   1.00 17.98 ? 13  LEU A CA  1 
ATOM   78   C C   . LEU A 1 13  ? -2.149  10.336  1.201   1.00 13.42 ? 13  LEU A C   1 
ATOM   79   O O   . LEU A 1 13  ? -3.219  10.284  1.799   1.00 16.48 ? 13  LEU A O   1 
ATOM   80   C CB  . LEU A 1 13  ? -0.177  9.028   2.098   1.00 14.18 ? 13  LEU A CB  1 
ATOM   81   C CG  . LEU A 1 13  ? 0.674   7.755   2.102   1.00 12.05 ? 13  LEU A CG  1 
ATOM   82   C CD1 . LEU A 1 13  ? 1.779   7.839   3.195   1.00 9.94  ? 13  LEU A CD1 1 
ATOM   83   C CD2 . LEU A 1 13  ? -0.191  6.518   2.329   1.00 10.27 ? 13  LEU A CD2 1 
ATOM   84   N N   . SER A 1 14  ? -1.689  11.463  0.657   1.00 15.42 ? 14  SER A N   1 
ATOM   85   C CA  . SER A 1 14  ? -2.455  12.716  0.728   1.00 16.88 ? 14  SER A CA  1 
ATOM   86   C C   . SER A 1 14  ? -3.795  12.609  -0.013  1.00 17.11 ? 14  SER A C   1 
ATOM   87   O O   . SER A 1 14  ? -4.812  13.137  0.433   1.00 18.50 ? 14  SER A O   1 
ATOM   88   C CB  . SER A 1 14  ? -1.635  13.879  0.149   1.00 17.34 ? 14  SER A CB  1 
ATOM   89   O OG  . SER A 1 14  ? -0.424  14.036  0.876   1.00 29.69 ? 14  SER A OG  1 
ATOM   90   N N   . TYR A 1 15  ? -3.769  11.926  -1.153  1.00 18.80 ? 15  TYR A N   1 
ATOM   91   C CA  . TYR A 1 15  ? -4.980  11.616  -1.920  1.00 18.67 ? 15  TYR A CA  1 
ATOM   92   C C   . TYR A 1 15  ? -5.959  10.772  -1.107  1.00 16.43 ? 15  TYR A C   1 
ATOM   93   O O   . TYR A 1 15  ? -7.123  11.129  -0.963  1.00 17.77 ? 15  TYR A O   1 
ATOM   94   C CB  . TYR A 1 15  ? -4.606  10.892  -3.220  1.00 15.88 ? 15  TYR A CB  1 
ATOM   95   C CG  . TYR A 1 15  ? -5.793  10.450  -4.057  1.00 17.60 ? 15  TYR A CG  1 
ATOM   96   C CD1 . TYR A 1 15  ? -6.680  11.386  -4.598  1.00 20.48 ? 15  TYR A CD1 1 
ATOM   97   C CD2 . TYR A 1 15  ? -6.021  9.099   -4.318  1.00 17.09 ? 15  TYR A CD2 1 
ATOM   98   C CE1 . TYR A 1 15  ? -7.774  10.983  -5.379  1.00 23.72 ? 15  TYR A CE1 1 
ATOM   99   C CE2 . TYR A 1 15  ? -7.108  8.683   -5.097  1.00 20.37 ? 15  TYR A CE2 1 
ATOM   100  C CZ  . TYR A 1 15  ? -7.981  9.634   -5.625  1.00 22.70 ? 15  TYR A CZ  1 
ATOM   101  O OH  . TYR A 1 15  ? -9.053  9.237   -6.398  1.00 18.80 ? 15  TYR A OH  1 
ATOM   102  N N   . LYS A 1 16  ? -5.482  9.661   -0.557  1.00 15.88 ? 16  LYS A N   1 
ATOM   103  C CA  . LYS A 1 16  ? -6.337  8.794   0.255   1.00 17.79 ? 16  LYS A CA  1 
ATOM   104  C C   . LYS A 1 16  ? -6.906  9.508   1.491   1.00 20.89 ? 16  LYS A C   1 
ATOM   105  O O   . LYS A 1 16  ? -8.064  9.310   1.857   1.00 16.37 ? 16  LYS A O   1 
ATOM   106  C CB  . LYS A 1 16  ? -5.561  7.553   0.678   1.00 17.99 ? 16  LYS A CB  1 
ATOM   107  C CG  . LYS A 1 16  ? -5.316  6.615   -0.494  1.00 23.79 ? 16  LYS A CG  1 
ATOM   108  C CD  . LYS A 1 16  ? -6.615  6.037   -0.950  1.00 30.71 ? 16  LYS A CD  1 
ATOM   109  C CE  . LYS A 1 16  ? -6.636  5.771   -2.445  1.00 24.89 ? 16  LYS A CE  1 
ATOM   110  N NZ  . LYS A 1 16  ? -7.999  5.291   -2.720  1.00 24.33 ? 16  LYS A NZ  1 
ATOM   111  N N   . LEU A 1 17  ? -6.088  10.340  2.125   1.00 17.43 ? 17  LEU A N   1 
ATOM   112  C CA  . LEU A 1 17  ? -6.540  11.106  3.286   1.00 17.94 ? 17  LEU A CA  1 
ATOM   113  C C   . LEU A 1 17  ? -7.642  12.093  2.865   1.00 20.54 ? 17  LEU A C   1 
ATOM   114  O O   . LEU A 1 17  ? -8.688  12.175  3.504   1.00 19.04 ? 17  LEU A O   1 
ATOM   115  C CB  . LEU A 1 17  ? -5.361  11.828  3.948   1.00 17.50 ? 17  LEU A CB  1 
ATOM   116  C CG  . LEU A 1 17  ? -4.416  10.902  4.720   1.00 16.08 ? 17  LEU A CG  1 
ATOM   117  C CD1 . LEU A 1 17  ? -3.106  11.600  5.128   1.00 14.81 ? 17  LEU A CD1 1 
ATOM   118  C CD2 . LEU A 1 17  ? -5.122  10.337  5.935   1.00 17.18 ? 17  LEU A CD2 1 
ATOM   119  N N   . SER A 1 18  ? -7.427  12.796  1.762   1.00 18.51 ? 18  SER A N   1 
ATOM   120  C CA  . SER A 1 18  ? -8.416  13.755  1.275   1.00 20.90 ? 18  SER A CA  1 
ATOM   121  C C   . SER A 1 18  ? -9.763  13.088  0.975   1.00 23.59 ? 18  SER A C   1 
ATOM   122  O O   . SER A 1 18  ? -10.811 13.690  1.175   1.00 18.74 ? 18  SER A O   1 
ATOM   123  C CB  . SER A 1 18  ? -7.895  14.481  0.029   1.00 21.42 ? 18  SER A CB  1 
ATOM   124  O OG  . SER A 1 18  ? -7.937  13.632  -1.106  1.00 32.60 ? 18  SER A OG  1 
ATOM   125  N N   . GLN A 1 19  ? -9.736  11.836  0.531   1.00 22.30 ? 19  GLN A N   1 
ATOM   126  C CA  . GLN A 1 19  ? -10.976 11.125  0.218   1.00 24.72 ? 19  GLN A CA  1 
ATOM   127  C C   . GLN A 1 19  ? -11.810 10.849  1.450   1.00 24.85 ? 19  GLN A C   1 
ATOM   128  O O   . GLN A 1 19  ? -13.018 10.621  1.355   1.00 24.79 ? 19  GLN A O   1 
ATOM   129  C CB  . GLN A 1 19  ? -10.686 9.801   -0.476  1.00 22.29 ? 19  GLN A CB  1 
ATOM   130  C CG  . GLN A 1 19  ? -10.176 9.923   -1.866  1.00 20.44 ? 19  GLN A CG  1 
ATOM   131  C CD  . GLN A 1 19  ? -9.890  8.557   -2.447  1.00 23.54 ? 19  GLN A CD  1 
ATOM   132  O OE1 . GLN A 1 19  ? -10.273 8.274   -3.582  1.00 26.15 ? 19  GLN A OE1 1 
ATOM   133  N NE2 . GLN A 1 19  ? -9.184  7.721   -1.697  1.00 18.39 ? 19  GLN A NE2 1 
ATOM   134  N N   . LYS A 1 20  ? -11.157 10.833  2.606   1.00 23.00 ? 20  LYS A N   1 
ATOM   135  C CA  . LYS A 1 20  ? -11.855 10.644  3.869   1.00 19.77 ? 20  LYS A CA  1 
ATOM   136  C C   . LYS A 1 20  ? -12.084 11.983  4.566   1.00 26.49 ? 20  LYS A C   1 
ATOM   137  O O   . LYS A 1 20  ? -12.457 12.023  5.735   1.00 31.35 ? 20  LYS A O   1 
ATOM   138  C CB  . LYS A 1 20  ? -11.072 9.710   4.784   1.00 25.18 ? 20  LYS A CB  1 
ATOM   139  C CG  . LYS A 1 20  ? -10.510 8.505   4.072   1.00 26.96 ? 20  LYS A CG  1 
ATOM   140  C CD  . LYS A 1 20  ? -11.612 7.608   3.548   1.00 36.95 ? 20  LYS A CD  1 
ATOM   141  C CE  . LYS A 1 20  ? -12.253 6.812   4.662   1.00 41.51 ? 20  LYS A CE  1 
ATOM   142  N NZ  . LYS A 1 20  ? -12.438 5.396   4.234   1.00 43.83 ? 20  LYS A NZ  1 
ATOM   143  N N   . GLY A 1 21  ? -11.849 13.074  3.847   1.00 25.02 ? 21  GLY A N   1 
ATOM   144  C CA  . GLY A 1 21  ? -12.085 14.400  4.390   1.00 28.43 ? 21  GLY A CA  1 
ATOM   145  C C   . GLY A 1 21  ? -10.955 14.929  5.261   1.00 32.51 ? 21  GLY A C   1 
ATOM   146  O O   . GLY A 1 21  ? -11.099 15.954  5.926   1.00 35.28 ? 21  GLY A O   1 
ATOM   147  N N   . TYR A 1 22  ? -9.825  14.231  5.261   1.00 23.81 ? 22  TYR A N   1 
ATOM   148  C CA  . TYR A 1 22  ? -8.675  14.645  6.060   1.00 26.57 ? 22  TYR A CA  1 
ATOM   149  C C   . TYR A 1 22  ? -7.717  15.386  5.164   1.00 23.64 ? 22  TYR A C   1 
ATOM   150  O O   . TYR A 1 22  ? -7.858  15.358  3.954   1.00 30.53 ? 22  TYR A O   1 
ATOM   151  C CB  . TYR A 1 22  ? -7.980  13.444  6.699   1.00 22.46 ? 22  TYR A CB  1 
ATOM   152  C CG  . TYR A 1 22  ? -8.830  12.718  7.697   1.00 27.07 ? 22  TYR A CG  1 
ATOM   153  C CD1 . TYR A 1 22  ? -9.595  13.418  8.618   1.00 28.68 ? 22  TYR A CD1 1 
ATOM   154  C CD2 . TYR A 1 22  ? -8.871  11.332  7.721   1.00 22.40 ? 22  TYR A CD2 1 
ATOM   155  C CE1 . TYR A 1 22  ? -10.372 12.759  9.538   1.00 26.74 ? 22  TYR A CE1 1 
ATOM   156  C CE2 . TYR A 1 22  ? -9.641  10.668  8.637   1.00 23.87 ? 22  TYR A CE2 1 
ATOM   157  C CZ  . TYR A 1 22  ? -10.390 11.387  9.547   1.00 26.12 ? 22  TYR A CZ  1 
ATOM   158  O OH  . TYR A 1 22  ? -11.162 10.728  10.467  1.00 24.32 ? 22  TYR A OH  1 
ATOM   159  N N   . SER A 1 23  ? -6.731  16.041  5.747   1.00 31.35 ? 23  SER A N   1 
ATOM   160  C CA  . SER A 1 23  ? -5.841  16.863  4.945   1.00 29.59 ? 23  SER A CA  1 
ATOM   161  C C   . SER A 1 23  ? -4.394  16.790  5.415   1.00 33.03 ? 23  SER A C   1 
ATOM   162  O O   . SER A 1 23  ? -4.106  16.968  6.603   1.00 30.32 ? 23  SER A O   1 
ATOM   163  C CB  . SER A 1 23  ? -6.329  18.309  4.959   1.00 29.76 ? 23  SER A CB  1 
ATOM   164  O OG  . SER A 1 23  ? -5.311  19.182  4.521   1.00 36.40 ? 23  SER A OG  1 
ATOM   165  N N   . TRP A 1 24  ? -3.488  16.511  4.479   1.00 28.59 ? 24  TRP A N   1 
ATOM   166  C CA  . TRP A 1 24  ? -2.059  16.541  4.758   1.00 22.24 ? 24  TRP A CA  1 
ATOM   167  C C   . TRP A 1 24  ? -1.383  17.651  3.950   1.00 32.46 ? 24  TRP A C   1 
ATOM   168  O O   . TRP A 1 24  ? -1.162  17.496  2.758   1.00 38.01 ? 24  TRP A O   1 
ATOM   169  C CB  . TRP A 1 24  ? -1.411  15.184  4.444   1.00 20.80 ? 24  TRP A CB  1 
ATOM   170  C CG  . TRP A 1 24  ? -0.001  15.059  4.961   1.00 19.24 ? 24  TRP A CG  1 
ATOM   171  C CD1 . TRP A 1 24  ? 0.632   15.909  5.828   1.00 21.53 ? 24  TRP A CD1 1 
ATOM   172  C CD2 . TRP A 1 24  ? 0.949   14.028  4.645   1.00 21.39 ? 24  TRP A CD2 1 
ATOM   173  N NE1 . TRP A 1 24  ? 1.912   15.475  6.068   1.00 22.83 ? 24  TRP A NE1 1 
ATOM   174  C CE2 . TRP A 1 24  ? 2.130   14.319  5.366   1.00 22.56 ? 24  TRP A CE2 1 
ATOM   175  C CE3 . TRP A 1 24  ? 0.909   12.885  3.842   1.00 15.63 ? 24  TRP A CE3 1 
ATOM   176  C CZ2 . TRP A 1 24  ? 3.271   13.510  5.291   1.00 21.65 ? 24  TRP A CZ2 1 
ATOM   177  C CZ3 . TRP A 1 24  ? 2.039   12.079  3.772   1.00 20.11 ? 24  TRP A CZ3 1 
ATOM   178  C CH2 . TRP A 1 24  ? 3.207   12.396  4.495   1.00 21.76 ? 24  TRP A CH2 1 
ATOM   179  N N   . SER A 1 25  ? -1.057  18.771  4.594   1.00 43.39 ? 25  SER A N   1 
ATOM   180  C CA  . SER A 1 25  ? -0.347  19.853  3.900   1.00 51.22 ? 25  SER A CA  1 
ATOM   181  C C   . SER A 1 25  ? 1.135   19.923  4.270   1.00 46.57 ? 25  SER A C   1 
ATOM   182  O O   . SER A 1 25  ? 1.994   20.122  3.403   1.00 52.13 ? 25  SER A O   1 
ATOM   183  C CB  . SER A 1 25  ? -1.007  21.202  4.182   1.00 50.90 ? 25  SER A CB  1 
ATOM   184  O OG  . SER A 1 25  ? -2.010  21.489  3.223   1.00 62.20 ? 25  SER A OG  1 
ATOM   185  N N   . ALA A 1 45  ? 1.944   11.676  -14.197 1.00 27.71 ? 85  ALA A N   1 
ATOM   186  C CA  . ALA A 1 45  ? 1.304   10.540  -14.857 1.00 25.76 ? 85  ALA A CA  1 
ATOM   187  C C   . ALA A 1 45  ? 1.362   9.301   -13.975 1.00 23.36 ? 85  ALA A C   1 
ATOM   188  O O   . ALA A 1 45  ? 0.401   8.536   -13.903 1.00 19.77 ? 85  ALA A O   1 
ATOM   189  C CB  . ALA A 1 45  ? 1.958   10.255  -16.205 1.00 23.83 ? 85  ALA A CB  1 
ATOM   190  N N   . VAL A 1 46  ? 2.504   9.103   -13.324 1.00 17.72 ? 86  VAL A N   1 
ATOM   191  C CA  . VAL A 1 46  ? 2.678   7.997   -12.387 1.00 25.47 ? 86  VAL A CA  1 
ATOM   192  C C   . VAL A 1 46  ? 1.730   8.145   -11.198 1.00 23.77 ? 86  VAL A C   1 
ATOM   193  O O   . VAL A 1 46  ? 1.042   7.196   -10.811 1.00 21.04 ? 86  VAL A O   1 
ATOM   194  C CB  . VAL A 1 46  ? 4.130   7.914   -11.870 1.00 23.29 ? 86  VAL A CB  1 
ATOM   195  C CG1 . VAL A 1 46  ? 4.305   6.692   -10.973 1.00 24.15 ? 86  VAL A CG1 1 
ATOM   196  C CG2 . VAL A 1 46  ? 5.116   7.880   -13.037 1.00 24.11 ? 86  VAL A CG2 1 
ATOM   197  N N   . LYS A 1 47  ? 1.714   9.344   -10.623 1.00 24.19 ? 87  LYS A N   1 
ATOM   198  C CA  . LYS A 1 47  ? 0.852   9.675   -9.491  1.00 22.05 ? 87  LYS A CA  1 
ATOM   199  C C   . LYS A 1 47  ? -0.612  9.433   -9.807  1.00 20.26 ? 87  LYS A C   1 
ATOM   200  O O   . LYS A 1 47  ? -1.327  8.812   -9.027  1.00 16.78 ? 87  LYS A O   1 
ATOM   201  C CB  . LYS A 1 47  ? 1.047   11.139  -9.081  1.00 20.07 ? 87  LYS A CB  1 
ATOM   202  C CG  . LYS A 1 47  ? 2.429   11.437  -8.517  1.00 25.97 ? 87  LYS A CG  1 
ATOM   203  C CD  . LYS A 1 47  ? 2.614   12.936  -8.272  1.00 23.10 ? 87  LYS A CD  1 
ATOM   204  C CE  . LYS A 1 47  ? 3.954   13.211  -7.614  1.00 28.78 ? 87  LYS A CE  1 
ATOM   205  N NZ  . LYS A 1 47  ? 4.242   14.674  -7.527  1.00 36.84 ? 87  LYS A NZ  1 
ATOM   206  N N   . GLN A 1 48  ? -1.053  9.921   -10.963 1.00 17.92 ? 88  GLN A N   1 
ATOM   207  C CA  . GLN A 1 48  ? -2.436  9.723   -11.374 1.00 20.51 ? 88  GLN A CA  1 
ATOM   208  C C   . GLN A 1 48  ? -2.785  8.240   -11.563 1.00 21.04 ? 88  GLN A C   1 
ATOM   209  O O   . GLN A 1 48  ? -3.851  7.785   -11.118 1.00 20.33 ? 88  GLN A O   1 
ATOM   210  C CB  . GLN A 1 48  ? -2.724  10.491  -12.658 1.00 24.16 ? 88  GLN A CB  1 
ATOM   211  C CG  . GLN A 1 48  ? -4.189  10.459  -13.077 1.00 28.34 ? 88  GLN A CG  1 
ATOM   212  C CD  . GLN A 1 48  ? -5.126  10.997  -12.001 1.00 34.12 ? 88  GLN A CD  1 
ATOM   213  O OE1 . GLN A 1 48  ? -4.779  11.920  -11.259 1.00 39.83 ? 88  GLN A OE1 1 
ATOM   214  N NE2 . GLN A 1 48  ? -6.326  10.433  -11.923 1.00 36.58 ? 88  GLN A NE2 1 
ATOM   215  N N   . ALA A 1 49  ? -1.895  7.500   -12.228 1.00 22.00 ? 89  ALA A N   1 
ATOM   216  C CA  . ALA A 1 49  ? -2.079  6.056   -12.432 1.00 20.22 ? 89  ALA A CA  1 
ATOM   217  C C   . ALA A 1 49  ? -2.155  5.314   -11.105 1.00 17.90 ? 89  ALA A C   1 
ATOM   218  O O   . ALA A 1 49  ? -2.956  4.393   -10.935 1.00 17.70 ? 89  ALA A O   1 
ATOM   219  C CB  . ALA A 1 49  ? -0.944  5.483   -13.282 1.00 20.31 ? 89  ALA A CB  1 
ATOM   220  N N   . LEU A 1 50  ? -1.304  5.714   -10.168 1.00 17.33 ? 90  LEU A N   1 
ATOM   221  C CA  . LEU A 1 50  ? -1.257  5.076   -8.864  1.00 18.54 ? 90  LEU A CA  1 
ATOM   222  C C   . LEU A 1 50  ? -2.508  5.382   -8.032  1.00 13.55 ? 90  LEU A C   1 
ATOM   223  O O   . LEU A 1 50  ? -3.035  4.504   -7.368  1.00 15.18 ? 90  LEU A O   1 
ATOM   224  C CB  . LEU A 1 50  ? -0.002  5.505   -8.113  1.00 19.05 ? 90  LEU A CB  1 
ATOM   225  C CG  . LEU A 1 50  ? 0.356   4.681   -6.876  1.00 20.76 ? 90  LEU A CG  1 
ATOM   226  C CD1 . LEU A 1 50  ? 0.574   3.195   -7.221  1.00 17.64 ? 90  LEU A CD1 1 
ATOM   227  C CD2 . LEU A 1 50  ? 1.602   5.284   -6.220  1.00 22.59 ? 90  LEU A CD2 1 
ATOM   228  N N   . ARG A 1 51  ? -2.959  6.634   -8.064  1.00 15.79 ? 91  ARG A N   1 
ATOM   229  C CA  . ARG A 1 51  ? -4.197  7.032   -7.396  1.00 16.81 ? 91  ARG A CA  1 
ATOM   230  C C   . ARG A 1 51  ? -5.379  6.203   -7.879  1.00 16.56 ? 91  ARG A C   1 
ATOM   231  O O   . ARG A 1 51  ? -6.162  5.692   -7.080  1.00 16.16 ? 91  ARG A O   1 
ATOM   232  C CB  . ARG A 1 51  ? -4.506  8.511   -7.649  1.00 17.78 ? 91  ARG A CB  1 
ATOM   233  C CG  . ARG A 1 51  ? -3.581  9.493   -6.977  1.00 20.53 ? 91  ARG A CG  1 
ATOM   234  C CD  . ARG A 1 51  ? -3.965  10.905  -7.373  1.00 22.78 ? 91  ARG A CD  1 
ATOM   235  N NE  . ARG A 1 51  ? -3.179  11.919  -6.671  1.00 32.87 ? 91  ARG A NE  1 
ATOM   236  C CZ  . ARG A 1 51  ? -3.605  13.160  -6.450  1.00 37.67 ? 91  ARG A CZ  1 
ATOM   237  N NH1 . ARG A 1 51  ? -4.805  13.533  -6.885  1.00 35.55 ? 91  ARG A NH1 1 
ATOM   238  N NH2 . ARG A 1 51  ? -2.836  14.031  -5.803  1.00 38.54 ? 91  ARG A NH2 1 
ATOM   239  N N   . GLU A 1 52  ? -5.506  6.100   -9.199  1.00 16.97 ? 92  GLU A N   1 
ATOM   240  C CA  . GLU A 1 52  ? -6.588  5.333   -9.818  1.00 17.80 ? 92  GLU A CA  1 
ATOM   241  C C   . GLU A 1 52  ? -6.462  3.848   -9.486  1.00 14.01 ? 92  GLU A C   1 
ATOM   242  O O   . GLU A 1 52  ? -7.450  3.194   -9.168  1.00 16.31 ? 92  GLU A O   1 
ATOM   243  C CB  . GLU A 1 52  ? -6.594  5.546   -11.341 1.00 20.37 ? 92  GLU A CB  1 
ATOM   244  C CG  . GLU A 1 52  ? -7.045  6.941   -11.740 1.00 25.38 ? 92  GLU A CG  1 
ATOM   245  C CD  . GLU A 1 52  ? -6.788  7.270   -13.208 1.00 34.59 ? 92  GLU A CD  1 
ATOM   246  O OE1 . GLU A 1 52  ? -6.075  6.510   -13.903 1.00 34.07 ? 92  GLU A OE1 1 
ATOM   247  O OE2 . GLU A 1 52  ? -7.299  8.309   -13.662 1.00 39.70 ? 92  GLU A OE2 1 
ATOM   248  N N   . ALA A 1 53  ? -5.245  3.322   -9.553  1.00 15.47 ? 93  ALA A N   1 
ATOM   249  C CA  . ALA A 1 53  ? -5.002  1.918   -9.227  1.00 15.54 ? 93  ALA A CA  1 
ATOM   250  C C   . ALA A 1 53  ? -5.400  1.640   -7.788  1.00 16.59 ? 93  ALA A C   1 
ATOM   251  O O   . ALA A 1 53  ? -6.001  0.598   -7.479  1.00 14.86 ? 93  ALA A O   1 
ATOM   252  C CB  . ALA A 1 53  ? -3.520  1.549   -9.458  1.00 11.38 ? 93  ALA A CB  1 
ATOM   253  N N   . GLY A 1 54  ? -5.063  2.586   -6.912  1.00 14.99 ? 94  GLY A N   1 
ATOM   254  C CA  . GLY A 1 54  ? -5.416  2.485   -5.503  1.00 16.43 ? 94  GLY A CA  1 
ATOM   255  C C   . GLY A 1 54  ? -6.920  2.465   -5.306  1.00 15.60 ? 94  GLY A C   1 
ATOM   256  O O   . GLY A 1 54  ? -7.440  1.632   -4.558  1.00 14.47 ? 94  GLY A O   1 
ATOM   257  N N   . ASP A 1 55  ? -7.627  3.373   -5.979  1.00 18.67 ? 95  ASP A N   1 
ATOM   258  C CA  . ASP A 1 55  ? -9.092  3.386   -5.918  1.00 17.66 ? 95  ASP A CA  1 
ATOM   259  C C   . ASP A 1 55  ? -9.686  2.051   -6.382  1.00 18.41 ? 95  ASP A C   1 
ATOM   260  O O   . ASP A 1 55  ? -10.586 1.514   -5.732  1.00 15.02 ? 95  ASP A O   1 
ATOM   261  C CB  . ASP A 1 55  ? -9.666  4.529   -6.765  1.00 16.42 ? 95  ASP A CB  1 
ATOM   262  C CG  . ASP A 1 55  ? -9.390  5.898   -6.165  1.00 20.38 ? 95  ASP A CG  1 
ATOM   263  O OD1 . ASP A 1 55  ? -9.162  5.977   -4.936  1.00 18.12 ? 95  ASP A OD1 1 
ATOM   264  O OD2 . ASP A 1 55  ? -9.396  6.892   -6.920  1.00 17.65 ? 95  ASP A OD2 1 
ATOM   265  N N   . GLU A 1 56  ? -9.173  1.511   -7.492  1.00 17.04 ? 96  GLU A N   1 
ATOM   266  C CA  . GLU A 1 56  ? -9.670  0.229   -8.010  1.00 17.86 ? 96  GLU A CA  1 
ATOM   267  C C   . GLU A 1 56  ? -9.334  -0.910  -7.055  1.00 15.34 ? 96  GLU A C   1 
ATOM   268  O O   . GLU A 1 56  ? -10.185 -1.757  -6.760  1.00 16.00 ? 96  GLU A O   1 
ATOM   269  C CB  . GLU A 1 56  ? -9.092  -0.069  -9.405  1.00 16.89 ? 96  GLU A CB  1 
ATOM   270  C CG  . GLU A 1 56  ? -9.525  -1.425  -9.994  1.00 19.89 ? 96  GLU A CG  1 
ATOM   271  C CD  . GLU A 1 56  ? -11.021 -1.486  -10.316 1.00 24.11 ? 96  GLU A CD  1 
ATOM   272  O OE1 . GLU A 1 56  ? -11.574 -2.606  -10.423 1.00 26.49 ? 96  GLU A OE1 1 
ATOM   273  O OE2 . GLU A 1 56  ? -11.654 -0.417  -10.467 1.00 22.06 ? 96  GLU A OE2 1 
ATOM   274  N N   . PHE A 1 57  ? -8.092  -0.925  -6.568  1.00 16.61 ? 97  PHE A N   1 
ATOM   275  C CA  . PHE A 1 57  ? -7.677  -1.906  -5.577  1.00 13.83 ? 97  PHE A CA  1 
ATOM   276  C C   . PHE A 1 57  ? -8.636  -1.920  -4.385  1.00 14.98 ? 97  PHE A C   1 
ATOM   277  O O   . PHE A 1 57  ? -9.066  -2.982  -3.927  1.00 12.98 ? 97  PHE A O   1 
ATOM   278  C CB  . PHE A 1 57  ? -6.248  -1.649  -5.072  1.00 12.92 ? 97  PHE A CB  1 
ATOM   279  C CG  . PHE A 1 57  ? -5.798  -2.658  -4.049  1.00 14.85 ? 97  PHE A CG  1 
ATOM   280  C CD1 . PHE A 1 57  ? -5.158  -3.824  -4.445  1.00 15.82 ? 97  PHE A CD1 1 
ATOM   281  C CD2 . PHE A 1 57  ? -6.061  -2.468  -2.694  1.00 16.37 ? 97  PHE A CD2 1 
ATOM   282  C CE1 . PHE A 1 57  ? -4.777  -4.776  -3.521  1.00 13.02 ? 97  PHE A CE1 1 
ATOM   283  C CE2 . PHE A 1 57  ? -5.681  -3.411  -1.755  1.00 13.29 ? 97  PHE A CE2 1 
ATOM   284  C CZ  . PHE A 1 57  ? -5.043  -4.574  -2.170  1.00 13.43 ? 97  PHE A CZ  1 
ATOM   285  N N   . GLU A 1 58  ? -8.982  -0.739  -3.891  1.00 15.49 ? 98  GLU A N   1 
ATOM   286  C CA  . GLU A 1 58  ? -9.816  -0.650  -2.702  1.00 15.24 ? 98  GLU A CA  1 
ATOM   287  C C   . GLU A 1 58  ? -11.262 -1.097  -2.980  1.00 16.30 ? 98  GLU A C   1 
ATOM   288  O O   . GLU A 1 58  ? -11.890 -1.737  -2.146  1.00 17.22 ? 98  GLU A O   1 
ATOM   289  C CB  . GLU A 1 58  ? -9.762  0.773   -2.138  1.00 21.23 ? 98  GLU A CB  1 
ATOM   290  C CG  . GLU A 1 58  ? -8.469  1.002   -1.348  1.00 23.99 ? 98  GLU A CG  1 
ATOM   291  C CD  . GLU A 1 58  ? -7.924  2.421   -1.440  1.00 24.04 ? 98  GLU A CD  1 
ATOM   292  O OE1 . GLU A 1 58  ? -6.679  2.574   -1.406  1.00 21.32 ? 98  GLU A OE1 1 
ATOM   293  O OE2 . GLU A 1 58  ? -8.729  3.373   -1.544  1.00 26.25 ? 98  GLU A OE2 1 
ATOM   294  N N   . LEU A 1 59  ? -11.770 -0.778  -4.162  1.00 18.22 ? 99  LEU A N   1 
ATOM   295  C CA  . LEU A 1 59  ? -13.084 -1.262  -4.584  1.00 20.19 ? 99  LEU A CA  1 
ATOM   296  C C   . LEU A 1 59  ? -13.131 -2.794  -4.565  1.00 19.21 ? 99  LEU A C   1 
ATOM   297  O O   . LEU A 1 59  ? -14.033 -3.403  -3.983  1.00 17.93 ? 99  LEU A O   1 
ATOM   298  C CB  . LEU A 1 59  ? -13.408 -0.731  -5.983  1.00 19.80 ? 99  LEU A CB  1 
ATOM   299  C CG  . LEU A 1 59  ? -14.720 -1.174  -6.637  1.00 22.90 ? 99  LEU A CG  1 
ATOM   300  C CD1 . LEU A 1 59  ? -15.928 -0.747  -5.823  1.00 23.56 ? 99  LEU A CD1 1 
ATOM   301  C CD2 . LEU A 1 59  ? -14.784 -0.627  -8.059  1.00 27.65 ? 99  LEU A CD2 1 
ATOM   302  N N   . ARG A 1 60  ? -12.145 -3.411  -5.202  1.00 15.36 ? 100 ARG A N   1 
ATOM   303  C CA  . ARG A 1 60  ? -12.033 -4.862  -5.245  1.00 13.07 ? 100 ARG A CA  1 
ATOM   304  C C   . ARG A 1 60  ? -11.872 -5.463  -3.850  1.00 21.11 ? 100 ARG A C   1 
ATOM   305  O O   . ARG A 1 60  ? -12.422 -6.535  -3.553  1.00 16.61 ? 100 ARG A O   1 
ATOM   306  C CB  . ARG A 1 60  ? -10.849 -5.270  -6.128  1.00 15.49 ? 100 ARG A CB  1 
ATOM   307  C CG  . ARG A 1 60  ? -10.999 -4.762  -7.557  1.00 19.44 ? 100 ARG A CG  1 
ATOM   308  C CD  . ARG A 1 60  ? -10.244 -5.596  -8.556  1.00 20.20 ? 100 ARG A CD  1 
ATOM   309  N NE  . ARG A 1 60  ? -10.375 -5.031  -9.900  1.00 23.11 ? 100 ARG A NE  1 
ATOM   310  C CZ  . ARG A 1 60  ? -10.064 -5.677  -11.021 1.00 23.57 ? 100 ARG A CZ  1 
ATOM   311  N NH1 . ARG A 1 60  ? -9.617  -6.919  -10.968 1.00 19.95 ? 100 ARG A NH1 1 
ATOM   312  N NH2 . ARG A 1 60  ? -10.211 -5.085  -12.196 1.00 21.16 ? 100 ARG A NH2 1 
ATOM   313  N N   . TYR A 1 61  ? -11.106 -4.780  -2.999  1.00 13.30 ? 101 TYR A N   1 
ATOM   314  C CA  . TYR A 1 61  ? -10.842 -5.298  -1.664  1.00 15.26 ? 101 TYR A CA  1 
ATOM   315  C C   . TYR A 1 61  ? -12.150 -5.357  -0.877  1.00 14.07 ? 101 TYR A C   1 
ATOM   316  O O   . TYR A 1 61  ? -12.437 -6.349  -0.227  1.00 15.62 ? 101 TYR A O   1 
ATOM   317  C CB  . TYR A 1 61  ? -9.798  -4.439  -0.943  1.00 14.23 ? 101 TYR A CB  1 
ATOM   318  C CG  . TYR A 1 61  ? -9.250  -5.071  0.323   1.00 18.56 ? 101 TYR A CG  1 
ATOM   319  C CD1 . TYR A 1 61  ? -8.042  -5.748  0.313   1.00 18.40 ? 101 TYR A CD1 1 
ATOM   320  C CD2 . TYR A 1 61  ? -9.949  -4.999  1.524   1.00 16.90 ? 101 TYR A CD2 1 
ATOM   321  C CE1 . TYR A 1 61  ? -7.540  -6.331  1.462   1.00 19.76 ? 101 TYR A CE1 1 
ATOM   322  C CE2 . TYR A 1 61  ? -9.449  -5.583  2.688   1.00 18.54 ? 101 TYR A CE2 1 
ATOM   323  C CZ  . TYR A 1 61  ? -8.248  -6.248  2.640   1.00 21.44 ? 101 TYR A CZ  1 
ATOM   324  O OH  . TYR A 1 61  ? -7.742  -6.825  3.775   1.00 23.64 ? 101 TYR A OH  1 
ATOM   325  N N   . ARG A 1 62  ? -12.946 -4.296  -0.970  1.00 15.47 ? 102 ARG A N   1 
ATOM   326  C CA  . ARG A 1 62  ? -14.166 -4.163  -0.165  1.00 18.78 ? 102 ARG A CA  1 
ATOM   327  C C   . ARG A 1 62  ? -15.224 -5.181  -0.548  1.00 17.95 ? 102 ARG A C   1 
ATOM   328  O O   . ARG A 1 62  ? -16.093 -5.512  0.256   1.00 17.74 ? 102 ARG A O   1 
ATOM   329  C CB  . ARG A 1 62  ? -14.753 -2.753  -0.298  1.00 23.68 ? 102 ARG A CB  1 
ATOM   330  C CG  . ARG A 1 62  ? -13.880 -1.650  0.300   1.00 31.92 ? 102 ARG A CG  1 
ATOM   331  C CD  . ARG A 1 62  ? -14.639 -0.321  0.408   1.00 29.23 ? 102 ARG A CD  1 
ATOM   332  N NE  . ARG A 1 62  ? -15.076 0.207   -0.885  1.00 36.76 ? 102 ARG A NE  1 
ATOM   333  C CZ  . ARG A 1 62  ? -14.368 1.065   -1.619  1.00 38.97 ? 102 ARG A CZ  1 
ATOM   334  N NH1 . ARG A 1 62  ? -13.182 1.479   -1.188  1.00 40.24 ? 102 ARG A NH1 1 
ATOM   335  N NH2 . ARG A 1 62  ? -14.838 1.510   -2.782  1.00 35.07 ? 102 ARG A NH2 1 
ATOM   336  N N   . ARG A 1 63  ? -15.158 -5.669  -1.779  1.00 16.94 ? 103 ARG A N   1 
ATOM   337  C CA  . ARG A 1 63  ? -16.111 -6.671  -2.242  1.00 18.22 ? 103 ARG A CA  1 
ATOM   338  C C   . ARG A 1 63  ? -15.771 -8.065  -1.750  1.00 20.76 ? 103 ARG A C   1 
ATOM   339  O O   . ARG A 1 63  ? -16.578 -9.001  -1.899  1.00 16.72 ? 103 ARG A O   1 
ATOM   340  C CB  . ARG A 1 63  ? -16.187 -6.633  -3.769  1.00 17.23 ? 103 ARG A CB  1 
ATOM   341  C CG  . ARG A 1 63  ? -16.514 -5.223  -4.228  1.00 20.91 ? 103 ARG A CG  1 
ATOM   342  C CD  . ARG A 1 63  ? -17.152 -5.114  -5.579  1.00 25.80 ? 103 ARG A CD  1 
ATOM   343  N NE  . ARG A 1 63  ? -16.207 -5.211  -6.673  1.00 26.41 ? 103 ARG A NE  1 
ATOM   344  C CZ  . ARG A 1 63  ? -16.279 -4.487  -7.789  1.00 26.90 ? 103 ARG A CZ  1 
ATOM   345  N NH1 . ARG A 1 63  ? -17.249 -3.596  -7.956  1.00 23.35 ? 103 ARG A NH1 1 
ATOM   346  N NH2 . ARG A 1 63  ? -15.368 -4.651  -8.737  1.00 24.58 ? 103 ARG A NH2 1 
ATOM   347  N N   . ALA A 1 64  ? -14.591 -8.202  -1.146  1.00 16.48 ? 104 ALA A N   1 
ATOM   348  C CA  . ALA A 1 64  ? -14.056 -9.519  -0.802  1.00 13.89 ? 104 ALA A CA  1 
ATOM   349  C C   . ALA A 1 64  ? -13.787 -9.718  0.687   1.00 19.49 ? 104 ALA A C   1 
ATOM   350  O O   . ALA A 1 64  ? -14.099 -10.770 1.238   1.00 18.34 ? 104 ALA A O   1 
ATOM   351  C CB  . ALA A 1 64  ? -12.769 -9.773  -1.579  1.00 14.10 ? 104 ALA A CB  1 
ATOM   352  N N   . PHE A 1 65  ? -13.172 -8.722  1.321   1.00 17.44 ? 105 PHE A N   1 
ATOM   353  C CA  . PHE A 1 65  ? -12.659 -8.884  2.676   1.00 19.15 ? 105 PHE A CA  1 
ATOM   354  C C   . PHE A 1 65  ? -13.066 -7.701  3.551   1.00 19.22 ? 105 PHE A C   1 
ATOM   355  O O   . PHE A 1 65  ? -13.289 -6.603  3.053   1.00 21.73 ? 105 PHE A O   1 
ATOM   356  C CB  . PHE A 1 65  ? -11.131 -9.023  2.664   1.00 17.48 ? 105 PHE A CB  1 
ATOM   357  C CG  . PHE A 1 65  ? -10.629 -10.176 1.860   1.00 18.74 ? 105 PHE A CG  1 
ATOM   358  C CD1 . PHE A 1 65  ? -10.848 -11.480 2.284   1.00 15.98 ? 105 PHE A CD1 1 
ATOM   359  C CD2 . PHE A 1 65  ? -9.918  -9.964  0.689   1.00 15.59 ? 105 PHE A CD2 1 
ATOM   360  C CE1 . PHE A 1 65  ? -10.387 -12.542 1.544   1.00 21.05 ? 105 PHE A CE1 1 
ATOM   361  C CE2 . PHE A 1 65  ? -9.443  -11.028 -0.056  1.00 17.37 ? 105 PHE A CE2 1 
ATOM   362  C CZ  . PHE A 1 65  ? -9.674  -12.319 0.372   1.00 18.83 ? 105 PHE A CZ  1 
ATOM   363  N N   . SER A 1 66  ? -13.186 -7.918  4.854   1.00 25.50 ? 106 SER A N   1 
ATOM   364  C CA  . SER A 1 66  ? -13.501 -6.798  5.736   1.00 25.55 ? 106 SER A CA  1 
ATOM   365  C C   . SER A 1 66  ? -12.218 -6.009  6.003   1.00 27.15 ? 106 SER A C   1 
ATOM   366  O O   . SER A 1 66  ? -11.108 -6.541  5.848   1.00 27.58 ? 106 SER A O   1 
ATOM   367  C CB  . SER A 1 66  ? -14.132 -7.282  7.040   1.00 28.88 ? 106 SER A CB  1 
ATOM   368  O OG  . SER A 1 66  ? -13.327 -8.269  7.641   1.00 35.76 ? 106 SER A OG  1 
ATOM   369  N N   . ASP A 1 67  ? -12.348 -4.741  6.374   1.00 30.96 ? 107 ASP A N   1 
ATOM   370  C CA  . ASP A 1 67  ? -11.148 -4.002  6.741   1.00 35.33 ? 107 ASP A CA  1 
ATOM   371  C C   . ASP A 1 67  ? -10.681 -4.510  8.101   1.00 25.38 ? 107 ASP A C   1 
ATOM   372  O O   . ASP A 1 67  ? -11.402 -4.411  9.088   1.00 36.37 ? 107 ASP A O   1 
ATOM   373  C CB  . ASP A 1 67  ? -11.391 -2.498  6.764   1.00 37.70 ? 107 ASP A CB  1 
ATOM   374  C CG  . ASP A 1 67  ? -10.095 -1.714  6.905   1.00 46.48 ? 107 ASP A CG  1 
ATOM   375  O OD1 . ASP A 1 67  ? -9.052  -2.350  7.169   1.00 49.34 ? 107 ASP A OD1 1 
ATOM   376  O OD2 . ASP A 1 67  ? -10.106 -0.476  6.746   1.00 49.27 ? 107 ASP A OD2 1 
ATOM   377  N N   . LEU A 1 68  ? -9.486  -5.090  8.134   1.00 27.59 ? 108 LEU A N   1 
ATOM   378  C CA  . LEU A 1 68  ? -8.938  -5.659  9.364   1.00 32.76 ? 108 LEU A CA  1 
ATOM   379  C C   . LEU A 1 68  ? -7.935  -4.713  10.015  1.00 34.11 ? 108 LEU A C   1 
ATOM   380  O O   . LEU A 1 68  ? -7.317  -5.061  11.019  1.00 31.19 ? 108 LEU A O   1 
ATOM   381  C CB  . LEU A 1 68  ? -8.273  -7.015  9.086   1.00 34.13 ? 108 LEU A CB  1 
ATOM   382  C CG  . LEU A 1 68  ? -9.149  -8.166  8.578   1.00 31.70 ? 108 LEU A CG  1 
ATOM   383  C CD1 . LEU A 1 68  ? -8.339  -9.450  8.441   1.00 30.64 ? 108 LEU A CD1 1 
ATOM   384  C CD2 . LEU A 1 68  ? -10.351 -8.380  9.497   1.00 38.54 ? 108 LEU A CD2 1 
ATOM   385  N N   . THR A 1 69  ? -7.769  -3.527  9.426   1.00 38.29 ? 109 THR A N   1 
ATOM   386  C CA  . THR A 1 69  ? -6.839  -2.511  9.921   1.00 27.50 ? 109 THR A CA  1 
ATOM   387  C C   . THR A 1 69  ? -7.022  -2.229  11.407  1.00 33.52 ? 109 THR A C   1 
ATOM   388  O O   . THR A 1 69  ? -6.046  -2.150  12.164  1.00 34.08 ? 109 THR A O   1 
ATOM   389  C CB  . THR A 1 69  ? -7.009  -1.199  9.153   1.00 29.46 ? 109 THR A CB  1 
ATOM   390  O OG1 . THR A 1 69  ? -6.854  -1.452  7.748   1.00 33.87 ? 109 THR A OG1 1 
ATOM   391  C CG2 . THR A 1 69  ? -5.984  -0.198  9.589   1.00 23.48 ? 109 THR A CG2 1 
ATOM   392  N N   . SER A 1 70  ? -8.277  -2.082  11.810  1.00 24.54 ? 110 SER A N   1 
ATOM   393  C CA  . SER A 1 70  ? -8.645  -1.842  13.204  1.00 34.54 ? 110 SER A CA  1 
ATOM   394  C C   . SER A 1 70  ? -8.114  -2.914  14.167  1.00 34.45 ? 110 SER A C   1 
ATOM   395  O O   . SER A 1 70  ? -7.769  -2.616  15.314  1.00 33.42 ? 110 SER A O   1 
ATOM   396  C CB  . SER A 1 70  ? -10.177 -1.752  13.317  1.00 34.54 ? 110 SER A CB  1 
ATOM   397  O OG  . SER A 1 70  ? -10.760 -3.048  13.350  1.00 36.29 ? 110 SER A OG  1 
ATOM   398  N N   . GLN A 1 71  ? -8.038  -4.156  13.694  1.00 28.50 ? 111 GLN A N   1 
ATOM   399  C CA  . GLN A 1 71  ? -7.734  -5.286  14.570  1.00 25.74 ? 111 GLN A CA  1 
ATOM   400  C C   . GLN A 1 71  ? -6.245  -5.397  14.843  1.00 29.47 ? 111 GLN A C   1 
ATOM   401  O O   . GLN A 1 71  ? -5.805  -6.173  15.703  1.00 27.02 ? 111 GLN A O   1 
ATOM   402  C CB  . GLN A 1 71  ? -8.290  -6.564  13.956  1.00 37.05 ? 111 GLN A CB  1 
ATOM   403  C CG  . GLN A 1 71  ? -9.777  -6.409  13.644  1.00 36.78 ? 111 GLN A CG  1 
ATOM   404  C CD  . GLN A 1 71  ? -10.470 -7.715  13.296  1.00 50.70 ? 111 GLN A CD  1 
ATOM   405  O OE1 . GLN A 1 71  ? -9.842  -8.777  13.229  1.00 56.78 ? 111 GLN A OE1 1 
ATOM   406  N NE2 . GLN A 1 71  ? -11.776 -7.639  13.054  1.00 53.62 ? 111 GLN A NE2 1 
ATOM   407  N N   . LEU A 1 72  ? -5.480  -4.568  14.135  1.00 27.32 ? 112 LEU A N   1 
ATOM   408  C CA  . LEU A 1 72  ? -4.042  -4.438  14.342  1.00 30.99 ? 112 LEU A CA  1 
ATOM   409  C C   . LEU A 1 72  ? -3.694  -3.675  15.635  1.00 29.44 ? 112 LEU A C   1 
ATOM   410  O O   . LEU A 1 72  ? -2.573  -3.805  16.162  1.00 30.37 ? 112 LEU A O   1 
ATOM   411  C CB  . LEU A 1 72  ? -3.434  -3.713  13.134  1.00 28.41 ? 112 LEU A CB  1 
ATOM   412  C CG  . LEU A 1 72  ? -2.307  -4.332  12.317  1.00 32.51 ? 112 LEU A CG  1 
ATOM   413  C CD1 . LEU A 1 72  ? -2.568  -5.784  12.056  1.00 26.50 ? 112 LEU A CD1 1 
ATOM   414  C CD2 . LEU A 1 72  ? -2.226  -3.582  10.992  1.00 26.23 ? 112 LEU A CD2 1 
ATOM   415  N N   A HIS A 1 73  ? -4.645  -2.886  16.130  0.50 22.85 ? 113 HIS A N   1 
ATOM   416  N N   B HIS A 1 73  ? -4.678  -2.938  16.150  0.50 22.74 ? 113 HIS A N   1 
ATOM   417  C CA  A HIS A 1 73  ? -4.393  -1.897  17.187  0.50 22.81 ? 113 HIS A CA  1 
ATOM   418  C CA  B HIS A 1 73  ? -4.489  -1.887  17.149  0.50 22.79 ? 113 HIS A CA  1 
ATOM   419  C C   A HIS A 1 73  ? -3.139  -1.094  16.891  0.50 23.96 ? 113 HIS A C   1 
ATOM   420  C C   B HIS A 1 73  ? -3.214  -1.067  16.932  0.50 23.99 ? 113 HIS A C   1 
ATOM   421  O O   A HIS A 1 73  ? -2.106  -1.276  17.538  0.50 24.89 ? 113 HIS A O   1 
ATOM   422  O O   B HIS A 1 73  ? -2.256  -1.180  17.707  0.50 24.57 ? 113 HIS A O   1 
ATOM   423  C CB  A HIS A 1 73  ? -4.253  -2.534  18.571  0.50 22.81 ? 113 HIS A CB  1 
ATOM   424  C CB  B HIS A 1 73  ? -4.477  -2.429  18.588  0.50 22.88 ? 113 HIS A CB  1 
ATOM   425  C CG  A HIS A 1 73  ? -4.082  -1.532  19.679  0.50 22.63 ? 113 HIS A CG  1 
ATOM   426  C CG  B HIS A 1 73  ? -5.668  -3.278  18.940  0.50 26.35 ? 113 HIS A CG  1 
ATOM   427  N ND1 A HIS A 1 73  ? -3.396  -1.814  20.842  0.50 21.17 ? 113 HIS A ND1 1 
ATOM   428  N ND1 B HIS A 1 73  ? -5.598  -4.289  19.878  0.50 26.77 ? 113 HIS A ND1 1 
ATOM   429  C CD2 A HIS A 1 73  ? -4.506  -0.250  19.795  0.50 19.62 ? 113 HIS A CD2 1 
ATOM   430  C CD2 B HIS A 1 73  ? -6.919  -3.299  18.443  0.50 25.05 ? 113 HIS A CD2 1 
ATOM   431  C CE1 A HIS A 1 73  ? -3.409  -0.751  21.628  0.50 20.65 ? 113 HIS A CE1 1 
ATOM   432  C CE1 B HIS A 1 73  ? -6.790  -4.861  19.978  0.50 27.92 ? 113 HIS A CE1 1 
ATOM   433  N NE2 A HIS A 1 73  ? -4.074  0.210   21.016  0.50 20.76 ? 113 HIS A NE2 1 
ATOM   434  N NE2 B HIS A 1 73  ? -7.604  -4.291  19.116  0.50 24.11 ? 113 HIS A NE2 1 
ATOM   435  N N   . ILE A 1 74  ? -3.226  -0.211  15.911  1.00 18.93 ? 114 ILE A N   1 
ATOM   436  C CA  . ILE A 1 74  ? -2.117  0.706   15.651  1.00 20.00 ? 114 ILE A CA  1 
ATOM   437  C C   . ILE A 1 74  ? -1.855  1.594   16.869  1.00 17.51 ? 114 ILE A C   1 
ATOM   438  O O   . ILE A 1 74  ? -2.786  2.163   17.441  1.00 14.00 ? 114 ILE A O   1 
ATOM   439  C CB  . ILE A 1 74  ? -2.394  1.600   14.420  1.00 22.94 ? 114 ILE A CB  1 
ATOM   440  C CG1 . ILE A 1 74  ? -2.575  0.725   13.180  1.00 25.87 ? 114 ILE A CG1 1 
ATOM   441  C CG2 . ILE A 1 74  ? -1.264  2.642   14.231  1.00 15.52 ? 114 ILE A CG2 1 
ATOM   442  C CD1 . ILE A 1 74  ? -1.481  -0.349  13.039  1.00 25.28 ? 114 ILE A CD1 1 
ATOM   443  N N   . THR A 1 75  ? -0.590  1.665   17.280  1.00 15.50 ? 115 THR A N   1 
ATOM   444  C CA  . THR A 1 75  ? -0.113  2.647   18.262  1.00 14.87 ? 115 THR A CA  1 
ATOM   445  C C   . THR A 1 75  ? 1.242   3.160   17.774  1.00 15.84 ? 115 THR A C   1 
ATOM   446  O O   . THR A 1 75  ? 1.850   2.523   16.926  1.00 15.28 ? 115 THR A O   1 
ATOM   447  C CB  . THR A 1 75  ? 0.072   2.048   19.676  1.00 15.34 ? 115 THR A CB  1 
ATOM   448  O OG1 . THR A 1 75  ? 1.137   1.082   19.649  1.00 13.63 ? 115 THR A OG1 1 
ATOM   449  C CG2 . THR A 1 75  ? -1.231  1.433   20.230  1.00 11.84 ? 115 THR A CG2 1 
ATOM   450  N N   . PRO A 1 76  ? 1.725   4.295   18.314  1.00 14.75 ? 116 PRO A N   1 
ATOM   451  C CA  . PRO A 1 76  ? 3.078   4.748   17.955  1.00 14.82 ? 116 PRO A CA  1 
ATOM   452  C C   . PRO A 1 76  ? 4.142   3.673   18.204  1.00 13.23 ? 116 PRO A C   1 
ATOM   453  O O   . PRO A 1 76  ? 5.018   3.475   17.387  1.00 14.38 ? 116 PRO A O   1 
ATOM   454  C CB  . PRO A 1 76  ? 3.300   5.948   18.886  1.00 14.85 ? 116 PRO A CB  1 
ATOM   455  C CG  . PRO A 1 76  ? 1.933   6.488   19.139  1.00 11.82 ? 116 PRO A CG  1 
ATOM   456  C CD  . PRO A 1 76  ? 1.024   5.277   19.171  1.00 12.56 ? 116 PRO A CD  1 
ATOM   457  N N   . GLY A 1 77  ? 4.033   2.980   19.328  1.00 9.96  ? 117 GLY A N   1 
ATOM   458  C CA  . GLY A 1 77  ? 5.003   1.975   19.699  1.00 15.28 ? 117 GLY A CA  1 
ATOM   459  C C   . GLY A 1 77  ? 4.933   0.679   18.899  1.00 18.92 ? 117 GLY A C   1 
ATOM   460  O O   . GLY A 1 77  ? 5.884   -0.087  18.899  1.00 14.21 ? 117 GLY A O   1 
ATOM   461  N N   . THR A 1 78  ? 3.818   0.417   18.219  1.00 14.54 ? 118 THR A N   1 
ATOM   462  C CA  . THR A 1 78  ? 3.688   -0.843  17.492  1.00 16.04 ? 118 THR A CA  1 
ATOM   463  C C   . THR A 1 78  ? 3.512   -0.700  15.983  1.00 14.03 ? 118 THR A C   1 
ATOM   464  O O   . THR A 1 78  ? 3.511   -1.704  15.274  1.00 14.57 ? 118 THR A O   1 
ATOM   465  C CB  . THR A 1 78  ? 2.506   -1.673  18.031  1.00 15.61 ? 118 THR A CB  1 
ATOM   466  O OG1 . THR A 1 78  ? 1.274   -0.960  17.841  1.00 13.54 ? 118 THR A OG1 1 
ATOM   467  C CG2 . THR A 1 78  ? 2.709   -1.993  19.527  1.00 20.78 ? 118 THR A CG2 1 
ATOM   468  N N   . ALA A 1 79  ? 3.369   0.533   15.496  1.00 10.07 ? 119 ALA A N   1 
ATOM   469  C CA  . ALA A 1 79  ? 3.011   0.771   14.107  1.00 10.78 ? 119 ALA A CA  1 
ATOM   470  C C   . ALA A 1 79  ? 4.055   0.233   13.128  1.00 14.99 ? 119 ALA A C   1 
ATOM   471  O O   . ALA A 1 79  ? 3.688   -0.330  12.094  1.00 12.82 ? 119 ALA A O   1 
ATOM   472  C CB  . ALA A 1 79  ? 2.781   2.271   13.857  1.00 12.17 ? 119 ALA A CB  1 
ATOM   473  N N   . TYR A 1 80  ? 5.344   0.415   13.428  1.00 14.26 ? 120 TYR A N   1 
ATOM   474  C CA  . TYR A 1 80  ? 6.365   -0.011  12.464  1.00 14.63 ? 120 TYR A CA  1 
ATOM   475  C C   . TYR A 1 80  ? 6.358   -1.529  12.342  1.00 12.32 ? 120 TYR A C   1 
ATOM   476  O O   . TYR A 1 80  ? 6.489   -2.088  11.254  1.00 16.60 ? 120 TYR A O   1 
ATOM   477  C CB  . TYR A 1 80  ? 7.780   0.484   12.843  1.00 17.81 ? 120 TYR A CB  1 
ATOM   478  C CG  . TYR A 1 80  ? 8.814   -0.110  11.908  1.00 12.83 ? 120 TYR A CG  1 
ATOM   479  C CD1 . TYR A 1 80  ? 8.998   0.402   10.634  1.00 15.87 ? 120 TYR A CD1 1 
ATOM   480  C CD2 . TYR A 1 80  ? 9.549   -1.227  12.277  1.00 15.92 ? 120 TYR A CD2 1 
ATOM   481  C CE1 . TYR A 1 80  ? 9.914   -0.170  9.750   1.00 16.54 ? 120 TYR A CE1 1 
ATOM   482  C CE2 . TYR A 1 80  ? 10.462  -1.811  11.404  1.00 15.66 ? 120 TYR A CE2 1 
ATOM   483  C CZ  . TYR A 1 80  ? 10.630  -1.278  10.148  1.00 15.81 ? 120 TYR A CZ  1 
ATOM   484  O OH  . TYR A 1 80  ? 11.529  -1.839  9.292   1.00 19.19 ? 120 TYR A OH  1 
ATOM   485  N N   . GLN A 1 81  ? 6.195   -2.189  13.475  1.00 12.65 ? 121 GLN A N   1 
ATOM   486  C CA  . GLN A 1 81  ? 6.274   -3.629  13.537  1.00 14.53 ? 121 GLN A CA  1 
ATOM   487  C C   . GLN A 1 81  ? 5.088   -4.251  12.785  1.00 17.63 ? 121 GLN A C   1 
ATOM   488  O O   . GLN A 1 81  ? 5.255   -5.212  12.054  1.00 17.94 ? 121 GLN A O   1 
ATOM   489  C CB  . GLN A 1 81  ? 6.338   -4.080  14.999  1.00 16.39 ? 121 GLN A CB  1 
ATOM   490  C CG  . GLN A 1 81  ? 7.662   -3.687  15.740  1.00 26.88 ? 121 GLN A CG  1 
ATOM   491  C CD  . GLN A 1 81  ? 7.874   -2.155  16.028  1.00 28.12 ? 121 GLN A CD  1 
ATOM   492  O OE1 . GLN A 1 81  ? 6.918   -1.366  16.130  1.00 18.36 ? 121 GLN A OE1 1 
ATOM   493  N NE2 . GLN A 1 81  ? 9.153   -1.759  16.191  1.00 21.54 ? 121 GLN A NE2 1 
ATOM   494  N N   . SER A 1 82  ? 3.903   -3.668  12.939  1.00 13.65 ? 122 SER A N   1 
ATOM   495  C CA  . SER A 1 82  ? 2.734   -4.064  12.146  1.00 17.66 ? 122 SER A CA  1 
ATOM   496  C C   . SER A 1 82  ? 2.936   -3.809  10.648  1.00 13.74 ? 122 SER A C   1 
ATOM   497  O O   . SER A 1 82  ? 2.631   -4.673  9.826   1.00 15.87 ? 122 SER A O   1 
ATOM   498  C CB  . SER A 1 82  ? 1.484   -3.319  12.626  1.00 12.65 ? 122 SER A CB  1 
ATOM   499  O OG  . SER A 1 82  ? 1.219   -3.624  13.981  1.00 16.14 ? 122 SER A OG  1 
ATOM   500  N N   . PHE A 1 83  ? 3.417   -2.613  10.303  1.00 11.29 ? 123 PHE A N   1 
ATOM   501  C CA  . PHE A 1 83  ? 3.766   -2.289  8.921   1.00 11.71 ? 123 PHE A CA  1 
ATOM   502  C C   . PHE A 1 83  ? 4.750   -3.300  8.337   1.00 15.73 ? 123 PHE A C   1 
ATOM   503  O O   . PHE A 1 83  ? 4.516   -3.869  7.267   1.00 14.85 ? 123 PHE A O   1 
ATOM   504  C CB  . PHE A 1 83  ? 4.380   -0.881  8.822   1.00 12.87 ? 123 PHE A CB  1 
ATOM   505  C CG  . PHE A 1 83  ? 4.988   -0.580  7.476   1.00 15.53 ? 123 PHE A CG  1 
ATOM   506  C CD1 . PHE A 1 83  ? 4.184   -0.214  6.403   1.00 18.72 ? 123 PHE A CD1 1 
ATOM   507  C CD2 . PHE A 1 83  ? 6.363   -0.669  7.280   1.00 15.99 ? 123 PHE A CD2 1 
ATOM   508  C CE1 . PHE A 1 83  ? 4.740   0.067   5.163   1.00 15.95 ? 123 PHE A CE1 1 
ATOM   509  C CE2 . PHE A 1 83  ? 6.924   -0.408  6.036   1.00 13.25 ? 123 PHE A CE2 1 
ATOM   510  C CZ  . PHE A 1 83  ? 6.115   -0.035  4.979   1.00 17.23 ? 123 PHE A CZ  1 
ATOM   511  N N   . GLU A 1 84  ? 5.869   -3.490  9.032   1.00 16.20 ? 124 GLU A N   1 
ATOM   512  C CA  . GLU A 1 84  ? 6.946   -4.331  8.524   1.00 16.34 ? 124 GLU A CA  1 
ATOM   513  C C   . GLU A 1 84  ? 6.513   -5.790  8.352   1.00 15.52 ? 124 GLU A C   1 
ATOM   514  O O   . GLU A 1 84  ? 6.849   -6.434  7.358   1.00 12.93 ? 124 GLU A O   1 
ATOM   515  C CB  . GLU A 1 84  ? 8.158   -4.261  9.456   1.00 16.44 ? 124 GLU A CB  1 
ATOM   516  C CG  . GLU A 1 84  ? 9.273   -5.234  9.072   1.00 27.65 ? 124 GLU A CG  1 
ATOM   517  C CD  . GLU A 1 84  ? 10.161  -5.617  10.246  1.00 42.54 ? 124 GLU A CD  1 
ATOM   518  O OE1 . GLU A 1 84  ? 9.634   -5.802  11.369  1.00 41.08 ? 124 GLU A OE1 1 
ATOM   519  O OE2 . GLU A 1 84  ? 11.389  -5.735  10.041  1.00 54.00 ? 124 GLU A OE2 1 
ATOM   520  N N   . GLN A 1 85  ? 5.783   -6.316  9.327   1.00 14.87 ? 125 GLN A N   1 
ATOM   521  C CA  . GLN A 1 85  ? 5.368   -7.721  9.268   1.00 17.65 ? 125 GLN A CA  1 
ATOM   522  C C   . GLN A 1 85  ? 4.336   -7.987  8.169   1.00 16.50 ? 125 GLN A C   1 
ATOM   523  O O   . GLN A 1 85  ? 4.389   -9.025  7.506   1.00 14.34 ? 125 GLN A O   1 
ATOM   524  C CB  . GLN A 1 85  ? 4.818   -8.169  10.625  1.00 18.12 ? 125 GLN A CB  1 
ATOM   525  C CG  . GLN A 1 85  ? 5.903   -8.266  11.691  1.00 22.27 ? 125 GLN A CG  1 
ATOM   526  C CD  . GLN A 1 85  ? 5.344   -8.494  13.083  1.00 29.37 ? 125 GLN A CD  1 
ATOM   527  O OE1 . GLN A 1 85  ? 4.277   -9.078  13.244  1.00 39.22 ? 125 GLN A OE1 1 
ATOM   528  N NE2 . GLN A 1 85  ? 6.064   -8.026  14.098  1.00 34.79 ? 125 GLN A NE2 1 
ATOM   529  N N   . VAL A 1 86  ? 3.396   -7.066  7.970   1.00 13.41 ? 126 VAL A N   1 
ATOM   530  C CA  . VAL A 1 86  ? 2.418   -7.244  6.890   1.00 13.34 ? 126 VAL A CA  1 
ATOM   531  C C   . VAL A 1 86  ? 3.115   -7.206  5.535   1.00 13.15 ? 126 VAL A C   1 
ATOM   532  O O   . VAL A 1 86  ? 2.933   -8.086  4.693   1.00 14.33 ? 126 VAL A O   1 
ATOM   533  C CB  . VAL A 1 86  ? 1.301   -6.154  6.919   1.00 14.91 ? 126 VAL A CB  1 
ATOM   534  C CG1 . VAL A 1 86  ? 0.486   -6.190  5.638   1.00 13.11 ? 126 VAL A CG1 1 
ATOM   535  C CG2 . VAL A 1 86  ? 0.389   -6.330  8.132   1.00 14.72 ? 126 VAL A CG2 1 
ATOM   536  N N   . VAL A 1 87  ? 3.923   -6.174  5.329   1.00 13.87 ? 127 VAL A N   1 
ATOM   537  C CA  . VAL A 1 87  ? 4.565   -5.947  4.047   1.00 13.64 ? 127 VAL A CA  1 
ATOM   538  C C   . VAL A 1 87  ? 5.573   -7.057  3.702   1.00 15.30 ? 127 VAL A C   1 
ATOM   539  O O   . VAL A 1 87  ? 5.633   -7.515  2.553   1.00 15.75 ? 127 VAL A O   1 
ATOM   540  C CB  . VAL A 1 87  ? 5.232   -4.565  4.031   1.00 19.64 ? 127 VAL A CB  1 
ATOM   541  C CG1 . VAL A 1 87  ? 6.129   -4.437  2.862   1.00 22.65 ? 127 VAL A CG1 1 
ATOM   542  C CG2 . VAL A 1 87  ? 4.137   -3.474  4.000   1.00 17.28 ? 127 VAL A CG2 1 
ATOM   543  N N   . ASN A 1 88  ? 6.341   -7.510  4.686   1.00 14.99 ? 128 ASN A N   1 
ATOM   544  C CA  . ASN A 1 88  ? 7.232   -8.657  4.455   1.00 17.99 ? 128 ASN A CA  1 
ATOM   545  C C   . ASN A 1 88  ? 6.449   -9.898  4.029   1.00 20.89 ? 128 ASN A C   1 
ATOM   546  O O   . ASN A 1 88  ? 6.894   -10.663 3.169   1.00 18.74 ? 128 ASN A O   1 
ATOM   547  C CB  . ASN A 1 88  ? 8.054   -8.989  5.705   1.00 18.79 ? 128 ASN A CB  1 
ATOM   548  C CG  . ASN A 1 88  ? 9.199   -8.024  5.918   1.00 22.30 ? 128 ASN A CG  1 
ATOM   549  O OD1 . ASN A 1 88  ? 9.673   -7.390  4.979   1.00 22.38 ? 128 ASN A OD1 1 
ATOM   550  N ND2 . ASN A 1 88  ? 9.672   -7.935  7.151   1.00 26.70 ? 128 ASN A ND2 1 
ATOM   551  N N   . GLU A 1 89  ? 5.283   -10.096 4.635   1.00 15.61 ? 129 GLU A N   1 
ATOM   552  C CA  . GLU A 1 89  ? 4.468   -11.253 4.294   1.00 20.91 ? 129 GLU A CA  1 
ATOM   553  C C   . GLU A 1 89  ? 3.825   -11.080 2.899   1.00 21.55 ? 129 GLU A C   1 
ATOM   554  O O   . GLU A 1 89  ? 3.761   -12.023 2.114   1.00 18.18 ? 129 GLU A O   1 
ATOM   555  C CB  . GLU A 1 89  ? 3.419   -11.493 5.377   1.00 18.50 ? 129 GLU A CB  1 
ATOM   556  C CG  . GLU A 1 89  ? 2.563   -12.736 5.171   1.00 27.20 ? 129 GLU A CG  1 
ATOM   557  C CD  . GLU A 1 89  ? 3.367   -14.027 5.074   1.00 31.10 ? 129 GLU A CD  1 
ATOM   558  O OE1 . GLU A 1 89  ? 4.496   -14.098 5.616   1.00 27.01 ? 129 GLU A OE1 1 
ATOM   559  O OE2 . GLU A 1 89  ? 2.850   -14.977 4.451   1.00 37.23 ? 129 GLU A OE2 1 
ATOM   560  N N   . LEU A 1 90  ? 3.389   -9.863  2.590   1.00 16.95 ? 130 LEU A N   1 
ATOM   561  C CA  . LEU A 1 90  ? 2.855   -9.527  1.270   1.00 15.91 ? 130 LEU A CA  1 
ATOM   562  C C   . LEU A 1 90  ? 3.812   -9.918  0.131   1.00 17.89 ? 130 LEU A C   1 
ATOM   563  O O   . LEU A 1 90  ? 3.399   -10.500 -0.875  1.00 17.53 ? 130 LEU A O   1 
ATOM   564  C CB  . LEU A 1 90  ? 2.554   -8.025  1.198   1.00 13.15 ? 130 LEU A CB  1 
ATOM   565  C CG  . LEU A 1 90  ? 2.155   -7.430  -0.152  1.00 13.47 ? 130 LEU A CG  1 
ATOM   566  C CD1 . LEU A 1 90  ? 0.932   -8.149  -0.755  1.00 12.13 ? 130 LEU A CD1 1 
ATOM   567  C CD2 . LEU A 1 90  ? 1.868   -5.929  0.010   1.00 13.31 ? 130 LEU A CD2 1 
ATOM   568  N N   . PHE A 1 91  ? 5.095   -9.619  0.306   1.00 16.67 ? 131 PHE A N   1 
ATOM   569  C CA  . PHE A 1 91  ? 6.060   -9.816  -0.767  1.00 18.52 ? 131 PHE A CA  1 
ATOM   570  C C   . PHE A 1 91  ? 6.886   -11.078 -0.593  1.00 21.62 ? 131 PHE A C   1 
ATOM   571  O O   . PHE A 1 91  ? 7.857   -11.285 -1.321  1.00 21.65 ? 131 PHE A O   1 
ATOM   572  C CB  . PHE A 1 91  ? 6.992   -8.607  -0.873  1.00 14.32 ? 131 PHE A CB  1 
ATOM   573  C CG  . PHE A 1 91  ? 6.295   -7.341  -1.310  1.00 17.83 ? 131 PHE A CG  1 
ATOM   574  C CD1 . PHE A 1 91  ? 5.716   -7.254  -2.574  1.00 14.70 ? 131 PHE A CD1 1 
ATOM   575  C CD2 . PHE A 1 91  ? 6.217   -6.243  -0.462  1.00 13.67 ? 131 PHE A CD2 1 
ATOM   576  C CE1 . PHE A 1 91  ? 5.077   -6.101  -2.986  1.00 13.76 ? 131 PHE A CE1 1 
ATOM   577  C CE2 . PHE A 1 91  ? 5.574   -5.078  -0.862  1.00 16.09 ? 131 PHE A CE2 1 
ATOM   578  C CZ  . PHE A 1 91  ? 5.003   -5.003  -2.121  1.00 14.69 ? 131 PHE A CZ  1 
ATOM   579  N N   . ARG A 1 92  ? 6.523   -11.916 0.370   1.00 15.83 ? 132 ARG A N   1 
ATOM   580  C CA  . ARG A 1 92  ? 7.366   -13.072 0.672   1.00 23.65 ? 132 ARG A CA  1 
ATOM   581  C C   . ARG A 1 92  ? 7.441   -14.039 -0.520  1.00 24.71 ? 132 ARG A C   1 
ATOM   582  O O   . ARG A 1 92  ? 8.512   -14.549 -0.840  1.00 26.54 ? 132 ARG A O   1 
ATOM   583  C CB  . ARG A 1 92  ? 6.863   -13.808 1.913   1.00 22.85 ? 132 ARG A CB  1 
ATOM   584  C CG  . ARG A 1 92  ? 7.838   -14.853 2.441   1.00 29.63 ? 132 ARG A CG  1 
ATOM   585  C CD  . ARG A 1 92  ? 7.276   -15.524 3.684   1.00 27.72 ? 132 ARG A CD  1 
ATOM   586  N NE  . ARG A 1 92  ? 5.903   -15.948 3.440   1.00 40.75 ? 132 ARG A NE  1 
ATOM   587  C CZ  . ARG A 1 92  ? 5.547   -17.178 3.087   1.00 50.13 ? 132 ARG A CZ  1 
ATOM   588  N NH1 . ARG A 1 92  ? 6.464   -18.130 2.970   1.00 46.00 ? 132 ARG A NH1 1 
ATOM   589  N NH2 . ARG A 1 92  ? 4.268   -17.459 2.873   1.00 52.45 ? 132 ARG A NH2 1 
ATOM   590  N N   . ASP A 1 93  ? 6.302   -14.256 -1.176  1.00 23.95 ? 133 ASP A N   1 
ATOM   591  C CA  . ASP A 1 93  ? 6.193   -15.189 -2.299  1.00 29.89 ? 133 ASP A CA  1 
ATOM   592  C C   . ASP A 1 93  ? 6.641   -14.588 -3.615  1.00 28.04 ? 133 ASP A C   1 
ATOM   593  O O   . ASP A 1 93  ? 6.863   -15.304 -4.593  1.00 30.43 ? 133 ASP A O   1 
ATOM   594  C CB  . ASP A 1 93  ? 4.754   -15.669 -2.450  1.00 31.55 ? 133 ASP A CB  1 
ATOM   595  C CG  . ASP A 1 93  ? 4.473   -16.880 -1.623  1.00 44.66 ? 133 ASP A CG  1 
ATOM   596  O OD1 . ASP A 1 93  ? 5.451   -17.454 -1.096  1.00 47.25 ? 133 ASP A OD1 1 
ATOM   597  O OD2 . ASP A 1 93  ? 3.286   -17.254 -1.493  1.00 53.44 ? 133 ASP A OD2 1 
ATOM   598  N N   . GLY A 1 94  ? 6.761   -13.268 -3.645  1.00 24.27 ? 134 GLY A N   1 
ATOM   599  C CA  . GLY A 1 94  ? 7.110   -12.580 -4.869  1.00 21.75 ? 134 GLY A CA  1 
ATOM   600  C C   . GLY A 1 94  ? 6.515   -11.191 -4.975  1.00 23.03 ? 134 GLY A C   1 
ATOM   601  O O   . GLY A 1 94  ? 5.697   -10.763 -4.151  1.00 19.96 ? 134 GLY A O   1 
ATOM   602  N N   . VAL A 1 95  ? 6.931   -10.500 -6.026  1.00 17.18 ? 135 VAL A N   1 
ATOM   603  C CA  . VAL A 1 95  ? 6.519   -9.142  -6.303  1.00 19.55 ? 135 VAL A CA  1 
ATOM   604  C C   . VAL A 1 95  ? 5.819   -9.054  -7.670  1.00 20.93 ? 135 VAL A C   1 
ATOM   605  O O   . VAL A 1 95  ? 6.224   -9.721  -8.618  1.00 19.62 ? 135 VAL A O   1 
ATOM   606  C CB  . VAL A 1 95  ? 7.739   -8.192  -6.297  1.00 17.52 ? 135 VAL A CB  1 
ATOM   607  C CG1 . VAL A 1 95  ? 7.298   -6.735  -6.435  1.00 16.63 ? 135 VAL A CG1 1 
ATOM   608  C CG2 . VAL A 1 95  ? 8.589   -8.407  -5.026  1.00 20.72 ? 135 VAL A CG2 1 
ATOM   609  N N   . ASN A 1 96  ? 4.769   -8.242  -7.758  1.00 15.58 ? 136 ASN A N   1 
ATOM   610  C CA  . ASN A 1 96  ? 4.256   -7.785  -9.046  1.00 18.36 ? 136 ASN A CA  1 
ATOM   611  C C   . ASN A 1 96  ? 3.647   -6.402  -8.862  1.00 17.99 ? 136 ASN A C   1 
ATOM   612  O O   . ASN A 1 96  ? 3.576   -5.903  -7.734  1.00 15.83 ? 136 ASN A O   1 
ATOM   613  C CB  . ASN A 1 96  ? 3.243   -8.779  -9.644  1.00 18.83 ? 136 ASN A CB  1 
ATOM   614  C CG  . ASN A 1 96  ? 2.026   -9.003  -8.748  1.00 14.12 ? 136 ASN A CG  1 
ATOM   615  O OD1 . ASN A 1 96  ? 1.268   -8.081  -8.470  1.00 15.83 ? 136 ASN A OD1 1 
ATOM   616  N ND2 . ASN A 1 96  ? 1.826   -10.241 -8.325  1.00 15.05 ? 136 ASN A ND2 1 
ATOM   617  N N   . TRP A 1 97  ? 3.227   -5.775  -9.958  1.00 15.82 ? 137 TRP A N   1 
ATOM   618  C CA  . TRP A 1 97  ? 2.675   -4.420  -9.896  1.00 18.84 ? 137 TRP A CA  1 
ATOM   619  C C   . TRP A 1 97  ? 1.416   -4.352  -9.031  1.00 18.90 ? 137 TRP A C   1 
ATOM   620  O O   . TRP A 1 97  ? 1.179   -3.348  -8.351  1.00 16.27 ? 137 TRP A O   1 
ATOM   621  C CB  . TRP A 1 97  ? 2.373   -3.886  -11.303 1.00 18.76 ? 137 TRP A CB  1 
ATOM   622  C CG  . TRP A 1 97  ? 3.611   -3.479  -12.073 1.00 22.38 ? 137 TRP A CG  1 
ATOM   623  C CD1 . TRP A 1 97  ? 4.065   -4.014  -13.249 1.00 23.94 ? 137 TRP A CD1 1 
ATOM   624  C CD2 . TRP A 1 97  ? 4.556   -2.464  -11.701 1.00 18.98 ? 137 TRP A CD2 1 
ATOM   625  N NE1 . TRP A 1 97  ? 5.231   -3.388  -13.634 1.00 22.33 ? 137 TRP A NE1 1 
ATOM   626  C CE2 . TRP A 1 97  ? 5.555   -2.436  -12.699 1.00 23.68 ? 137 TRP A CE2 1 
ATOM   627  C CE3 . TRP A 1 97  ? 4.656   -1.574  -10.620 1.00 20.82 ? 137 TRP A CE3 1 
ATOM   628  C CZ2 . TRP A 1 97  ? 6.634   -1.550  -12.652 1.00 23.26 ? 137 TRP A CZ2 1 
ATOM   629  C CZ3 . TRP A 1 97  ? 5.732   -0.693  -10.576 1.00 20.84 ? 137 TRP A CZ3 1 
ATOM   630  C CH2 . TRP A 1 97  ? 6.705   -0.690  -11.587 1.00 19.74 ? 137 TRP A CH2 1 
ATOM   631  N N   . GLY A 1 98  ? 0.625   -5.424  -9.054  1.00 15.94 ? 138 GLY A N   1 
ATOM   632  C CA  . GLY A 1 98  ? -0.597  -5.489  -8.272  1.00 16.29 ? 138 GLY A CA  1 
ATOM   633  C C   . GLY A 1 98  ? -0.313  -5.481  -6.777  1.00 15.95 ? 138 GLY A C   1 
ATOM   634  O O   . GLY A 1 98  ? -0.992  -4.792  -6.008  1.00 12.42 ? 138 GLY A O   1 
ATOM   635  N N   . ARG A 1 99  ? 0.689   -6.249  -6.365  1.00 13.05 ? 139 ARG A N   1 
ATOM   636  C CA  . ARG A 1 99  ? 1.098   -6.265  -4.965  1.00 13.23 ? 139 ARG A CA  1 
ATOM   637  C C   . ARG A 1 99  ? 1.724   -4.929  -4.560  1.00 12.23 ? 139 ARG A C   1 
ATOM   638  O O   . ARG A 1 99  ? 1.627   -4.520  -3.411  1.00 13.18 ? 139 ARG A O   1 
ATOM   639  C CB  . ARG A 1 99  ? 2.074   -7.423  -4.698  1.00 14.00 ? 139 ARG A CB  1 
ATOM   640  C CG  . ARG A 1 99  ? 1.409   -8.788  -4.868  1.00 13.99 ? 139 ARG A CG  1 
ATOM   641  C CD  . ARG A 1 99  ? 2.224   -9.924  -4.302  1.00 15.87 ? 139 ARG A CD  1 
ATOM   642  N NE  . ARG A 1 99  ? 1.538   -11.194 -4.528  1.00 16.10 ? 139 ARG A NE  1 
ATOM   643  C CZ  . ARG A 1 99  ? 1.874   -12.349 -3.971  1.00 16.95 ? 139 ARG A CZ  1 
ATOM   644  N NH1 . ARG A 1 99  ? 2.884   -12.404 -3.119  1.00 19.35 ? 139 ARG A NH1 1 
ATOM   645  N NH2 . ARG A 1 99  ? 1.172   -13.448 -4.247  1.00 16.49 ? 139 ARG A NH2 1 
ATOM   646  N N   . ILE A 1 100 ? 2.364   -4.244  -5.494  1.00 12.51 ? 140 ILE A N   1 
ATOM   647  C CA  . ILE A 1 100 ? 2.882   -2.920  -5.171  1.00 16.00 ? 140 ILE A CA  1 
ATOM   648  C C   . ILE A 1 100 ? 1.711   -1.945  -4.948  1.00 15.20 ? 140 ILE A C   1 
ATOM   649  O O   . ILE A 1 100 ? 1.755   -1.125  -4.024  1.00 14.36 ? 140 ILE A O   1 
ATOM   650  C CB  . ILE A 1 100 ? 3.852   -2.408  -6.255  1.00 13.91 ? 140 ILE A CB  1 
ATOM   651  C CG1 . ILE A 1 100 ? 5.164   -3.212  -6.173  1.00 14.04 ? 140 ILE A CG1 1 
ATOM   652  C CG2 . ILE A 1 100 ? 4.158   -0.929  -6.060  1.00 15.07 ? 140 ILE A CG2 1 
ATOM   653  C CD1 . ILE A 1 100 ? 6.232   -2.781  -7.174  1.00 17.21 ? 140 ILE A CD1 1 
ATOM   654  N N   . VAL A 1 101 ? 0.657   -2.049  -5.753  1.00 10.09 ? 141 VAL A N   1 
ATOM   655  C CA  . VAL A 1 101 ? -0.554  -1.246  -5.493  1.00 12.60 ? 141 VAL A CA  1 
ATOM   656  C C   . VAL A 1 101 ? -1.139  -1.572  -4.102  1.00 11.08 ? 141 VAL A C   1 
ATOM   657  O O   . VAL A 1 101 ? -1.544  -0.673  -3.372  1.00 10.39 ? 141 VAL A O   1 
ATOM   658  C CB  . VAL A 1 101 ? -1.645  -1.460  -6.575  1.00 11.92 ? 141 VAL A CB  1 
ATOM   659  C CG1 . VAL A 1 101 ? -2.929  -0.685  -6.220  1.00 11.49 ? 141 VAL A CG1 1 
ATOM   660  C CG2 . VAL A 1 101 ? -1.124  -1.027  -7.959  1.00 13.20 ? 141 VAL A CG2 1 
ATOM   661  N N   . ALA A 1 102 ? -1.156  -2.855  -3.740  1.00 11.50 ? 142 ALA A N   1 
ATOM   662  C CA  . ALA A 1 102 ? -1.651  -3.299  -2.432  1.00 12.41 ? 142 ALA A CA  1 
ATOM   663  C C   . ALA A 1 102 ? -0.856  -2.658  -1.292  1.00 13.13 ? 142 ALA A C   1 
ATOM   664  O O   . ALA A 1 102 ? -1.419  -2.258  -0.276  1.00 11.36 ? 142 ALA A O   1 
ATOM   665  C CB  . ALA A 1 102 ? -1.584  -4.828  -2.321  1.00 9.28  ? 142 ALA A CB  1 
ATOM   666  N N   . PHE A 1 103 ? 0.456   -2.599  -1.480  1.00 10.25 ? 143 PHE A N   1 
ATOM   667  C CA  . PHE A 1 103 ? 1.381   -1.941  -0.553  1.00 12.46 ? 143 PHE A CA  1 
ATOM   668  C C   . PHE A 1 103 ? 0.999   -0.470  -0.341  1.00 11.76 ? 143 PHE A C   1 
ATOM   669  O O   . PHE A 1 103 ? 0.882   -0.001  0.804   1.00 12.58 ? 143 PHE A O   1 
ATOM   670  C CB  . PHE A 1 103 ? 2.802   -2.096  -1.103  1.00 11.68 ? 143 PHE A CB  1 
ATOM   671  C CG  . PHE A 1 103 ? 3.852   -1.268  -0.411  1.00 14.17 ? 143 PHE A CG  1 
ATOM   672  C CD1 . PHE A 1 103 ? 4.504   -1.749  0.718   1.00 12.39 ? 143 PHE A CD1 1 
ATOM   673  C CD2 . PHE A 1 103 ? 4.241   -0.040  -0.938  1.00 13.72 ? 143 PHE A CD2 1 
ATOM   674  C CE1 . PHE A 1 103 ? 5.514   -0.998  1.336   1.00 16.12 ? 143 PHE A CE1 1 
ATOM   675  C CE2 . PHE A 1 103 ? 5.240   0.714   -0.331  1.00 17.67 ? 143 PHE A CE2 1 
ATOM   676  C CZ  . PHE A 1 103 ? 5.878   0.232   0.813   1.00 14.37 ? 143 PHE A CZ  1 
ATOM   677  N N   . PHE A 1 104 ? 0.771   0.260   -1.427  1.00 11.18 ? 144 PHE A N   1 
ATOM   678  C CA  . PHE A 1 104 ? 0.340   1.646   -1.290  1.00 11.69 ? 144 PHE A CA  1 
ATOM   679  C C   . PHE A 1 104 ? -1.025  1.741   -0.587  1.00 13.63 ? 144 PHE A C   1 
ATOM   680  O O   . PHE A 1 104 ? -1.186  2.538   0.345   1.00 11.21 ? 144 PHE A O   1 
ATOM   681  C CB  . PHE A 1 104 ? 0.290   2.351   -2.652  1.00 14.06 ? 144 PHE A CB  1 
ATOM   682  C CG  . PHE A 1 104 ? 1.633   2.885   -3.110  1.00 16.13 ? 144 PHE A CG  1 
ATOM   683  C CD1 . PHE A 1 104 ? 1.989   4.207   -2.879  1.00 15.84 ? 144 PHE A CD1 1 
ATOM   684  C CD2 . PHE A 1 104 ? 2.531   2.064   -3.778  1.00 13.34 ? 144 PHE A CD2 1 
ATOM   685  C CE1 . PHE A 1 104 ? 3.221   4.699   -3.304  1.00 13.87 ? 144 PHE A CE1 1 
ATOM   686  C CE2 . PHE A 1 104 ? 3.766   2.544   -4.207  1.00 15.50 ? 144 PHE A CE2 1 
ATOM   687  C CZ  . PHE A 1 104 ? 4.107   3.869   -3.973  1.00 16.69 ? 144 PHE A CZ  1 
ATOM   688  N N   . SER A 1 105 ? -1.997  0.929   -1.012  1.00 12.51 ? 145 SER A N   1 
ATOM   689  C CA  . SER A 1 105 ? -3.318  0.962   -0.374  1.00 10.51 ? 145 SER A CA  1 
ATOM   690  C C   . SER A 1 105 ? -3.248  0.653   1.115   1.00 12.27 ? 145 SER A C   1 
ATOM   691  O O   . SER A 1 105 ? -3.956  1.262   1.896   1.00 12.67 ? 145 SER A O   1 
ATOM   692  C CB  . SER A 1 105 ? -4.294  -0.017  -1.044  1.00 12.36 ? 145 SER A CB  1 
ATOM   693  O OG  . SER A 1 105 ? -4.652  0.456   -2.328  1.00 24.83 ? 145 SER A OG  1 
ATOM   694  N N   . PHE A 1 106 ? -2.416  -0.314  1.495   1.00 10.68 ? 146 PHE A N   1 
ATOM   695  C CA  . PHE A 1 106 ? -2.247  -0.685  2.896   1.00 11.55 ? 146 PHE A CA  1 
ATOM   696  C C   . PHE A 1 106 ? -1.724  0.501   3.724   1.00 13.42 ? 146 PHE A C   1 
ATOM   697  O O   . PHE A 1 106 ? -2.252  0.802   4.800   1.00 10.91 ? 146 PHE A O   1 
ATOM   698  C CB  . PHE A 1 106 ? -1.297  -1.879  3.007   1.00 11.44 ? 146 PHE A CB  1 
ATOM   699  C CG  . PHE A 1 106 ? -0.906  -2.230  4.428   1.00 11.10 ? 146 PHE A CG  1 
ATOM   700  C CD1 . PHE A 1 106 ? -1.866  -2.542  5.378   1.00 12.31 ? 146 PHE A CD1 1 
ATOM   701  C CD2 . PHE A 1 106 ? 0.434   -2.281  4.794   1.00 13.63 ? 146 PHE A CD2 1 
ATOM   702  C CE1 . PHE A 1 106 ? -1.499  -2.870  6.694   1.00 12.67 ? 146 PHE A CE1 1 
ATOM   703  C CE2 . PHE A 1 106 ? 0.814   -2.614  6.087   1.00 14.85 ? 146 PHE A CE2 1 
ATOM   704  C CZ  . PHE A 1 106 ? -0.149  -2.911  7.040   1.00 13.10 ? 146 PHE A CZ  1 
ATOM   705  N N   . GLY A 1 107 ? -0.689  1.164   3.208   1.00 13.15 ? 147 GLY A N   1 
ATOM   706  C CA  . GLY A 1 107 ? -0.181  2.399   3.789   1.00 11.73 ? 147 GLY A CA  1 
ATOM   707  C C   . GLY A 1 107 ? -1.277  3.441   3.967   1.00 11.74 ? 147 GLY A C   1 
ATOM   708  O O   . GLY A 1 107 ? -1.371  4.076   5.025   1.00 13.05 ? 147 GLY A O   1 
ATOM   709  N N   . GLY A 1 108 ? -2.093  3.624   2.930   1.00 12.16 ? 148 GLY A N   1 
ATOM   710  C CA  . GLY A 1 108 ? -3.229  4.529   2.987   1.00 12.19 ? 148 GLY A CA  1 
ATOM   711  C C   . GLY A 1 108 ? -4.173  4.198   4.131   1.00 15.42 ? 148 GLY A C   1 
ATOM   712  O O   . GLY A 1 108 ? -4.591  5.088   4.871   1.00 14.11 ? 148 GLY A O   1 
ATOM   713  N N   . ALA A 1 109 ? -4.511  2.916   4.270   1.00 15.60 ? 149 ALA A N   1 
ATOM   714  C CA  . ALA A 1 109 ? -5.384  2.454   5.356   1.00 15.75 ? 149 ALA A CA  1 
ATOM   715  C C   . ALA A 1 109 ? -4.788  2.747   6.736   1.00 14.98 ? 149 ALA A C   1 
ATOM   716  O O   . ALA A 1 109 ? -5.489  3.187   7.644   1.00 15.01 ? 149 ALA A O   1 
ATOM   717  C CB  . ALA A 1 109 ? -5.659  0.972   5.216   1.00 12.85 ? 149 ALA A CB  1 
ATOM   718  N N   . LEU A 1 110 ? -3.501  2.485   6.897   1.00 13.60 ? 150 LEU A N   1 
ATOM   719  C CA  . LEU A 1 110 ? -2.822  2.792   8.155   1.00 13.87 ? 150 LEU A CA  1 
ATOM   720  C C   . LEU A 1 110 ? -2.903  4.288   8.464   1.00 13.00 ? 150 LEU A C   1 
ATOM   721  O O   . LEU A 1 110 ? -3.059  4.683   9.618   1.00 14.11 ? 150 LEU A O   1 
ATOM   722  C CB  . LEU A 1 110 ? -1.361  2.345   8.102   1.00 12.58 ? 150 LEU A CB  1 
ATOM   723  C CG  . LEU A 1 110 ? -1.090  0.843   8.017   1.00 12.81 ? 150 LEU A CG  1 
ATOM   724  C CD1 . LEU A 1 110 ? 0.413   0.571   7.924   1.00 14.44 ? 150 LEU A CD1 1 
ATOM   725  C CD2 . LEU A 1 110 ? -1.693  0.110   9.221   1.00 11.05 ? 150 LEU A CD2 1 
ATOM   726  N N   . CYS A 1 111 ? -2.792  5.123   7.436   1.00 12.92 ? 151 CYS A N   1 
ATOM   727  C CA  . CYS A 1 111 ? -2.842  6.565   7.661   1.00 16.49 ? 151 CYS A CA  1 
ATOM   728  C C   . CYS A 1 111 ? -4.246  7.032   8.054   1.00 16.70 ? 151 CYS A C   1 
ATOM   729  O O   . CYS A 1 111 ? -4.394  7.830   8.977   1.00 16.40 ? 151 CYS A O   1 
ATOM   730  C CB  . CYS A 1 111 ? -2.339  7.313   6.430   1.00 13.06 ? 151 CYS A CB  1 
ATOM   731  S SG  . CYS A 1 111 ? -0.533  7.157   6.234   1.00 13.41 ? 151 CYS A SG  1 
ATOM   732  N N   . VAL A 1 112 ? -5.269  6.510   7.383   1.00 15.08 ? 152 VAL A N   1 
ATOM   733  C CA  . VAL A 1 112 ? -6.644  6.896   7.675   1.00 14.70 ? 152 VAL A CA  1 
ATOM   734  C C   . VAL A 1 112 ? -7.005  6.498   9.103   1.00 19.25 ? 152 VAL A C   1 
ATOM   735  O O   . VAL A 1 112 ? -7.543  7.319   9.861   1.00 18.22 ? 152 VAL A O   1 
ATOM   736  C CB  . VAL A 1 112 ? -7.656  6.272   6.660   1.00 16.09 ? 152 VAL A CB  1 
ATOM   737  C CG1 . VAL A 1 112 ? -9.079  6.614   7.050   1.00 18.89 ? 152 VAL A CG1 1 
ATOM   738  C CG2 . VAL A 1 112 ? -7.379  6.784   5.257   1.00 14.26 ? 152 VAL A CG2 1 
ATOM   739  N N   . GLU A 1 113 ? -6.695  5.258   9.478   1.00 15.72 ? 153 GLU A N   1 
ATOM   740  C CA  . GLU A 1 113 ? -6.881  4.798   10.856  1.00 17.79 ? 153 GLU A CA  1 
ATOM   741  C C   . GLU A 1 113 ? -6.135  5.702   11.843  1.00 20.62 ? 153 GLU A C   1 
ATOM   742  O O   . GLU A 1 113 ? -6.674  6.076   12.894  1.00 17.77 ? 153 GLU A O   1 
ATOM   743  C CB  . GLU A 1 113 ? -6.400  3.353   11.000  1.00 20.58 ? 153 GLU A CB  1 
ATOM   744  C CG  . GLU A 1 113 ? -6.145  2.879   12.438  1.00 26.75 ? 153 GLU A CG  1 
ATOM   745  C CD  . GLU A 1 113 ? -7.371  2.246   13.088  1.00 27.49 ? 153 GLU A CD  1 
ATOM   746  O OE1 . GLU A 1 113 ? -8.479  2.426   12.549  1.00 30.18 ? 153 GLU A OE1 1 
ATOM   747  O OE2 . GLU A 1 113 ? -7.222  1.565   14.133  1.00 24.58 ? 153 GLU A OE2 1 
ATOM   748  N N   . SER A 1 114 ? -4.897  6.058   11.500  1.00 15.91 ? 154 SER A N   1 
ATOM   749  C CA  . SER A 1 114 ? -4.092  6.912   12.368  1.00 16.71 ? 154 SER A CA  1 
ATOM   750  C C   . SER A 1 114 ? -4.759  8.274   12.596  1.00 14.93 ? 154 SER A C   1 
ATOM   751  O O   . SER A 1 114 ? -4.853  8.754   13.726  1.00 14.33 ? 154 SER A O   1 
ATOM   752  C CB  . SER A 1 114 ? -2.683  7.103   11.783  1.00 14.22 ? 154 SER A CB  1 
ATOM   753  O OG  . SER A 1 114 ? -1.959  5.885   11.810  1.00 14.20 ? 154 SER A OG  1 
ATOM   754  N N   . VAL A 1 115 ? -5.224  8.891   11.520  1.00 15.95 ? 155 VAL A N   1 
ATOM   755  C CA  . VAL A 1 115 ? -5.831  10.204  11.637  1.00 17.22 ? 155 VAL A CA  1 
ATOM   756  C C   . VAL A 1 115 ? -7.170  10.087  12.359  1.00 18.83 ? 155 VAL A C   1 
ATOM   757  O O   . VAL A 1 115 ? -7.455  10.889  13.244  1.00 19.87 ? 155 VAL A O   1 
ATOM   758  C CB  . VAL A 1 115 ? -6.014  10.884  10.268  1.00 18.00 ? 155 VAL A CB  1 
ATOM   759  C CG1 . VAL A 1 115 ? -6.767  12.203  10.436  1.00 18.26 ? 155 VAL A CG1 1 
ATOM   760  C CG2 . VAL A 1 115 ? -4.653  11.149  9.633   1.00 13.66 ? 155 VAL A CG2 1 
ATOM   761  N N   . ASP A 1 116 ? -7.961  9.069   12.005  1.00 15.14 ? 156 ASP A N   1 
ATOM   762  C CA  . ASP A 1 116 ? -9.207  8.751   12.720  1.00 15.73 ? 156 ASP A CA  1 
ATOM   763  C C   . ASP A 1 116 ? -9.050  8.754   14.241  1.00 17.25 ? 156 ASP A C   1 
ATOM   764  O O   . ASP A 1 116 ? -9.900  9.270   14.954  1.00 17.72 ? 156 ASP A O   1 
ATOM   765  C CB  . ASP A 1 116 ? -9.748  7.373   12.320  1.00 19.25 ? 156 ASP A CB  1 
ATOM   766  C CG  . ASP A 1 116 ? -10.401 7.354   10.951  1.00 27.14 ? 156 ASP A CG  1 
ATOM   767  O OD1 . ASP A 1 116 ? -10.706 8.432   10.392  1.00 30.26 ? 156 ASP A OD1 1 
ATOM   768  O OD2 . ASP A 1 116 ? -10.648 6.234   10.451  1.00 31.64 ? 156 ASP A OD2 1 
ATOM   769  N N   . LYS A 1 117 ? -7.973  8.149   14.733  1.00 14.51 ? 157 LYS A N   1 
ATOM   770  C CA  . LYS A 1 117 ? -7.813  7.943   16.168  1.00 12.09 ? 157 LYS A CA  1 
ATOM   771  C C   . LYS A 1 117 ? -6.839  8.942   16.789  1.00 14.29 ? 157 LYS A C   1 
ATOM   772  O O   . LYS A 1 117 ? -6.292  8.699   17.867  1.00 12.87 ? 157 LYS A O   1 
ATOM   773  C CB  . LYS A 1 117 ? -7.370  6.500   16.426  1.00 14.25 ? 157 LYS A CB  1 
ATOM   774  C CG  . LYS A 1 117 ? -8.328  5.528   15.757  1.00 22.13 ? 157 LYS A CG  1 
ATOM   775  C CD  . LYS A 1 117 ? -8.667  4.329   16.596  1.00 25.84 ? 157 LYS A CD  1 
ATOM   776  C CE  . LYS A 1 117 ? -9.788  3.531   15.935  1.00 23.72 ? 157 LYS A CE  1 
ATOM   777  N NZ  . LYS A 1 117 ? -9.617  2.076   16.162  1.00 29.98 ? 157 LYS A NZ  1 
ATOM   778  N N   . GLU A 1 118 ? -6.637  10.059  16.091  1.00 12.39 ? 158 GLU A N   1 
ATOM   779  C CA  . GLU A 1 118 ? -5.890  11.202  16.605  1.00 17.82 ? 158 GLU A CA  1 
ATOM   780  C C   . GLU A 1 118 ? -4.442  10.833  16.908  1.00 13.11 ? 158 GLU A C   1 
ATOM   781  O O   . GLU A 1 118 ? -3.856  11.292  17.880  1.00 13.94 ? 158 GLU A O   1 
ATOM   782  C CB  . GLU A 1 118 ? -6.606  11.787  17.841  1.00 14.72 ? 158 GLU A CB  1 
ATOM   783  C CG  . GLU A 1 118 ? -8.025  12.279  17.494  1.00 15.43 ? 158 GLU A CG  1 
ATOM   784  C CD  . GLU A 1 118 ? -8.794  12.871  18.679  1.00 20.55 ? 158 GLU A CD  1 
ATOM   785  O OE1 . GLU A 1 118 ? -8.222  13.062  19.773  1.00 18.84 ? 158 GLU A OE1 1 
ATOM   786  O OE2 . GLU A 1 118 ? -9.998  13.115  18.510  1.00 22.23 ? 158 GLU A OE2 1 
ATOM   787  N N   . MET A 1 119 ? -3.874  10.001  16.040  1.00 14.17 ? 159 MET A N   1 
ATOM   788  C CA  . MET A 1 119 ? -2.434  9.725   16.011  1.00 14.23 ? 159 MET A CA  1 
ATOM   789  C C   . MET A 1 119 ? -1.866  10.210  14.682  1.00 16.55 ? 159 MET A C   1 
ATOM   790  O O   . MET A 1 119 ? -1.148  9.489   14.004  1.00 14.27 ? 159 MET A O   1 
ATOM   791  C CB  . MET A 1 119 ? -2.159  8.229   16.187  1.00 16.16 ? 159 MET A CB  1 
ATOM   792  C CG  . MET A 1 119 ? -2.719  7.655   17.490  1.00 16.27 ? 159 MET A CG  1 
ATOM   793  S SD  . MET A 1 119 ? -2.517  5.869   17.618  1.00 17.00 ? 159 MET A SD  1 
ATOM   794  C CE  . MET A 1 119 ? -3.590  5.324   16.260  1.00 12.33 ? 159 MET A CE  1 
ATOM   795  N N   . GLN A 1 120 ? -2.198  11.431  14.294  1.00 12.96 ? 160 GLN A N   1 
ATOM   796  C CA  . GLN A 1 120 ? -1.913  11.839  12.922  1.00 20.87 ? 160 GLN A CA  1 
ATOM   797  C C   . GLN A 1 120 ? -0.404  12.003  12.664  1.00 17.99 ? 160 GLN A C   1 
ATOM   798  O O   . GLN A 1 120 ? 0.037   12.042  11.512  1.00 18.68 ? 160 GLN A O   1 
ATOM   799  C CB  . GLN A 1 120 ? -2.670  13.127  12.571  1.00 21.66 ? 160 GLN A CB  1 
ATOM   800  C CG  . GLN A 1 120 ? -2.208  14.336  13.310  1.00 21.02 ? 160 GLN A CG  1 
ATOM   801  C CD  . GLN A 1 120 ? -2.672  14.343  14.752  1.00 31.57 ? 160 GLN A CD  1 
ATOM   802  O OE1 . GLN A 1 120 ? -3.681  13.711  15.103  1.00 25.87 ? 160 GLN A OE1 1 
ATOM   803  N NE2 . GLN A 1 120 ? -1.930  15.052  15.602  1.00 35.12 ? 160 GLN A NE2 1 
ATOM   804  N N   . VAL A 1 121 ? 0.386   12.068  13.727  1.00 13.78 ? 161 VAL A N   1 
ATOM   805  C CA  . VAL A 1 121 ? 1.831   12.125  13.568  1.00 14.68 ? 161 VAL A CA  1 
ATOM   806  C C   . VAL A 1 121 ? 2.346   10.836  12.903  1.00 19.81 ? 161 VAL A C   1 
ATOM   807  O O   . VAL A 1 121 ? 3.384   10.849  12.245  1.00 16.27 ? 161 VAL A O   1 
ATOM   808  C CB  . VAL A 1 121 ? 2.548   12.360  14.929  1.00 18.74 ? 161 VAL A CB  1 
ATOM   809  C CG1 . VAL A 1 121 ? 2.396   11.161  15.857  1.00 16.03 ? 161 VAL A CG1 1 
ATOM   810  C CG2 . VAL A 1 121 ? 4.015   12.683  14.712  1.00 23.14 ? 161 VAL A CG2 1 
ATOM   811  N N   . LEU A 1 122 ? 1.605   9.730   13.048  1.00 15.43 ? 162 LEU A N   1 
ATOM   812  C CA  . LEU A 1 122 ? 2.019   8.476   12.422  1.00 13.75 ? 162 LEU A CA  1 
ATOM   813  C C   . LEU A 1 122 ? 1.982   8.551   10.890  1.00 14.40 ? 162 LEU A C   1 
ATOM   814  O O   . LEU A 1 122 ? 2.672   7.776   10.229  1.00 16.75 ? 162 LEU A O   1 
ATOM   815  C CB  . LEU A 1 122 ? 1.157   7.303   12.911  1.00 13.07 ? 162 LEU A CB  1 
ATOM   816  C CG  . LEU A 1 122 ? 1.284   7.003   14.412  1.00 16.77 ? 162 LEU A CG  1 
ATOM   817  C CD1 . LEU A 1 122 ? 0.472   5.759   14.829  1.00 13.26 ? 162 LEU A CD1 1 
ATOM   818  C CD2 . LEU A 1 122 ? 2.753   6.873   14.835  1.00 13.89 ? 162 LEU A CD2 1 
ATOM   819  N N   . VAL A 1 123 ? 1.191   9.467   10.331  1.00 14.54 ? 163 VAL A N   1 
ATOM   820  C CA  . VAL A 1 123 ? 1.118   9.618   8.872   1.00 14.12 ? 163 VAL A CA  1 
ATOM   821  C C   . VAL A 1 123 ? 2.508   9.873   8.273   1.00 15.22 ? 163 VAL A C   1 
ATOM   822  O O   . VAL A 1 123 ? 2.910   9.193   7.329   1.00 13.95 ? 163 VAL A O   1 
ATOM   823  C CB  . VAL A 1 123 ? 0.162   10.764  8.456   1.00 15.00 ? 163 VAL A CB  1 
ATOM   824  C CG1 . VAL A 1 123 ? 0.212   11.009  6.928   1.00 11.97 ? 163 VAL A CG1 1 
ATOM   825  C CG2 . VAL A 1 123 ? -1.269  10.471  8.912   1.00 14.61 ? 163 VAL A CG2 1 
ATOM   826  N N   . SER A 1 124 ? 3.247   10.840  8.822   1.00 13.99 ? 164 SER A N   1 
ATOM   827  C CA  . SER A 1 124 ? 4.597   11.134  8.314   1.00 15.61 ? 164 SER A CA  1 
ATOM   828  C C   . SER A 1 124 ? 5.561   9.965   8.550   1.00 13.92 ? 164 SER A C   1 
ATOM   829  O O   . SER A 1 124 ? 6.463   9.753   7.761   1.00 13.45 ? 164 SER A O   1 
ATOM   830  C CB  . SER A 1 124 ? 5.167   12.423  8.950   1.00 16.77 ? 164 SER A CB  1 
ATOM   831  O OG  . SER A 1 124 ? 5.319   12.267  10.349  1.00 19.48 ? 164 SER A OG  1 
ATOM   832  N N   . ARG A 1 125 ? 5.373   9.196   9.622   1.00 11.37 ? 165 ARG A N   1 
ATOM   833  C CA  . ARG A 1 125 ? 6.238   8.039   9.847   1.00 13.20 ? 165 ARG A CA  1 
ATOM   834  C C   . ARG A 1 125 ? 5.948   6.892   8.865   1.00 11.53 ? 165 ARG A C   1 
ATOM   835  O O   . ARG A 1 125 ? 6.863   6.286   8.321   1.00 13.31 ? 165 ARG A O   1 
ATOM   836  C CB  . ARG A 1 125 ? 6.092   7.535   11.287  1.00 13.09 ? 165 ARG A CB  1 
ATOM   837  C CG  . ARG A 1 125 ? 6.368   8.632   12.319  1.00 14.26 ? 165 ARG A CG  1 
ATOM   838  C CD  . ARG A 1 125 ? 6.339   8.158   13.765  1.00 12.70 ? 165 ARG A CD  1 
ATOM   839  N NE  . ARG A 1 125 ? 6.338   9.344   14.627  1.00 14.68 ? 165 ARG A NE  1 
ATOM   840  C CZ  . ARG A 1 125 ? 6.109   9.338   15.937  1.00 18.04 ? 165 ARG A CZ  1 
ATOM   841  N NH1 . ARG A 1 125 ? 5.886   8.200   16.565  1.00 16.05 ? 165 ARG A NH1 1 
ATOM   842  N NH2 . ARG A 1 125 ? 6.122   10.485  16.613  1.00 19.78 ? 165 ARG A NH2 1 
ATOM   843  N N   . ILE A 1 126 ? 4.670   6.580   8.683   1.00 11.72 ? 166 ILE A N   1 
ATOM   844  C CA  . ILE A 1 126 ? 4.249   5.564   7.723   1.00 12.24 ? 166 ILE A CA  1 
ATOM   845  C C   . ILE A 1 126 ? 4.757   5.919   6.317   1.00 11.23 ? 166 ILE A C   1 
ATOM   846  O O   . ILE A 1 126 ? 5.260   5.060   5.611   1.00 12.50 ? 166 ILE A O   1 
ATOM   847  C CB  . ILE A 1 126 ? 2.700   5.402   7.719   1.00 9.39  ? 166 ILE A CB  1 
ATOM   848  C CG1 . ILE A 1 126 ? 2.229   4.837   9.060   1.00 11.26 ? 166 ILE A CG1 1 
ATOM   849  C CG2 . ILE A 1 126 ? 2.237   4.489   6.560   1.00 9.65  ? 166 ILE A CG2 1 
ATOM   850  C CD1 . ILE A 1 126 ? 0.768   5.125   9.376   1.00 10.46 ? 166 ILE A CD1 1 
ATOM   851  N N   . ALA A 1 127 ? 4.646   7.190   5.932   1.00 10.76 ? 167 ALA A N   1 
ATOM   852  C CA  . ALA A 1 127 ? 5.128   7.642   4.624   1.00 12.21 ? 167 ALA A CA  1 
ATOM   853  C C   . ALA A 1 127 ? 6.623   7.347   4.446   1.00 14.63 ? 167 ALA A C   1 
ATOM   854  O O   . ALA A 1 127 ? 7.058   6.832   3.404   1.00 14.56 ? 167 ALA A O   1 
ATOM   855  C CB  . ALA A 1 127 ? 4.851   9.151   4.439   1.00 12.06 ? 167 ALA A CB  1 
ATOM   856  N N   . ALA A 1 128 ? 7.400   7.687   5.469   1.00 14.36 ? 168 ALA A N   1 
ATOM   857  C CA  . ALA A 1 128 ? 8.839   7.476   5.462   1.00 14.42 ? 168 ALA A CA  1 
ATOM   858  C C   . ALA A 1 128 ? 9.180   5.990   5.424   1.00 16.33 ? 168 ALA A C   1 
ATOM   859  O O   . ALA A 1 128 ? 10.100  5.576   4.714   1.00 15.13 ? 168 ALA A O   1 
ATOM   860  C CB  . ALA A 1 128 ? 9.468   8.123   6.691   1.00 16.90 ? 168 ALA A CB  1 
ATOM   861  N N   . TRP A 1 129 ? 8.462   5.197   6.221   1.00 12.84 ? 169 TRP A N   1 
ATOM   862  C CA  . TRP A 1 129 ? 8.671   3.750   6.238   1.00 12.21 ? 169 TRP A CA  1 
ATOM   863  C C   . TRP A 1 129 ? 8.373   3.162   4.857   1.00 14.07 ? 169 TRP A C   1 
ATOM   864  O O   . TRP A 1 129 ? 9.069   2.264   4.387   1.00 13.24 ? 169 TRP A O   1 
ATOM   865  C CB  . TRP A 1 129 ? 7.783   3.086   7.306   1.00 12.01 ? 169 TRP A CB  1 
ATOM   866  C CG  . TRP A 1 129 ? 8.136   3.508   8.727   1.00 13.56 ? 169 TRP A CG  1 
ATOM   867  C CD1 . TRP A 1 129 ? 9.348   3.979   9.179   1.00 14.25 ? 169 TRP A CD1 1 
ATOM   868  C CD2 . TRP A 1 129 ? 7.253   3.532   9.861   1.00 14.54 ? 169 TRP A CD2 1 
ATOM   869  N NE1 . TRP A 1 129 ? 9.273   4.269   10.528  1.00 12.94 ? 169 TRP A NE1 1 
ATOM   870  C CE2 . TRP A 1 129 ? 8.003   4.005   10.971  1.00 15.73 ? 169 TRP A CE2 1 
ATOM   871  C CE3 . TRP A 1 129 ? 5.914   3.185   10.052  1.00 12.75 ? 169 TRP A CE3 1 
ATOM   872  C CZ2 . TRP A 1 129 ? 7.448   4.143   12.246  1.00 14.64 ? 169 TRP A CZ2 1 
ATOM   873  C CZ3 . TRP A 1 129 ? 5.365   3.323   11.312  1.00 13.98 ? 169 TRP A CZ3 1 
ATOM   874  C CH2 . TRP A 1 129 ? 6.128   3.802   12.394  1.00 14.50 ? 169 TRP A CH2 1 
ATOM   875  N N   . MET A 1 130 ? 7.325   3.670   4.216   1.00 11.38 ? 170 MET A N   1 
ATOM   876  C CA  . MET A 1 130 ? 6.948   3.170   2.896   1.00 15.63 ? 170 MET A CA  1 
ATOM   877  C C   . MET A 1 130 ? 8.018   3.513   1.875   1.00 13.55 ? 170 MET A C   1 
ATOM   878  O O   . MET A 1 130 ? 8.414   2.667   1.081   1.00 15.34 ? 170 MET A O   1 
ATOM   879  C CB  . MET A 1 130 ? 5.592   3.740   2.458   1.00 9.91  ? 170 MET A CB  1 
ATOM   880  C CG  . MET A 1 130 ? 4.410   3.072   3.152   1.00 8.38  ? 170 MET A CG  1 
ATOM   881  S SD  . MET A 1 130 ? 2.903   3.981   2.821   1.00 14.06 ? 170 MET A SD  1 
ATOM   882  C CE  . MET A 1 130 ? 2.659   3.634   1.080   1.00 13.19 ? 170 MET A CE  1 
ATOM   883  N N   . ALA A 1 131 ? 8.482   4.760   1.913   1.00 13.34 ? 171 ALA A N   1 
ATOM   884  C CA  . ALA A 1 131 ? 9.491   5.243   0.976   1.00 15.35 ? 171 ALA A CA  1 
ATOM   885  C C   . ALA A 1 131 ? 10.784  4.456   1.109   1.00 15.70 ? 171 ALA A C   1 
ATOM   886  O O   . ALA A 1 131 ? 11.406  4.086   0.120   1.00 16.25 ? 171 ALA A O   1 
ATOM   887  C CB  . ALA A 1 131 ? 9.747   6.722   1.197   1.00 17.27 ? 171 ALA A CB  1 
ATOM   888  N N   . THR A 1 132 ? 11.176  4.193   2.346   1.00 15.51 ? 172 THR A N   1 
ATOM   889  C CA  . THR A 1 132 ? 12.389  3.442   2.623   1.00 13.47 ? 172 THR A CA  1 
ATOM   890  C C   . THR A 1 132 ? 12.252  1.996   2.150   1.00 18.16 ? 172 THR A C   1 
ATOM   891  O O   . THR A 1 132 ? 13.204  1.397   1.651   1.00 15.93 ? 172 THR A O   1 
ATOM   892  C CB  . THR A 1 132 ? 12.712  3.484   4.139   1.00 13.47 ? 172 THR A CB  1 
ATOM   893  O OG1 . THR A 1 132 ? 12.918  4.845   4.536   1.00 16.39 ? 172 THR A OG1 1 
ATOM   894  C CG2 . THR A 1 132 ? 13.945  2.659   4.475   1.00 17.52 ? 172 THR A CG2 1 
ATOM   895  N N   . TYR A 1 133 ? 11.064  1.425   2.314   1.00 16.81 ? 173 TYR A N   1 
ATOM   896  C CA  . TYR A 1 133 ? 10.871  0.049   1.900   1.00 15.47 ? 173 TYR A CA  1 
ATOM   897  C C   . TYR A 1 133 ? 10.937  -0.070  0.375   1.00 17.26 ? 173 TYR A C   1 
ATOM   898  O O   . TYR A 1 133 ? 11.531  -1.012  -0.156  1.00 18.47 ? 173 TYR A O   1 
ATOM   899  C CB  . TYR A 1 133 ? 9.547   -0.491  2.416   1.00 15.75 ? 173 TYR A CB  1 
ATOM   900  C CG  . TYR A 1 133 ? 9.463   -1.983  2.265   1.00 20.94 ? 173 TYR A CG  1 
ATOM   901  C CD1 . TYR A 1 133 ? 9.808   -2.825  3.316   1.00 24.63 ? 173 TYR A CD1 1 
ATOM   902  C CD2 . TYR A 1 133 ? 9.072   -2.552  1.061   1.00 17.39 ? 173 TYR A CD2 1 
ATOM   903  C CE1 . TYR A 1 133 ? 9.740   -4.211  3.170   1.00 27.45 ? 173 TYR A CE1 1 
ATOM   904  C CE2 . TYR A 1 133 ? 9.000   -3.930  0.905   1.00 20.26 ? 173 TYR A CE2 1 
ATOM   905  C CZ  . TYR A 1 133 ? 9.339   -4.749  1.959   1.00 25.18 ? 173 TYR A CZ  1 
ATOM   906  O OH  . TYR A 1 133 ? 9.261   -6.118  1.801   1.00 36.69 ? 173 TYR A OH  1 
ATOM   907  N N   . LEU A 1 134 ? 10.303  0.874   -0.309  1.00 14.23 ? 174 LEU A N   1 
ATOM   908  C CA  . LEU A 1 134 ? 10.384  0.986   -1.763  1.00 16.73 ? 174 LEU A CA  1 
ATOM   909  C C   . LEU A 1 134 ? 11.826  1.112   -2.247  1.00 22.79 ? 174 LEU A C   1 
ATOM   910  O O   . LEU A 1 134 ? 12.276  0.372   -3.130  1.00 23.26 ? 174 LEU A O   1 
ATOM   911  C CB  . LEU A 1 134 ? 9.589   2.201   -2.249  1.00 17.00 ? 174 LEU A CB  1 
ATOM   912  C CG  . LEU A 1 134 ? 8.070   2.062   -2.305  1.00 19.30 ? 174 LEU A CG  1 
ATOM   913  C CD1 . LEU A 1 134 ? 7.449   3.433   -2.459  1.00 17.79 ? 174 LEU A CD1 1 
ATOM   914  C CD2 . LEU A 1 134 ? 7.663   1.146   -3.476  1.00 20.90 ? 174 LEU A CD2 1 
ATOM   915  N N   . ASN A 1 135 ? 12.538  2.075   -1.671  1.00 19.90 ? 175 ASN A N   1 
ATOM   916  C CA  . ASN A 1 135 ? 13.911  2.351   -2.067  1.00 24.20 ? 175 ASN A CA  1 
ATOM   917  C C   . ASN A 1 135 ? 14.858  1.187   -1.791  1.00 22.59 ? 175 ASN A C   1 
ATOM   918  O O   . ASN A 1 135 ? 15.663  0.835   -2.639  1.00 27.04 ? 175 ASN A O   1 
ATOM   919  C CB  . ASN A 1 135 ? 14.404  3.617   -1.374  1.00 21.17 ? 175 ASN A CB  1 
ATOM   920  C CG  . ASN A 1 135 ? 13.788  4.862   -1.960  1.00 25.84 ? 175 ASN A CG  1 
ATOM   921  O OD1 . ASN A 1 135 ? 13.311  4.846   -3.093  1.00 32.39 ? 175 ASN A OD1 1 
ATOM   922  N ND2 . ASN A 1 135 ? 13.790  5.945   -1.198  1.00 30.72 ? 175 ASN A ND2 1 
ATOM   923  N N   . ASP A 1 136 ? 14.750  0.581   -0.616  1.00 23.50 ? 176 ASP A N   1 
ATOM   924  C CA  . ASP A 1 136 ? 15.673  -0.480  -0.241  1.00 22.60 ? 176 ASP A CA  1 
ATOM   925  C C   . ASP A 1 136 ? 15.259  -1.848  -0.772  1.00 29.53 ? 176 ASP A C   1 
ATOM   926  O O   . ASP A 1 136 ? 16.120  -2.678  -1.014  1.00 26.89 ? 176 ASP A O   1 
ATOM   927  C CB  . ASP A 1 136 ? 15.822  -0.589  1.282   1.00 22.38 ? 176 ASP A CB  1 
ATOM   928  C CG  . ASP A 1 136 ? 16.449  0.644   1.914   1.00 25.69 ? 176 ASP A CG  1 
ATOM   929  O OD1 . ASP A 1 136 ? 16.999  1.500   1.190   1.00 31.10 ? 176 ASP A OD1 1 
ATOM   930  O OD2 . ASP A 1 136 ? 16.393  0.743   3.157   1.00 31.76 ? 176 ASP A OD2 1 
ATOM   931  N N   . HIS A 1 137 ? 13.960  -2.107  -0.933  1.00 23.63 ? 177 HIS A N   1 
ATOM   932  C CA  . HIS A 1 137 ? 13.542  -3.483  -1.200  1.00 21.77 ? 177 HIS A CA  1 
ATOM   933  C C   . HIS A 1 137 ? 12.763  -3.729  -2.478  1.00 25.26 ? 177 HIS A C   1 
ATOM   934  O O   . HIS A 1 137 ? 12.800  -4.837  -3.006  1.00 26.95 ? 177 HIS A O   1 
ATOM   935  C CB  . HIS A 1 137 ? 12.726  -4.013  -0.019  1.00 27.21 ? 177 HIS A CB  1 
ATOM   936  C CG  . HIS A 1 137 ? 13.506  -4.066  1.255   1.00 30.91 ? 177 HIS A CG  1 
ATOM   937  N ND1 . HIS A 1 137 ? 14.638  -4.839  1.397   1.00 30.83 ? 177 HIS A ND1 1 
ATOM   938  C CD2 . HIS A 1 137 ? 13.342  -3.417  2.431   1.00 27.86 ? 177 HIS A CD2 1 
ATOM   939  C CE1 . HIS A 1 137 ? 15.131  -4.672  2.610   1.00 33.31 ? 177 HIS A CE1 1 
ATOM   940  N NE2 . HIS A 1 137 ? 14.363  -3.816  3.258   1.00 34.25 ? 177 HIS A NE2 1 
ATOM   941  N N   . LEU A 1 138 ? 12.059  -2.722  -2.982  1.00 22.26 ? 178 LEU A N   1 
ATOM   942  C CA  . LEU A 1 138 ? 11.261  -2.919  -4.187  1.00 21.33 ? 178 LEU A CA  1 
ATOM   943  C C   . LEU A 1 138 ? 11.917  -2.324  -5.423  1.00 26.74 ? 178 LEU A C   1 
ATOM   944  O O   . LEU A 1 138 ? 11.639  -2.742  -6.551  1.00 22.23 ? 178 LEU A O   1 
ATOM   945  C CB  . LEU A 1 138 ? 9.868   -2.326  -3.994  1.00 17.23 ? 178 LEU A CB  1 
ATOM   946  C CG  . LEU A 1 138 ? 9.046   -3.093  -2.951  1.00 21.53 ? 178 LEU A CG  1 
ATOM   947  C CD1 . LEU A 1 138 ? 7.739   -2.381  -2.651  1.00 19.04 ? 178 LEU A CD1 1 
ATOM   948  C CD2 . LEU A 1 138 ? 8.779   -4.509  -3.432  1.00 17.27 ? 178 LEU A CD2 1 
ATOM   949  N N   . GLU A 1 139 ? 12.791  -1.347  -5.202  1.00 27.84 ? 179 GLU A N   1 
ATOM   950  C CA  . GLU A 1 139 ? 13.506  -0.685  -6.288  1.00 27.28 ? 179 GLU A CA  1 
ATOM   951  C C   . GLU A 1 139 ? 14.189  -1.645  -7.281  1.00 25.89 ? 179 GLU A C   1 
ATOM   952  O O   . GLU A 1 139 ? 14.050  -1.460  -8.494  1.00 25.92 ? 179 GLU A O   1 
ATOM   953  C CB  . GLU A 1 139 ? 14.541  0.284   -5.710  1.00 35.26 ? 179 GLU A CB  1 
ATOM   954  C CG  . GLU A 1 139 ? 15.021  1.309   -6.700  1.00 42.09 ? 179 GLU A CG  1 
ATOM   955  C CD  . GLU A 1 139 ? 13.872  2.090   -7.279  1.00 42.30 ? 179 GLU A CD  1 
ATOM   956  O OE1 . GLU A 1 139 ? 13.909  2.400   -8.487  1.00 44.53 ? 179 GLU A OE1 1 
ATOM   957  O OE2 . GLU A 1 139 ? 12.927  2.385   -6.521  1.00 41.58 ? 179 GLU A OE2 1 
ATOM   958  N N   . PRO A 1 140 ? 14.925  -2.662  -6.781  1.00 28.58 ? 180 PRO A N   1 
ATOM   959  C CA  . PRO A 1 140 ? 15.552  -3.596  -7.726  1.00 28.97 ? 180 PRO A CA  1 
ATOM   960  C C   . PRO A 1 140 ? 14.546  -4.284  -8.642  1.00 32.53 ? 180 PRO A C   1 
ATOM   961  O O   . PRO A 1 140 ? 14.797  -4.415  -9.836  1.00 27.88 ? 180 PRO A O   1 
ATOM   962  C CB  . PRO A 1 140 ? 16.224  -4.618  -6.806  1.00 24.35 ? 180 PRO A CB  1 
ATOM   963  C CG  . PRO A 1 140 ? 16.531  -3.843  -5.581  1.00 28.94 ? 180 PRO A CG  1 
ATOM   964  C CD  . PRO A 1 140 ? 15.344  -2.952  -5.395  1.00 25.85 ? 180 PRO A CD  1 
ATOM   965  N N   . TRP A 1 141 ? 13.417  -4.715  -8.086  1.00 25.30 ? 181 TRP A N   1 
ATOM   966  C CA  . TRP A 1 141 ? 12.391  -5.340  -8.900  1.00 21.34 ? 181 TRP A CA  1 
ATOM   967  C C   . TRP A 1 141 ? 11.783  -4.329  -9.870  1.00 24.23 ? 181 TRP A C   1 
ATOM   968  O O   . TRP A 1 141 ? 11.537  -4.644  -11.036 1.00 22.45 ? 181 TRP A O   1 
ATOM   969  C CB  . TRP A 1 141 ? 11.300  -5.965  -8.021  1.00 20.74 ? 181 TRP A CB  1 
ATOM   970  C CG  . TRP A 1 141 ? 10.266  -6.668  -8.823  1.00 20.26 ? 181 TRP A CG  1 
ATOM   971  C CD1 . TRP A 1 141 ? 10.235  -7.998  -9.140  1.00 21.30 ? 181 TRP A CD1 1 
ATOM   972  C CD2 . TRP A 1 141 ? 9.117   -6.080  -9.440  1.00 20.45 ? 181 TRP A CD2 1 
ATOM   973  N NE1 . TRP A 1 141 ? 9.129   -8.273  -9.910  1.00 21.33 ? 181 TRP A NE1 1 
ATOM   974  C CE2 . TRP A 1 141 ? 8.430   -7.111  -10.112 1.00 23.07 ? 181 TRP A CE2 1 
ATOM   975  C CE3 . TRP A 1 141 ? 8.593   -4.783  -9.475  1.00 18.20 ? 181 TRP A CE3 1 
ATOM   976  C CZ2 . TRP A 1 141 ? 7.251   -6.886  -10.816 1.00 19.56 ? 181 TRP A CZ2 1 
ATOM   977  C CZ3 . TRP A 1 141 ? 7.430   -4.559  -10.180 1.00 20.80 ? 181 TRP A CZ3 1 
ATOM   978  C CH2 . TRP A 1 141 ? 6.770   -5.604  -10.839 1.00 21.39 ? 181 TRP A CH2 1 
ATOM   979  N N   . ILE A 1 142 ? 11.536  -3.116  -9.386  1.00 20.80 ? 182 ILE A N   1 
ATOM   980  C CA  . ILE A 1 142 ? 10.892  -2.092  -10.196 1.00 19.51 ? 182 ILE A CA  1 
ATOM   981  C C   . ILE A 1 142 ? 11.760  -1.794  -11.418 1.00 27.19 ? 182 ILE A C   1 
ATOM   982  O O   . ILE A 1 142 ? 11.269  -1.737  -12.542 1.00 23.40 ? 182 ILE A O   1 
ATOM   983  C CB  . ILE A 1 142 ? 10.629  -0.807  -9.369  1.00 25.23 ? 182 ILE A CB  1 
ATOM   984  C CG1 . ILE A 1 142 ? 9.449   -1.027  -8.405  1.00 20.18 ? 182 ILE A CG1 1 
ATOM   985  C CG2 . ILE A 1 142 ? 10.345  0.382   -10.276 1.00 23.71 ? 182 ILE A CG2 1 
ATOM   986  C CD1 . ILE A 1 142 ? 9.233   0.110   -7.401  1.00 23.33 ? 182 ILE A CD1 1 
ATOM   987  N N   . GLN A 1 143 ? 13.062  -1.655  -11.196 1.00 29.69 ? 183 GLN A N   1 
ATOM   988  C CA  . GLN A 1 143 ? 13.988  -1.360  -12.286 1.00 27.10 ? 183 GLN A CA  1 
ATOM   989  C C   . GLN A 1 143 ? 14.127  -2.526  -13.270 1.00 28.13 ? 183 GLN A C   1 
ATOM   990  O O   . GLN A 1 143 ? 14.258  -2.311  -14.471 1.00 33.65 ? 183 GLN A O   1 
ATOM   991  C CB  . GLN A 1 143 ? 15.359  -0.971  -11.721 1.00 27.39 ? 183 GLN A CB  1 
ATOM   992  C CG  . GLN A 1 143 ? 15.341  0.353   -10.957 1.00 26.71 ? 183 GLN A CG  1 
ATOM   993  C CD  . GLN A 1 143 ? 14.631  1.469   -11.725 1.00 39.36 ? 183 GLN A CD  1 
ATOM   994  O OE1 . GLN A 1 143 ? 14.746  1.574   -12.952 1.00 43.83 ? 183 GLN A OE1 1 
ATOM   995  N NE2 . GLN A 1 143 ? 13.890  2.309   -11.002 1.00 39.49 ? 183 GLN A NE2 1 
ATOM   996  N N   . GLU A 1 144 ? 14.101  -3.753  -12.758 1.00 26.50 ? 184 GLU A N   1 
ATOM   997  C CA  . GLU A 1 144 ? 14.129  -4.946  -13.601 1.00 31.26 ? 184 GLU A CA  1 
ATOM   998  C C   . GLU A 1 144 ? 12.893  -5.096  -14.476 1.00 33.80 ? 184 GLU A C   1 
ATOM   999  O O   . GLU A 1 144 ? 12.935  -5.783  -15.494 1.00 35.38 ? 184 GLU A O   1 
ATOM   1000 C CB  . GLU A 1 144 ? 14.253  -6.207  -12.755 1.00 28.96 ? 184 GLU A CB  1 
ATOM   1001 C CG  . GLU A 1 144 ? 15.613  -6.454  -12.166 1.00 40.52 ? 184 GLU A CG  1 
ATOM   1002 C CD  . GLU A 1 144 ? 15.701  -7.839  -11.564 1.00 46.00 ? 184 GLU A CD  1 
ATOM   1003 O OE1 . GLU A 1 144 ? 14.845  -8.683  -11.921 1.00 49.69 ? 184 GLU A OE1 1 
ATOM   1004 O OE2 . GLU A 1 144 ? 16.607  -8.078  -10.738 1.00 46.66 ? 184 GLU A OE2 1 
ATOM   1005 N N   . ASN A 1 145 ? 11.788  -4.479  -14.070 1.00 28.60 ? 185 ASN A N   1 
ATOM   1006 C CA  . ASN A 1 145 ? 10.524  -4.679  -14.768 1.00 28.36 ? 185 ASN A CA  1 
ATOM   1007 C C   . ASN A 1 145 ? 10.019  -3.420  -15.453 1.00 29.43 ? 185 ASN A C   1 
ATOM   1008 O O   . ASN A 1 145 ? 8.811   -3.227  -15.604 1.00 29.53 ? 185 ASN A O   1 
ATOM   1009 C CB  . ASN A 1 145 ? 9.477   -5.219  -13.795 1.00 28.04 ? 185 ASN A CB  1 
ATOM   1010 C CG  . ASN A 1 145 ? 9.794   -6.620  -13.341 1.00 23.78 ? 185 ASN A CG  1 
ATOM   1011 O OD1 . ASN A 1 145 ? 9.213   -7.585  -13.827 1.00 30.54 ? 185 ASN A OD1 1 
ATOM   1012 N ND2 . ASN A 1 145 ? 10.739  -6.747  -12.424 1.00 23.06 ? 185 ASN A ND2 1 
ATOM   1013 N N   . GLY A 1 146 ? 10.959  -2.572  -15.858 1.00 30.54 ? 186 GLY A N   1 
ATOM   1014 C CA  . GLY A 1 146 ? 10.668  -1.430  -16.698 1.00 27.57 ? 186 GLY A CA  1 
ATOM   1015 C C   . GLY A 1 146 ? 10.447  -0.115  -15.982 1.00 32.30 ? 186 GLY A C   1 
ATOM   1016 O O   . GLY A 1 146 ? 10.114  0.889   -16.613 1.00 26.71 ? 186 GLY A O   1 
ATOM   1017 N N   . GLY A 1 147 ? 10.620  -0.108  -14.664 1.00 29.89 ? 187 GLY A N   1 
ATOM   1018 C CA  . GLY A 1 147 ? 10.417  1.106   -13.900 1.00 27.41 ? 187 GLY A CA  1 
ATOM   1019 C C   . GLY A 1 147 ? 8.975   1.578   -13.904 1.00 27.49 ? 187 GLY A C   1 
ATOM   1020 O O   . GLY A 1 147 ? 8.087   0.916   -14.452 1.00 25.29 ? 187 GLY A O   1 
ATOM   1021 N N   . TRP A 1 148 ? 8.747   2.745   -13.307 1.00 24.49 ? 188 TRP A N   1 
ATOM   1022 C CA  . TRP A 1 148 ? 7.408   3.299   -13.173 1.00 25.42 ? 188 TRP A CA  1 
ATOM   1023 C C   . TRP A 1 148 ? 6.792   3.680   -14.521 1.00 28.56 ? 188 TRP A C   1 
ATOM   1024 O O   . TRP A 1 148 ? 5.566   3.828   -14.639 1.00 23.00 ? 188 TRP A O   1 
ATOM   1025 C CB  . TRP A 1 148 ? 7.439   4.507   -12.235 1.00 26.23 ? 188 TRP A CB  1 
ATOM   1026 C CG  . TRP A 1 148 ? 7.542   4.123   -10.774 1.00 25.96 ? 188 TRP A CG  1 
ATOM   1027 C CD1 . TRP A 1 148 ? 8.638   4.247   -9.959  1.00 28.15 ? 188 TRP A CD1 1 
ATOM   1028 C CD2 . TRP A 1 148 ? 6.513   3.530   -9.969  1.00 24.51 ? 188 TRP A CD2 1 
ATOM   1029 N NE1 . TRP A 1 148 ? 8.346   3.779   -8.696  1.00 27.08 ? 188 TRP A NE1 1 
ATOM   1030 C CE2 . TRP A 1 148 ? 7.049   3.335   -8.675  1.00 25.05 ? 188 TRP A CE2 1 
ATOM   1031 C CE3 . TRP A 1 148 ? 5.188   3.158   -10.211 1.00 23.74 ? 188 TRP A CE3 1 
ATOM   1032 C CZ2 . TRP A 1 148 ? 6.310   2.780   -7.636  1.00 23.01 ? 188 TRP A CZ2 1 
ATOM   1033 C CZ3 . TRP A 1 148 ? 4.453   2.609   -9.179  1.00 23.50 ? 188 TRP A CZ3 1 
ATOM   1034 C CH2 . TRP A 1 148 ? 5.015   2.424   -7.906  1.00 22.86 ? 188 TRP A CH2 1 
ATOM   1035 N N   . ASP A 1 149 ? 7.644   3.828   -15.532 1.00 26.26 ? 189 ASP A N   1 
ATOM   1036 C CA  . ASP A 1 149 ? 7.183   4.094   -16.892 1.00 27.68 ? 189 ASP A CA  1 
ATOM   1037 C C   . ASP A 1 149 ? 6.340   2.932   -17.395 1.00 23.69 ? 189 ASP A C   1 
ATOM   1038 O O   . ASP A 1 149 ? 5.307   3.137   -18.029 1.00 27.50 ? 189 ASP A O   1 
ATOM   1039 C CB  . ASP A 1 149 ? 8.366   4.336   -17.838 1.00 34.69 ? 189 ASP A CB  1 
ATOM   1040 C CG  . ASP A 1 149 ? 8.927   5.741   -17.723 1.00 44.61 ? 189 ASP A CG  1 
ATOM   1041 O OD1 . ASP A 1 149 ? 8.168   6.658   -17.336 1.00 48.24 ? 189 ASP A OD1 1 
ATOM   1042 O OD2 . ASP A 1 149 ? 10.125  5.930   -18.032 1.00 56.10 ? 189 ASP A OD2 1 
ATOM   1043 N N   . THR A 1 150 ? 6.780   1.712   -17.100 1.00 24.64 ? 190 THR A N   1 
ATOM   1044 C CA  . THR A 1 150 ? 6.017   0.530   -17.485 1.00 23.62 ? 190 THR A CA  1 
ATOM   1045 C C   . THR A 1 150 ? 4.726   0.451   -16.667 1.00 26.01 ? 190 THR A C   1 
ATOM   1046 O O   . THR A 1 150 ? 3.672   0.085   -17.197 1.00 22.50 ? 190 THR A O   1 
ATOM   1047 C CB  . THR A 1 150 ? 6.840   -0.757  -17.319 1.00 28.60 ? 190 THR A CB  1 
ATOM   1048 O OG1 . THR A 1 150 ? 8.009   -0.681  -18.146 1.00 38.88 ? 190 THR A OG1 1 
ATOM   1049 C CG2 . THR A 1 150 ? 6.032   -1.975  -17.733 1.00 29.99 ? 190 THR A CG2 1 
ATOM   1050 N N   . PHE A 1 151 ? 4.797   0.822   -15.386 1.00 23.45 ? 191 PHE A N   1 
ATOM   1051 C CA  . PHE A 1 151 ? 3.585   0.905   -14.571 1.00 19.93 ? 191 PHE A CA  1 
ATOM   1052 C C   . PHE A 1 151 ? 2.538   1.816   -15.236 1.00 19.58 ? 191 PHE A C   1 
ATOM   1053 O O   . PHE A 1 151 ? 1.354   1.463   -15.346 1.00 23.02 ? 191 PHE A O   1 
ATOM   1054 C CB  . PHE A 1 151 ? 3.908   1.408   -13.152 1.00 20.28 ? 191 PHE A CB  1 
ATOM   1055 C CG  . PHE A 1 151 ? 2.688   1.589   -12.295 1.00 21.69 ? 191 PHE A CG  1 
ATOM   1056 C CD1 . PHE A 1 151 ? 2.065   0.493   -11.719 1.00 17.64 ? 191 PHE A CD1 1 
ATOM   1057 C CD2 . PHE A 1 151 ? 2.142   2.848   -12.099 1.00 22.34 ? 191 PHE A CD2 1 
ATOM   1058 C CE1 . PHE A 1 151 ? 0.935   0.644   -10.950 1.00 21.65 ? 191 PHE A CE1 1 
ATOM   1059 C CE2 . PHE A 1 151 ? 1.009   3.012   -11.332 1.00 19.43 ? 191 PHE A CE2 1 
ATOM   1060 C CZ  . PHE A 1 151 ? 0.400   1.908   -10.759 1.00 20.63 ? 191 PHE A CZ  1 
ATOM   1061 N N   . VAL A 1 152 ? 2.969   2.986   -15.684 1.00 17.36 ? 192 VAL A N   1 
ATOM   1062 C CA  . VAL A 1 152 ? 2.060   3.913   -16.361 1.00 22.36 ? 192 VAL A CA  1 
ATOM   1063 C C   . VAL A 1 152 ? 1.504   3.334   -17.665 1.00 23.33 ? 192 VAL A C   1 
ATOM   1064 O O   . VAL A 1 152 ? 0.326   3.506   -17.970 1.00 23.61 ? 192 VAL A O   1 
ATOM   1065 C CB  . VAL A 1 152 ? 2.746   5.253   -16.671 1.00 24.90 ? 192 VAL A CB  1 
ATOM   1066 C CG1 . VAL A 1 152 ? 1.836   6.137   -17.525 1.00 26.89 ? 192 VAL A CG1 1 
ATOM   1067 C CG2 . VAL A 1 152 ? 3.101   5.963   -15.383 1.00 27.27 ? 192 VAL A CG2 1 
ATOM   1068 N N   . GLU A 1 153 ? 2.349   2.649   -18.428 1.00 22.02 ? 193 GLU A N   1 
ATOM   1069 C CA  . GLU A 1 153 ? 1.883   1.987   -19.649 1.00 23.03 ? 193 GLU A CA  1 
ATOM   1070 C C   . GLU A 1 153 ? 0.764   0.992   -19.358 1.00 24.68 ? 193 GLU A C   1 
ATOM   1071 O O   . GLU A 1 153 ? -0.175  0.865   -20.138 1.00 23.69 ? 193 GLU A O   1 
ATOM   1072 C CB  . GLU A 1 153 ? 3.039   1.272   -20.350 1.00 27.12 ? 193 GLU A CB  1 
ATOM   1073 C CG  . GLU A 1 153 ? 3.979   2.228   -21.060 1.00 32.57 ? 193 GLU A CG  1 
ATOM   1074 C CD  . GLU A 1 153 ? 5.088   1.518   -21.806 1.00 41.64 ? 193 GLU A CD  1 
ATOM   1075 O OE1 . GLU A 1 153 ? 5.158   0.273   -21.738 1.00 42.29 ? 193 GLU A OE1 1 
ATOM   1076 O OE2 . GLU A 1 153 ? 5.888   2.215   -22.469 1.00 51.76 ? 193 GLU A OE2 1 
ATOM   1077 N N   . LEU A 1 154 ? 0.857   0.304   -18.224 1.00 19.65 ? 194 LEU A N   1 
ATOM   1078 C CA  . LEU A 1 154 ? -0.098  -0.752  -17.892 1.00 18.71 ? 194 LEU A CA  1 
ATOM   1079 C C   . LEU A 1 154 ? -1.341  -0.247  -17.172 1.00 23.14 ? 194 LEU A C   1 
ATOM   1080 O O   . LEU A 1 154 ? -2.430  -0.797  -17.359 1.00 23.59 ? 194 LEU A O   1 
ATOM   1081 C CB  . LEU A 1 154 ? 0.588   -1.821  -17.042 1.00 20.44 ? 194 LEU A CB  1 
ATOM   1082 C CG  . LEU A 1 154 ? 1.763   -2.567  -17.677 1.00 23.19 ? 194 LEU A CG  1 
ATOM   1083 C CD1 . LEU A 1 154 ? 2.432   -3.496  -16.654 1.00 19.71 ? 194 LEU A CD1 1 
ATOM   1084 C CD2 . LEU A 1 154 ? 1.307   -3.354  -18.899 1.00 24.62 ? 194 LEU A CD2 1 
ATOM   1085 N N   . TYR A 1 155 ? -1.182  0.789   -16.345 1.00 23.13 ? 195 TYR A N   1 
ATOM   1086 C CA  . TYR A 1 155 ? -2.258  1.237   -15.454 1.00 24.19 ? 195 TYR A CA  1 
ATOM   1087 C C   . TYR A 1 155 ? -2.796  2.628   -15.791 1.00 23.84 ? 195 TYR A C   1 
ATOM   1088 O O   . TYR A 1 155 ? -3.848  3.032   -15.285 1.00 26.09 ? 195 TYR A O   1 
ATOM   1089 C CB  . TYR A 1 155 ? -1.778  1.205   -13.984 1.00 19.31 ? 195 TYR A CB  1 
ATOM   1090 C CG  . TYR A 1 155 ? -1.538  -0.201  -13.487 1.00 17.95 ? 195 TYR A CG  1 
ATOM   1091 C CD1 . TYR A 1 155 ? -2.523  -0.889  -12.781 1.00 21.58 ? 195 TYR A CD1 1 
ATOM   1092 C CD2 . TYR A 1 155 ? -0.345  -0.853  -13.749 1.00 20.20 ? 195 TYR A CD2 1 
ATOM   1093 C CE1 . TYR A 1 155 ? -2.317  -2.190  -12.348 1.00 21.14 ? 195 TYR A CE1 1 
ATOM   1094 C CE2 . TYR A 1 155 ? -0.125  -2.140  -13.321 1.00 20.14 ? 195 TYR A CE2 1 
ATOM   1095 C CZ  . TYR A 1 155 ? -1.109  -2.808  -12.620 1.00 18.48 ? 195 TYR A CZ  1 
ATOM   1096 O OH  . TYR A 1 155 ? -0.873  -4.096  -12.198 1.00 21.33 ? 195 TYR A OH  1 
ATOM   1097 N N   . GLY A 1 156 ? -2.081  3.353   -16.648 1.00 23.67 ? 196 GLY A N   1 
ATOM   1098 C CA  . GLY A 1 156 ? -2.455  4.714   -16.999 1.00 31.63 ? 196 GLY A CA  1 
ATOM   1099 C C   . GLY A 1 156 ? -3.807  4.834   -17.683 1.00 39.67 ? 196 GLY A C   1 
ATOM   1100 O O   . GLY A 1 156 ? -4.186  3.963   -18.464 1.00 39.68 ? 196 GLY A O   1 
ATOM   1101 N N   . ASN A 1 157 ? -4.514  5.929   -17.382 1.00 42.48 ? 197 ASN A N   1 
ATOM   1102 C CA  . ASN A 1 157 ? -5.893  6.190   -17.831 1.00 45.41 ? 197 ASN A CA  1 
ATOM   1103 C C   . ASN A 1 157 ? -6.878  5.091   -17.426 1.00 50.03 ? 197 ASN A C   1 
ATOM   1104 O O   . ASN A 1 157 ? -7.434  4.400   -18.280 1.00 46.84 ? 197 ASN A O   1 
ATOM   1105 C CB  . ASN A 1 157 ? -5.947  6.394   -19.350 1.00 51.35 ? 197 ASN A CB  1 
ATOM   1106 C CG  . ASN A 1 157 ? -4.893  7.367   -19.852 1.00 50.11 ? 197 ASN A CG  1 
ATOM   1107 O OD1 . ASN A 1 157 ? -4.238  7.115   -20.862 1.00 59.37 ? 197 ASN A OD1 1 
ATOM   1108 N ND2 . ASN A 1 157 ? -4.721  8.482   -19.145 1.00 51.35 ? 197 ASN A ND2 1 
ATOM   1109 N N   . ASN A 1 158 ? -7.103  4.943   -16.122 1.00 47.83 ? 198 ASN A N   1 
ATOM   1110 C CA  . ASN A 1 158 ? -7.944  3.858   -15.632 1.00 51.58 ? 198 ASN A CA  1 
ATOM   1111 C C   . ASN A 1 158 ? -8.490  4.127   -14.228 1.00 52.92 ? 198 ASN A C   1 
ATOM   1112 O O   . ASN A 1 158 ? -9.623  4.592   -14.062 1.00 47.65 ? 198 ASN A O   1 
ATOM   1113 C CB  . ASN A 1 158 ? -7.150  2.546   -15.656 1.00 48.67 ? 198 ASN A CB  1 
ATOM   1114 C CG  . ASN A 1 158 ? -7.806  1.482   -16.513 1.00 59.36 ? 198 ASN A CG  1 
ATOM   1115 O OD1 . ASN A 1 158 ? -9.034  1.433   -16.625 1.00 71.19 ? 198 ASN A OD1 1 
ATOM   1116 N ND2 . ASN A 1 158 ? -6.989  0.641   -17.150 1.00 47.22 ? 198 ASN A ND2 1 
ATOM   1117 N N   . GLU B 2 2   ? -7.471  -14.004 15.998  1.00 61.81 ? 77  GLU B N   1 
ATOM   1118 C CA  . GLU B 2 2   ? -7.556  -13.224 17.234  1.00 67.11 ? 77  GLU B CA  1 
ATOM   1119 C C   . GLU B 2 2   ? -6.169  -12.745 17.665  1.00 63.59 ? 77  GLU B C   1 
ATOM   1120 O O   . GLU B 2 2   ? -6.018  -11.626 18.161  1.00 64.94 ? 77  GLU B O   1 
ATOM   1121 C CB  . GLU B 2 2   ? -8.222  -14.048 18.342  1.00 73.66 ? 77  GLU B CB  1 
ATOM   1122 C CG  . GLU B 2 2   ? -7.876  -13.650 19.783  1.00 75.57 ? 77  GLU B CG  1 
ATOM   1123 C CD  . GLU B 2 2   ? -6.696  -14.428 20.360  1.00 74.91 ? 77  GLU B CD  1 
ATOM   1124 O OE1 . GLU B 2 2   ? -6.301  -15.457 19.769  1.00 75.43 ? 77  GLU B OE1 1 
ATOM   1125 O OE2 . GLU B 2 2   ? -6.170  -14.015 21.414  1.00 78.12 ? 77  GLU B OE2 1 
ATOM   1126 N N   . SER B 2 3   ? -5.160  -13.589 17.466  1.00 57.46 ? 78  SER B N   1 
ATOM   1127 C CA  . SER B 2 3   ? -3.775  -13.211 17.730  1.00 54.57 ? 78  SER B CA  1 
ATOM   1128 C C   . SER B 2 3   ? -3.345  -12.042 16.844  1.00 53.65 ? 78  SER B C   1 
ATOM   1129 O O   . SER B 2 3   ? -3.935  -11.802 15.789  1.00 39.98 ? 78  SER B O   1 
ATOM   1130 C CB  . SER B 2 3   ? -2.849  -14.407 17.509  1.00 54.72 ? 78  SER B CB  1 
ATOM   1131 O OG  . SER B 2 3   ? -1.499  -14.001 17.385  1.00 59.18 ? 78  SER B OG  1 
ATOM   1132 N N   . GLN B 2 4   ? -2.319  -11.311 17.270  1.00 51.98 ? 79  GLN B N   1 
ATOM   1133 C CA  . GLN B 2 4   ? -1.788  -10.239 16.434  1.00 45.74 ? 79  GLN B CA  1 
ATOM   1134 C C   . GLN B 2 4   ? -1.187  -10.813 15.163  1.00 44.39 ? 79  GLN B C   1 
ATOM   1135 O O   . GLN B 2 4   ? -1.430  -10.299 14.074  1.00 41.35 ? 79  GLN B O   1 
ATOM   1136 C CB  . GLN B 2 4   ? -0.750  -9.405  17.189  1.00 44.51 ? 79  GLN B CB  1 
ATOM   1137 C CG  . GLN B 2 4   ? -1.355  -8.210  17.906  1.00 48.47 ? 79  GLN B CG  1 
ATOM   1138 C CD  . GLN B 2 4   ? -2.034  -7.251  16.947  1.00 47.07 ? 79  GLN B CD  1 
ATOM   1139 O OE1 . GLN B 2 4   ? -3.153  -6.775  17.194  1.00 44.03 ? 79  GLN B OE1 1 
ATOM   1140 N NE2 . GLN B 2 4   ? -1.361  -6.960  15.838  1.00 43.04 ? 79  GLN B NE2 1 
ATOM   1141 N N   . GLU B 2 5   ? -0.436  -11.901 15.305  1.00 45.06 ? 80  GLU B N   1 
ATOM   1142 C CA  . GLU B 2 5   ? 0.237   -12.509 14.169  1.00 47.20 ? 80  GLU B CA  1 
ATOM   1143 C C   . GLU B 2 5   ? -0.764  -13.159 13.214  1.00 45.12 ? 80  GLU B C   1 
ATOM   1144 O O   . GLU B 2 5   ? -0.505  -13.261 12.016  1.00 37.05 ? 80  GLU B O   1 
ATOM   1145 C CB  . GLU B 2 5   ? 1.285   -13.532 14.637  1.00 56.55 ? 80  GLU B CB  1 
ATOM   1146 C CG  . GLU B 2 5   ? 0.874   -14.993 14.521  1.00 63.14 ? 80  GLU B CG  1 
ATOM   1147 C CD  . GLU B 2 5   ? 1.979   -15.960 14.938  1.00 76.89 ? 80  GLU B CD  1 
ATOM   1148 O OE1 . GLU B 2 5   ? 3.148   -15.526 15.028  1.00 76.99 ? 80  GLU B OE1 1 
ATOM   1149 O OE2 . GLU B 2 5   ? 1.681   -17.157 15.162  1.00 82.15 ? 80  GLU B OE2 1 
ATOM   1150 N N   . ASP B 2 6   ? -1.909  -13.584 13.737  1.00 43.25 ? 81  ASP B N   1 
ATOM   1151 C CA  . ASP B 2 6   ? -2.954  -14.130 12.878  1.00 41.25 ? 81  ASP B CA  1 
ATOM   1152 C C   . ASP B 2 6   ? -3.571  -13.021 12.045  1.00 32.45 ? 81  ASP B C   1 
ATOM   1153 O O   . ASP B 2 6   ? -3.765  -13.180 10.838  1.00 29.72 ? 81  ASP B O   1 
ATOM   1154 C CB  . ASP B 2 6   ? -4.029  -14.836 13.696  1.00 46.62 ? 81  ASP B CB  1 
ATOM   1155 C CG  . ASP B 2 6   ? -3.491  -16.030 14.446  1.00 52.93 ? 81  ASP B CG  1 
ATOM   1156 O OD1 . ASP B 2 6   ? -2.380  -16.498 14.107  1.00 56.95 ? 81  ASP B OD1 1 
ATOM   1157 O OD2 . ASP B 2 6   ? -4.179  -16.502 15.373  1.00 71.63 ? 81  ASP B OD2 1 
ATOM   1158 N N   . ILE B 2 7   ? -3.885  -11.909 12.702  1.00 23.91 ? 82  ILE B N   1 
ATOM   1159 C CA  . ILE B 2 7   ? -4.386  -10.721 12.019  1.00 28.74 ? 82  ILE B CA  1 
ATOM   1160 C C   . ILE B 2 7   ? -3.423  -10.268 10.913  1.00 26.61 ? 82  ILE B C   1 
ATOM   1161 O O   . ILE B 2 7   ? -3.844  -10.025 9.785   1.00 19.47 ? 82  ILE B O   1 
ATOM   1162 C CB  . ILE B 2 7   ? -4.613  -9.576  13.013  1.00 29.49 ? 82  ILE B CB  1 
ATOM   1163 C CG1 . ILE B 2 7   ? -5.641  -10.000 14.061  1.00 41.95 ? 82  ILE B CG1 1 
ATOM   1164 C CG2 . ILE B 2 7   ? -5.104  -8.328  12.302  1.00 26.37 ? 82  ILE B CG2 1 
ATOM   1165 C CD1 . ILE B 2 7   ? -6.999  -10.328 13.477  1.00 38.96 ? 82  ILE B CD1 1 
ATOM   1166 N N   . ILE B 2 8   ? -2.137  -10.170 11.259  1.00 28.02 ? 83  ILE B N   1 
ATOM   1167 C CA  . ILE B 2 8   ? -1.067  -9.816  10.323  1.00 26.42 ? 83  ILE B CA  1 
ATOM   1168 C C   . ILE B 2 8   ? -1.093  -10.711 9.092   1.00 23.36 ? 83  ILE B C   1 
ATOM   1169 O O   . ILE B 2 8   ? -1.130  -10.222 7.958   1.00 19.75 ? 83  ILE B O   1 
ATOM   1170 C CB  . ILE B 2 8   ? 0.342   -9.940  10.979  1.00 33.32 ? 83  ILE B CB  1 
ATOM   1171 C CG1 . ILE B 2 8   ? 0.520   -8.951  12.134  1.00 29.89 ? 83  ILE B CG1 1 
ATOM   1172 C CG2 . ILE B 2 8   ? 1.447   -9.724  9.955   1.00 23.42 ? 83  ILE B CG2 1 
ATOM   1173 C CD1 . ILE B 2 8   ? 0.406   -7.524  11.744  1.00 34.90 ? 83  ILE B CD1 1 
ATOM   1174 N N   . ARG B 2 9   ? -1.075  -12.022 9.325   1.00 23.15 ? 84  ARG B N   1 
ATOM   1175 C CA  . ARG B 2 9   ? -1.083  -12.994 8.240   1.00 28.86 ? 84  ARG B CA  1 
ATOM   1176 C C   . ARG B 2 9   ? -2.336  -12.887 7.367   1.00 23.73 ? 84  ARG B C   1 
ATOM   1177 O O   . ARG B 2 9   ? -2.245  -13.014 6.152   1.00 21.29 ? 84  ARG B O   1 
ATOM   1178 C CB  . ARG B 2 9   ? -0.942  -14.416 8.793   1.00 29.25 ? 84  ARG B CB  1 
ATOM   1179 C CG  . ARG B 2 9   ? 0.508   -14.887 8.899   1.00 42.00 ? 84  ARG B CG  1 
ATOM   1180 C CD  . ARG B 2 9   ? 0.682   -16.031 9.899   1.00 53.10 ? 84  ARG B CD  1 
ATOM   1181 N NE  . ARG B 2 9   ? -0.496  -16.893 9.963   1.00 64.17 ? 84  ARG B NE  1 
ATOM   1182 C CZ  . ARG B 2 9   ? -1.183  -17.141 11.075  1.00 60.74 ? 84  ARG B CZ  1 
ATOM   1183 N NH1 . ARG B 2 9   ? -0.802  -16.608 12.231  1.00 56.49 ? 84  ARG B NH1 1 
ATOM   1184 N NH2 . ARG B 2 9   ? -2.245  -17.934 11.037  1.00 63.57 ? 84  ARG B NH2 1 
ATOM   1185 N N   . ASN B 2 10  ? -3.492  -12.637 7.976   1.00 20.89 ? 85  ASN B N   1 
ATOM   1186 C CA  . ASN B 2 10  ? -4.729  -12.494 7.203   1.00 21.59 ? 85  ASN B CA  1 
ATOM   1187 C C   . ASN B 2 10  ? -4.683  -11.274 6.292   1.00 21.50 ? 85  ASN B C   1 
ATOM   1188 O O   . ASN B 2 10  ? -5.026  -11.349 5.107   1.00 19.01 ? 85  ASN B O   1 
ATOM   1189 C CB  . ASN B 2 10  ? -5.948  -12.389 8.121   1.00 20.45 ? 85  ASN B CB  1 
ATOM   1190 C CG  . ASN B 2 10  ? -6.234  -13.672 8.871   1.00 31.35 ? 85  ASN B CG  1 
ATOM   1191 O OD1 . ASN B 2 10  ? -5.887  -14.762 8.418   1.00 34.26 ? 85  ASN B OD1 1 
ATOM   1192 N ND2 . ASN B 2 10  ? -6.889  -13.549 10.025  1.00 33.81 ? 85  ASN B ND2 1 
ATOM   1193 N N   . ILE B 2 11  ? -4.263  -10.145 6.850   1.00 15.78 ? 86  ILE B N   1 
ATOM   1194 C CA  . ILE B 2 11  ? -4.209  -8.908  6.085   1.00 16.98 ? 86  ILE B CA  1 
ATOM   1195 C C   . ILE B 2 11  ? -3.273  -9.060  4.893   1.00 15.03 ? 86  ILE B C   1 
ATOM   1196 O O   . ILE B 2 11  ? -3.615  -8.713  3.772   1.00 14.66 ? 86  ILE B O   1 
ATOM   1197 C CB  . ILE B 2 11  ? -3.746  -7.725  6.956   1.00 15.89 ? 86  ILE B CB  1 
ATOM   1198 C CG1 . ILE B 2 11  ? -4.869  -7.319  7.916   1.00 16.69 ? 86  ILE B CG1 1 
ATOM   1199 C CG2 . ILE B 2 11  ? -3.334  -6.560  6.069   1.00 14.82 ? 86  ILE B CG2 1 
ATOM   1200 C CD1 . ILE B 2 11  ? -4.458  -6.269  8.948   1.00 23.00 ? 86  ILE B CD1 1 
ATOM   1201 N N   . ALA B 2 12  ? -2.098  -9.613  5.145   1.00 13.03 ? 87  ALA B N   1 
ATOM   1202 C CA  . ALA B 2 12  ? -1.097  -9.755  4.105   1.00 17.94 ? 87  ALA B CA  1 
ATOM   1203 C C   . ALA B 2 12  ? -1.584  -10.715 3.016   1.00 17.57 ? 87  ALA B C   1 
ATOM   1204 O O   . ALA B 2 12  ? -1.372  -10.477 1.827   1.00 17.68 ? 87  ALA B O   1 
ATOM   1205 C CB  . ALA B 2 12  ? 0.219   -10.236 4.707   1.00 16.17 ? 87  ALA B CB  1 
ATOM   1206 N N   . ARG B 2 13  ? -2.242  -11.794 3.432   1.00 16.00 ? 88  ARG B N   1 
ATOM   1207 C CA  . ARG B 2 13  ? -2.835  -12.734 2.485   1.00 20.03 ? 88  ARG B CA  1 
ATOM   1208 C C   . ARG B 2 13  ? -3.923  -12.056 1.642   1.00 16.93 ? 88  ARG B C   1 
ATOM   1209 O O   . ARG B 2 13  ? -3.972  -12.234 0.429   1.00 17.48 ? 88  ARG B O   1 
ATOM   1210 C CB  . ARG B 2 13  ? -3.422  -13.946 3.219   1.00 26.02 ? 88  ARG B CB  1 
ATOM   1211 C CG  . ARG B 2 13  ? -4.064  -14.972 2.292   1.00 34.02 ? 88  ARG B CG  1 
ATOM   1212 C CD  . ARG B 2 13  ? -4.395  -16.274 3.022   1.00 39.97 ? 88  ARG B CD  1 
ATOM   1213 N NE  . ARG B 2 13  ? -5.658  -16.193 3.752   1.00 41.74 ? 88  ARG B NE  1 
ATOM   1214 C CZ  . ARG B 2 13  ? -5.751  -16.081 5.074   1.00 46.04 ? 88  ARG B CZ  1 
ATOM   1215 N NH1 . ARG B 2 13  ? -4.650  -16.042 5.819   1.00 38.03 ? 88  ARG B NH1 1 
ATOM   1216 N NH2 . ARG B 2 13  ? -6.947  -16.014 5.652   1.00 40.73 ? 88  ARG B NH2 1 
ATOM   1217 N N   . HIS B 2 14  ? -4.794  -11.282 2.287   1.00 14.35 ? 89  HIS B N   1 
ATOM   1218 C CA  . HIS B 2 14  ? -5.847  -10.555 1.562   1.00 17.32 ? 89  HIS B CA  1 
ATOM   1219 C C   . HIS B 2 14  ? -5.271  -9.537  0.585   1.00 14.60 ? 89  HIS B C   1 
ATOM   1220 O O   . HIS B 2 14  ? -5.736  -9.406  -0.548  1.00 13.75 ? 89  HIS B O   1 
ATOM   1221 C CB  . HIS B 2 14  ? -6.789  -9.858  2.551   1.00 17.24 ? 89  HIS B CB  1 
ATOM   1222 C CG  . HIS B 2 14  ? -7.524  -10.816 3.430   1.00 21.11 ? 89  HIS B CG  1 
ATOM   1223 N ND1 . HIS B 2 14  ? -8.284  -10.413 4.511   1.00 22.59 ? 89  HIS B ND1 1 
ATOM   1224 C CD2 . HIS B 2 14  ? -7.602  -12.169 3.403   1.00 20.46 ? 89  HIS B CD2 1 
ATOM   1225 C CE1 . HIS B 2 14  ? -8.801  -11.472 5.101   1.00 21.66 ? 89  HIS B CE1 1 
ATOM   1226 N NE2 . HIS B 2 14  ? -8.405  -12.554 4.447   1.00 24.30 ? 89  HIS B NE2 1 
ATOM   1227 N N   . LEU B 2 15  ? -4.267  -8.800  1.043   1.00 13.16 ? 90  LEU B N   1 
ATOM   1228 C CA  . LEU B 2 15  ? -3.597  -7.827  0.194   1.00 14.57 ? 90  LEU B CA  1 
ATOM   1229 C C   . LEU B 2 15  ? -2.966  -8.529  -1.006  1.00 11.57 ? 90  LEU B C   1 
ATOM   1230 O O   . LEU B 2 15  ? -3.057  -8.053  -2.129  1.00 15.52 ? 90  LEU B O   1 
ATOM   1231 C CB  . LEU B 2 15  ? -2.518  -7.073  0.979   1.00 11.96 ? 90  LEU B CB  1 
ATOM   1232 C CG  . LEU B 2 15  ? -2.949  -6.082  2.065   1.00 16.22 ? 90  LEU B CG  1 
ATOM   1233 C CD1 . LEU B 2 15  ? -1.697  -5.570  2.811   1.00 12.68 ? 90  LEU B CD1 1 
ATOM   1234 C CD2 . LEU B 2 15  ? -3.752  -4.944  1.467   1.00 10.50 ? 90  LEU B CD2 1 
ATOM   1235 N N   . ALA B 2 16  ? -2.317  -9.657  -0.746  1.00 10.46 ? 91  ALA B N   1 
ATOM   1236 C CA  . ALA B 2 16  ? -1.605  -10.389 -1.792  1.00 12.96 ? 91  ALA B CA  1 
ATOM   1237 C C   . ALA B 2 16  ? -2.566  -10.906 -2.843  1.00 12.58 ? 91  ALA B C   1 
ATOM   1238 O O   . ALA B 2 16  ? -2.299  -10.806 -4.029  1.00 13.23 ? 91  ALA B O   1 
ATOM   1239 C CB  . ALA B 2 16  ? -0.811  -11.540 -1.187  1.00 15.19 ? 91  ALA B CB  1 
ATOM   1240 N N   . GLN B 2 17  ? -3.700  -11.444 -2.401  1.00 15.49 ? 92  GLN B N   1 
ATOM   1241 C CA  . GLN B 2 17  ? -4.675  -11.991 -3.343  1.00 16.28 ? 92  GLN B CA  1 
ATOM   1242 C C   . GLN B 2 17  ? -5.360  -10.922 -4.180  1.00 14.46 ? 92  GLN B C   1 
ATOM   1243 O O   . GLN B 2 17  ? -5.493  -11.085 -5.389  1.00 14.52 ? 92  GLN B O   1 
ATOM   1244 C CB  . GLN B 2 17  ? -5.719  -12.810 -2.605  1.00 16.67 ? 92  GLN B CB  1 
ATOM   1245 C CG  . GLN B 2 17  ? -5.193  -14.159 -2.182  1.00 23.27 ? 92  GLN B CG  1 
ATOM   1246 C CD  . GLN B 2 17  ? -6.230  -14.964 -1.423  1.00 28.75 ? 92  GLN B CD  1 
ATOM   1247 O OE1 . GLN B 2 17  ? -7.440  -14.716 -1.535  1.00 29.49 ? 92  GLN B OE1 1 
ATOM   1248 N NE2 . GLN B 2 17  ? -5.765  -15.943 -0.651  1.00 28.60 ? 92  GLN B NE2 1 
ATOM   1249 N N   . VAL B 2 18  ? -5.788  -9.828  -3.555  1.00 11.30 ? 93  VAL B N   1 
ATOM   1250 C CA  . VAL B 2 18  ? -6.393  -8.742  -4.327  1.00 12.95 ? 93  VAL B CA  1 
ATOM   1251 C C   . VAL B 2 18  ? -5.318  -8.101  -5.222  1.00 12.83 ? 93  VAL B C   1 
ATOM   1252 O O   . VAL B 2 18  ? -5.577  -7.746  -6.364  1.00 15.37 ? 93  VAL B O   1 
ATOM   1253 C CB  . VAL B 2 18  ? -7.068  -7.674  -3.413  1.00 12.80 ? 93  VAL B CB  1 
ATOM   1254 C CG1 . VAL B 2 18  ? -7.703  -6.581  -4.256  1.00 13.92 ? 93  VAL B CG1 1 
ATOM   1255 C CG2 . VAL B 2 18  ? -8.136  -8.324  -2.525  1.00 12.67 ? 93  VAL B CG2 1 
ATOM   1256 N N   . GLY B 2 19  ? -4.102  -7.981  -4.704  1.00 13.57 ? 94  GLY B N   1 
ATOM   1257 C CA  . GLY B 2 19  ? -2.984  -7.491  -5.496  1.00 11.63 ? 94  GLY B CA  1 
ATOM   1258 C C   . GLY B 2 19  ? -2.803  -8.292  -6.781  1.00 14.95 ? 94  GLY B C   1 
ATOM   1259 O O   . GLY B 2 19  ? -2.719  -7.723  -7.865  1.00 14.69 ? 94  GLY B O   1 
ATOM   1260 N N   . ASP B 2 20  ? -2.758  -9.615  -6.661  1.00 14.28 ? 95  ASP B N   1 
ATOM   1261 C CA  . ASP B 2 20  ? -2.603  -10.479 -7.831  1.00 12.65 ? 95  ASP B CA  1 
ATOM   1262 C C   . ASP B 2 20  ? -3.766  -10.304 -8.825  1.00 16.98 ? 95  ASP B C   1 
ATOM   1263 O O   . ASP B 2 20  ? -3.563  -10.365 -10.028 1.00 16.60 ? 95  ASP B O   1 
ATOM   1264 C CB  . ASP B 2 20  ? -2.465  -11.938 -7.388  1.00 15.95 ? 95  ASP B CB  1 
ATOM   1265 C CG  . ASP B 2 20  ? -1.152  -12.198 -6.657  1.00 16.46 ? 95  ASP B CG  1 
ATOM   1266 O OD1 . ASP B 2 20  ? -0.253  -11.330 -6.696  1.00 15.14 ? 95  ASP B OD1 1 
ATOM   1267 O OD2 . ASP B 2 20  ? -1.009  -13.269 -6.052  1.00 17.46 ? 95  ASP B OD2 1 
ATOM   1268 N N   . SER B 2 21  ? -4.969  -10.023 -8.331  1.00 15.26 ? 96  SER B N   1 
ATOM   1269 C CA  . SER B 2 21  ? -6.116  -9.821  -9.216  1.00 14.25 ? 96  SER B CA  1 
ATOM   1270 C C   . SER B 2 21  ? -5.953  -8.527  -10.008 1.00 20.76 ? 96  SER B C   1 
ATOM   1271 O O   . SER B 2 21  ? -6.605  -8.329  -11.036 1.00 20.45 ? 96  SER B O   1 
ATOM   1272 C CB  . SER B 2 21  ? -7.432  -9.812  -8.410  1.00 14.74 ? 96  SER B CB  1 
ATOM   1273 O OG  . SER B 2 21  ? -7.718  -8.533  -7.854  1.00 14.46 ? 96  SER B OG  1 
ATOM   1274 N N   . MET B 2 22  ? -5.057  -7.665  -9.527  1.00 19.26 ? 97  MET B N   1 
ATOM   1275 C CA  . MET B 2 22  ? -4.773  -6.363  -10.136 1.00 21.22 ? 97  MET B CA  1 
ATOM   1276 C C   . MET B 2 22  ? -3.468  -6.350  -10.928 1.00 17.14 ? 97  MET B C   1 
ATOM   1277 O O   . MET B 2 22  ? -3.020  -5.292  -11.346 1.00 19.14 ? 97  MET B O   1 
ATOM   1278 C CB  . MET B 2 22  ? -4.666  -5.263  -9.062  1.00 18.48 ? 97  MET B CB  1 
ATOM   1279 C CG  . MET B 2 22  ? -5.917  -5.010  -8.238  1.00 27.59 ? 97  MET B CG  1 
ATOM   1280 S SD  . MET B 2 22  ? -6.927  -3.740  -8.988  1.00 37.79 ? 97  MET B SD  1 
ATOM   1281 C CE  . MET B 2 22  ? -5.742  -2.396  -9.118  1.00 21.29 ? 97  MET B CE  1 
ATOM   1282 N N   . ASP B 2 23  ? -2.829  -7.501  -11.068 1.00 15.55 ? 98  ASP B N   1 
ATOM   1283 C CA  . ASP B 2 23  ? -1.555  -7.588  -11.782 1.00 18.65 ? 98  ASP B CA  1 
ATOM   1284 C C   . ASP B 2 23  ? -1.836  -7.539  -13.286 1.00 23.57 ? 98  ASP B C   1 
ATOM   1285 O O   . ASP B 2 23  ? -2.435  -8.459  -13.839 1.00 25.39 ? 98  ASP B O   1 
ATOM   1286 C CB  . ASP B 2 23  ? -0.809  -8.867  -11.386 1.00 18.47 ? 98  ASP B CB  1 
ATOM   1287 C CG  . ASP B 2 23  ? 0.530   -9.037  -12.109 1.00 24.18 ? 98  ASP B CG  1 
ATOM   1288 O OD1 . ASP B 2 23  ? 1.014   -8.092  -12.776 1.00 22.45 ? 98  ASP B OD1 1 
ATOM   1289 O OD2 . ASP B 2 23  ? 1.109   -10.130 -11.973 1.00 19.74 ? 98  ASP B OD2 1 
ATOM   1290 N N   . ARG B 2 24  ? -1.427  -6.455  -13.940 1.00 17.27 ? 99  ARG B N   1 
ATOM   1291 C CA  . ARG B 2 24  ? -1.731  -6.282  -15.364 1.00 21.44 ? 99  ARG B CA  1 
ATOM   1292 C C   . ARG B 2 24  ? -0.570  -6.604  -16.293 1.00 23.96 ? 99  ARG B C   1 
ATOM   1293 O O   . ARG B 2 24  ? -0.660  -6.370  -17.495 1.00 25.74 ? 99  ARG B O   1 
ATOM   1294 C CB  . ARG B 2 24  ? -2.214  -4.852  -15.632 1.00 20.56 ? 99  ARG B CB  1 
ATOM   1295 C CG  . ARG B 2 24  ? -3.522  -4.509  -14.898 1.00 24.54 ? 99  ARG B CG  1 
ATOM   1296 C CD  . ARG B 2 24  ? -4.085  -3.139  -15.292 1.00 24.97 ? 99  ARG B CD  1 
ATOM   1297 N NE  . ARG B 2 24  ? -4.296  -3.020  -16.737 1.00 34.40 ? 99  ARG B NE  1 
ATOM   1298 C CZ  . ARG B 2 24  ? -5.359  -3.490  -17.393 1.00 36.89 ? 99  ARG B CZ  1 
ATOM   1299 N NH1 . ARG B 2 24  ? -6.330  -4.121  -16.741 1.00 37.82 ? 99  ARG B NH1 1 
ATOM   1300 N NH2 . ARG B 2 24  ? -5.452  -3.333  -18.708 1.00 34.32 ? 99  ARG B NH2 1 
ATOM   1301 N N   . SER B 2 25  ? 0.520   -7.140  -15.759 1.00 18.88 ? 100 SER B N   1 
ATOM   1302 C CA  . SER B 2 25  ? 1.694   -7.322  -16.594 1.00 24.76 ? 100 SER B CA  1 
ATOM   1303 C C   . SER B 2 25  ? 1.489   -8.496  -17.553 1.00 23.64 ? 100 SER B C   1 
ATOM   1304 O O   . SER B 2 25  ? 0.796   -9.468  -17.229 1.00 19.63 ? 100 SER B O   1 
ATOM   1305 C CB  . SER B 2 25  ? 2.945   -7.530  -15.739 1.00 25.16 ? 100 SER B CB  1 
ATOM   1306 O OG  . SER B 2 25  ? 2.803   -8.680  -14.935 1.00 30.27 ? 100 SER B OG  1 
ATOM   1307 N N   . ILE B 2 26  ? 2.080   -8.383  -18.737 1.00 19.04 ? 101 ILE B N   1 
ATOM   1308 C CA  . ILE B 2 26  ? 2.111   -9.485  -19.707 1.00 23.47 ? 101 ILE B CA  1 
ATOM   1309 C C   . ILE B 2 26  ? 3.517   -10.055 -19.810 1.00 24.02 ? 101 ILE B C   1 
ATOM   1310 O O   . ILE B 2 26  ? 4.471   -9.310  -20.005 1.00 29.54 ? 101 ILE B O   1 
ATOM   1311 C CB  . ILE B 2 26  ? 1.650   -9.021  -21.106 1.00 24.21 ? 101 ILE B CB  1 
ATOM   1312 C CG1 . ILE B 2 26  ? 0.279   -8.370  -21.014 1.00 19.75 ? 101 ILE B CG1 1 
ATOM   1313 C CG2 . ILE B 2 26  ? 1.620   -10.196 -22.088 1.00 21.80 ? 101 ILE B CG2 1 
ATOM   1314 C CD1 . ILE B 2 26  ? -0.142  -7.702  -22.265 1.00 20.34 ? 101 ILE B CD1 1 
ATOM   1315 N N   . PRO B 2 27  ? 3.659   -11.379 -19.654 1.00 23.93 ? 102 PRO B N   1 
ATOM   1316 C CA  . PRO B 2 27  ? 4.983   -11.991 -19.784 1.00 26.76 ? 102 PRO B CA  1 
ATOM   1317 C C   . PRO B 2 27  ? 5.609   -11.701 -21.144 1.00 30.07 ? 102 PRO B C   1 
ATOM   1318 O O   . PRO B 2 27  ? 4.893   -11.592 -22.141 1.00 26.03 ? 102 PRO B O   1 
ATOM   1319 C CB  . PRO B 2 27  ? 4.703   -13.488 -19.620 1.00 27.25 ? 102 PRO B CB  1 
ATOM   1320 C CG  . PRO B 2 27  ? 3.426   -13.549 -18.842 1.00 31.94 ? 102 PRO B CG  1 
ATOM   1321 C CD  . PRO B 2 27  ? 2.629   -12.350 -19.244 1.00 22.20 ? 102 PRO B CD  1 
ATOM   1322 N N   . PRO B 2 28  ? 6.942   -11.579 -21.185 1.00 34.55 ? 103 PRO B N   1 
ATOM   1323 C CA  . PRO B 2 28  ? 7.674   -11.271 -22.419 1.00 29.79 ? 103 PRO B CA  1 
ATOM   1324 C C   . PRO B 2 28  ? 7.567   -12.388 -23.470 1.00 35.36 ? 103 PRO B C   1 
ATOM   1325 O O   . PRO B 2 28  ? 7.461   -13.573 -23.129 1.00 32.27 ? 103 PRO B O   1 
ATOM   1326 C CB  . PRO B 2 28  ? 9.115   -11.107 -21.929 1.00 39.72 ? 103 PRO B CB  1 
ATOM   1327 C CG  . PRO B 2 28  ? 9.187   -11.944 -20.694 1.00 38.72 ? 103 PRO B CG  1 
ATOM   1328 C CD  . PRO B 2 28  ? 7.843   -11.814 -20.044 1.00 35.14 ? 103 PRO B CD  1 
ATOM   1329 N N   . GLY B 2 29  ? 7.580   -11.998 -24.741 1.00 34.98 ? 104 GLY B N   1 
ATOM   1330 C CA  . GLY B 2 29  ? 7.490   -12.951 -25.829 1.00 32.11 ? 104 GLY B CA  1 
ATOM   1331 C C   . GLY B 2 29  ? 8.781   -13.038 -26.622 1.00 38.12 ? 104 GLY B C   1 
ATOM   1332 O O   . GLY B 2 29  ? 8.867   -13.793 -27.594 1.00 43.95 ? 104 GLY B O   1 
HETATM 1333 N N1  . IMD C 3 .   ? -9.190  -12.635 -3.561  1.00 17.64 ? 401 IMD B N1  1 
HETATM 1334 C C2  . IMD C 3 .   ? -8.722  -11.868 -4.577  1.00 16.23 ? 401 IMD B C2  1 
HETATM 1335 N N3  . IMD C 3 .   ? -9.717  -11.068 -5.030  1.00 16.52 ? 401 IMD B N3  1 
HETATM 1336 C C4  . IMD C 3 .   ? -10.817 -11.318 -4.281  1.00 14.00 ? 401 IMD B C4  1 
HETATM 1337 C C5  . IMD C 3 .   ? -10.490 -12.300 -3.355  1.00 17.40 ? 401 IMD B C5  1 
HETATM 1338 O O   . HOH D 4 .   ? 3.428   -13.614 -0.351  1.00 30.85 ? 301 HOH A O   1 
HETATM 1339 O O   . HOH D 4 .   ? 11.749  -5.326  6.126   1.00 35.35 ? 302 HOH A O   1 
HETATM 1340 O O   . HOH D 4 .   ? 0.238   -1.768  15.543  1.00 24.67 ? 303 HOH A O   1 
HETATM 1341 O O   . HOH D 4 .   ? -5.708  3.086   1.032   1.00 19.35 ? 304 HOH A O   1 
HETATM 1342 O O   . HOH D 4 .   ? -14.192 -0.177  -11.753 1.00 34.13 ? 305 HOH A O   1 
HETATM 1343 O O   . HOH D 4 .   ? -11.378 3.867   -1.595  1.00 34.57 ? 306 HOH A O   1 
HETATM 1344 O O   . HOH D 4 .   ? 6.601   -12.873 6.550   1.00 27.52 ? 307 HOH A O   1 
HETATM 1345 O O   . HOH D 4 .   ? 14.064  9.358   -0.466  1.00 35.94 ? 308 HOH A O   1 
HETATM 1346 O O   . HOH D 4 .   ? -12.437 7.981   8.503   1.00 34.25 ? 309 HOH A O   1 
HETATM 1347 O O   . HOH D 4 .   ? -10.853 13.307  15.821  1.00 32.67 ? 310 HOH A O   1 
HETATM 1348 O O   . HOH D 4 .   ? 10.822  1.150   6.221   1.00 19.38 ? 311 HOH A O   1 
HETATM 1349 O O   . HOH D 4 .   ? -0.377  12.667  16.661  1.00 25.12 ? 312 HOH A O   1 
HETATM 1350 O O   . HOH D 4 .   ? -12.473 2.887   -4.464  1.00 27.54 ? 313 HOH A O   1 
HETATM 1351 O O   . HOH D 4 .   ? -8.209  2.539   7.421   1.00 25.65 ? 314 HOH A O   1 
HETATM 1352 O O   . HOH D 4 .   ? -16.079 -5.744  2.642   1.00 30.45 ? 315 HOH A O   1 
HETATM 1353 O O   . HOH D 4 .   ? 7.594   12.501  14.905  1.00 28.07 ? 316 HOH A O   1 
HETATM 1354 O O   . HOH D 4 .   ? -12.056 2.185   -9.641  1.00 24.15 ? 317 HOH A O   1 
HETATM 1355 O O   . HOH D 4 .   ? -13.112 -3.748  3.204   1.00 26.21 ? 318 HOH A O   1 
HETATM 1356 O O   . HOH D 4 .   ? -11.117 -9.285  -9.184  1.00 19.90 ? 319 HOH A O   1 
HETATM 1357 O O   . HOH D 4 .   ? -9.889  3.806   -10.360 1.00 24.57 ? 320 HOH A O   1 
HETATM 1358 O O   . HOH D 4 .   ? -6.845  12.319  -8.797  1.00 37.26 ? 321 HOH A O   1 
HETATM 1359 O O   . HOH D 4 .   ? 17.563  -4.294  -10.620 1.00 35.19 ? 322 HOH A O   1 
HETATM 1360 O O   . HOH D 4 .   ? 6.906   -18.391 -4.627  1.00 28.14 ? 323 HOH A O   1 
HETATM 1361 O O   . HOH D 4 .   ? -13.631 3.322   -7.515  1.00 34.90 ? 324 HOH A O   1 
HETATM 1362 O O   . HOH D 4 .   ? -7.897  4.234   2.437   1.00 27.79 ? 325 HOH A O   1 
HETATM 1363 O O   . HOH D 4 .   ? -4.633  2.813   -12.576 1.00 22.99 ? 326 HOH A O   1 
HETATM 1364 O O   . HOH D 4 .   ? -10.404 6.435   -9.472  1.00 26.61 ? 327 HOH A O   1 
HETATM 1365 O O   . HOH D 4 .   ? 11.402  4.065   -12.389 1.00 31.92 ? 328 HOH A O   1 
HETATM 1366 O O   . HOH D 4 .   ? -15.888 -8.825  3.571   1.00 28.80 ? 329 HOH A O   1 
HETATM 1367 O O   . HOH D 4 .   ? 2.946   -5.278  16.086  1.00 32.24 ? 330 HOH A O   1 
HETATM 1368 O O   . HOH D 4 .   ? 8.031   11.440  6.143   1.00 26.34 ? 331 HOH A O   1 
HETATM 1369 O O   . HOH D 4 .   ? 9.399   -10.508 2.227   1.00 32.75 ? 332 HOH A O   1 
HETATM 1370 O O   . HOH D 4 .   ? 11.039  4.194   -15.568 1.00 39.29 ? 333 HOH A O   1 
HETATM 1371 O O   . HOH D 4 .   ? -11.637 11.665  20.092  1.00 25.71 ? 334 HOH A O   1 
HETATM 1372 O O   . HOH D 4 .   ? -4.571  15.297  2.137   1.00 22.48 ? 335 HOH A O   1 
HETATM 1373 O O   . HOH D 4 .   ? -12.331 -10.773 5.843   1.00 34.83 ? 336 HOH A O   1 
HETATM 1374 O O   . HOH D 4 .   ? -9.728  12.761  13.466  1.00 33.07 ? 337 HOH A O   1 
HETATM 1375 O O   . HOH D 4 .   ? 6.158   -10.952 8.171   1.00 21.79 ? 338 HOH A O   1 
HETATM 1376 O O   . HOH D 4 .   ? -3.923  -4.063  22.021  1.00 31.42 ? 339 HOH A O   1 
HETATM 1377 O O   . HOH D 4 .   ? 8.699   -9.702  9.083   1.00 27.66 ? 340 HOH A O   1 
HETATM 1378 O O   . HOH D 4 .   ? 6.166   -4.972  -15.926 1.00 31.53 ? 341 HOH A O   1 
HETATM 1379 O O   . HOH D 4 .   ? -11.040 -1.984  3.297   1.00 31.65 ? 342 HOH A O   1 
HETATM 1380 O O   . HOH D 4 .   ? -0.805  -2.662  19.771  1.00 30.24 ? 343 HOH A O   1 
HETATM 1381 O O   . HOH D 4 .   ? -17.590 1.685   -3.390  1.00 51.93 ? 344 HOH A O   1 
HETATM 1382 O O   . HOH D 4 .   ? -14.018 -6.441  11.146  1.00 49.60 ? 345 HOH A O   1 
HETATM 1383 O O   . HOH D 4 .   ? -11.716 10.225  -5.048  1.00 38.59 ? 346 HOH A O   1 
HETATM 1384 O O   . HOH D 4 .   ? -1.325  8.300   -15.787 1.00 25.35 ? 347 HOH A O   1 
HETATM 1385 O O   . HOH D 4 .   ? 15.315  5.975   1.175   1.00 35.27 ? 348 HOH A O   1 
HETATM 1386 O O   . HOH D 4 .   ? -11.331 6.175   0.355   1.00 40.94 ? 349 HOH A O   1 
HETATM 1387 O O   . HOH D 4 .   ? -9.218  1.618   5.523   1.00 36.31 ? 350 HOH A O   1 
HETATM 1388 O O   . HOH D 4 .   ? -10.599 4.019   12.561  1.00 34.36 ? 351 HOH A O   1 
HETATM 1389 O O   . HOH D 4 .   ? -9.081  6.686   1.567   1.00 27.32 ? 352 HOH A O   1 
HETATM 1390 O O   . HOH D 4 .   ? 2.610   -19.803 1.086   1.00 44.78 ? 353 HOH A O   1 
HETATM 1391 O O   . HOH D 4 .   ? 4.249   14.419  -3.575  1.00 33.41 ? 354 HOH A O   1 
HETATM 1392 O O   . HOH D 4 .   ? 11.669  14.082  -6.426  1.00 55.98 ? 355 HOH A O   1 
HETATM 1393 O O   . HOH D 4 .   ? 6.531   -2.960  18.780  1.00 32.78 ? 356 HOH A O   1 
HETATM 1394 O O   . HOH D 4 .   ? -14.934 10.848  -0.422  1.00 41.85 ? 357 HOH A O   1 
HETATM 1395 O O   . HOH D 4 .   ? 12.679  8.452   -2.589  1.00 33.17 ? 358 HOH A O   1 
HETATM 1396 O O   . HOH D 4 .   ? -13.615 13.885  7.922   1.00 41.51 ? 359 HOH A O   1 
HETATM 1397 O O   . HOH D 4 .   ? -7.592  -1.241  1.210   1.00 37.20 ? 360 HOH A O   1 
HETATM 1398 O O   . HOH D 4 .   ? -7.212  1.615   -12.545 1.00 30.96 ? 361 HOH A O   1 
HETATM 1399 O O   . HOH D 4 .   ? 7.437   9.084   1.702   1.00 35.17 ? 362 HOH A O   1 
HETATM 1400 O O   . HOH D 4 .   ? -1.380  7.905   -18.567 1.00 40.76 ? 363 HOH A O   1 
HETATM 1401 O O   . HOH D 4 .   ? -0.261  -4.881  19.327  1.00 37.25 ? 364 HOH A O   1 
HETATM 1402 O O   . HOH D 4 .   ? -4.068  7.740   -15.650 1.00 30.11 ? 365 HOH A O   1 
HETATM 1403 O O   . HOH D 4 .   ? 11.406  4.879   12.433  1.00 12.31 ? 366 HOH A O   1 
HETATM 1404 O O   . HOH D 4 .   ? 11.025  2.643   13.986  1.00 18.78 ? 367 HOH A O   1 
HETATM 1405 O O   . HOH D 4 .   ? 10.063  0.912   17.430  1.00 26.71 ? 368 HOH A O   1 
HETATM 1406 O O   . HOH D 4 .   ? 8.896   2.761   15.581  1.00 22.86 ? 369 HOH A O   1 
HETATM 1407 O O   . HOH D 4 .   ? 6.427   1.518   15.879  1.00 14.91 ? 370 HOH A O   1 
HETATM 1408 O O   . HOH D 4 .   ? 0.234   8.814   -6.182  1.00 21.74 ? 371 HOH A O   1 
HETATM 1409 O O   . HOH D 4 .   ? 4.086   -13.136 -7.570  1.00 34.28 ? 372 HOH A O   1 
HETATM 1410 O O   . HOH D 4 .   ? -9.797  -2.016  -13.706 1.00 31.21 ? 373 HOH A O   1 
HETATM 1411 O O   . HOH D 4 .   ? 12.181  -8.476  1.484   1.00 47.13 ? 374 HOH A O   1 
HETATM 1412 O O   . HOH D 4 .   ? 10.891  -8.556  -1.056  1.00 36.15 ? 375 HOH A O   1 
HETATM 1413 O O   . HOH D 4 .   ? 10.518  -10.629 -2.697  1.00 34.35 ? 376 HOH A O   1 
HETATM 1414 O O   . HOH D 4 .   ? 11.576  -12.834 -3.472  0.50 26.97 ? 377 HOH A O   1 
HETATM 1415 O O   . HOH D 4 .   ? 14.415  -11.007 -0.873  1.00 40.42 ? 378 HOH A O   1 
HETATM 1416 O O   . HOH D 4 .   ? 9.981   -4.951  -18.673 1.00 41.21 ? 379 HOH A O   1 
HETATM 1417 O O   . HOH D 4 .   ? -6.100  15.972  8.725   1.00 35.62 ? 380 HOH A O   1 
HETATM 1418 O O   . HOH D 4 .   ? 0.088   10.337  19.256  0.50 19.88 ? 381 HOH A O   1 
HETATM 1419 O O   . HOH D 4 .   ? -3.032  13.040  -9.409  1.00 40.64 ? 382 HOH A O   1 
HETATM 1420 O O   . HOH D 4 .   ? 0.773   -14.123 1.505   1.00 43.46 ? 383 HOH A O   1 
HETATM 1421 O O   . HOH D 4 .   ? -12.707 6.018   15.866  1.00 38.49 ? 384 HOH A O   1 
HETATM 1422 O O   . HOH D 4 .   ? 18.530  -0.320  -6.470  1.00 47.05 ? 385 HOH A O   1 
HETATM 1423 O O   . HOH D 4 .   ? 18.678  -1.768  -9.182  1.00 51.16 ? 386 HOH A O   1 
HETATM 1424 O O   . HOH D 4 .   ? 17.113  3.637   -4.504  1.00 45.18 ? 387 HOH A O   1 
HETATM 1425 O O   . HOH D 4 .   ? 13.501  -5.892  12.379  1.00 60.51 ? 388 HOH A O   1 
HETATM 1426 O O   . HOH D 4 .   ? -11.218 13.545  -2.913  1.00 43.95 ? 389 HOH A O   1 
HETATM 1427 O O   . HOH D 4 .   ? 1.350   15.654  -5.498  1.00 38.15 ? 390 HOH A O   1 
HETATM 1428 O O   . HOH D 4 .   ? -12.305 15.645  9.566   1.00 39.41 ? 391 HOH A O   1 
HETATM 1429 O O   . HOH D 4 .   ? -13.059 18.661  5.407   1.00 52.78 ? 392 HOH A O   1 
HETATM 1430 O O   . HOH D 4 .   ? -10.020 18.896  4.937   1.00 38.37 ? 393 HOH A O   1 
HETATM 1431 O O   . HOH D 4 .   ? 6.144   -15.370 -7.323  0.50 26.36 ? 394 HOH A O   1 
HETATM 1432 O O   . HOH D 4 .   ? -5.684  -0.667  14.402  1.00 26.40 ? 395 HOH A O   1 
HETATM 1433 O O   . HOH D 4 .   ? 4.505   -5.178  17.941  1.00 37.38 ? 396 HOH A O   1 
HETATM 1434 O O   . HOH D 4 .   ? 7.759   15.069  -0.869  1.00 41.65 ? 397 HOH A O   1 
HETATM 1435 O O   . HOH D 4 .   ? 11.305  -12.966 0.799   1.00 44.24 ? 398 HOH A O   1 
HETATM 1436 O O   . HOH D 4 .   ? 7.618   -10.526 -11.440 1.00 40.26 ? 399 HOH A O   1 
HETATM 1437 O O   . HOH D 4 .   ? 13.548  7.592   -5.102  1.00 41.58 ? 400 HOH A O   1 
HETATM 1438 O O   . HOH D 4 .   ? 6.174   5.709   16.177  1.00 26.18 ? 401 HOH A O   1 
HETATM 1439 O O   . HOH D 4 .   ? 11.015  -11.429 -8.369  1.00 37.89 ? 402 HOH A O   1 
HETATM 1440 O O   . HOH D 4 .   ? -8.640  10.373  -9.364  1.00 46.27 ? 403 HOH A O   1 
HETATM 1441 O O   . HOH D 4 .   ? -18.092 -4.778  2.194   1.00 35.05 ? 404 HOH A O   1 
HETATM 1442 O O   . HOH D 4 .   ? -10.576 17.589  8.536   1.00 40.65 ? 405 HOH A O   1 
HETATM 1443 O O   . HOH D 4 .   ? -14.149 -3.634  -10.825 1.00 27.66 ? 406 HOH A O   1 
HETATM 1444 O O   . HOH D 4 .   ? 13.196  -6.038  -5.429  1.00 33.90 ? 407 HOH A O   1 
HETATM 1445 O O   . HOH D 4 .   ? 4.328   -2.614  -20.674 1.00 46.85 ? 408 HOH A O   1 
HETATM 1446 O O   . HOH D 4 .   ? 10.842  -7.451  -17.616 1.00 43.56 ? 409 HOH A O   1 
HETATM 1447 O O   . HOH D 4 .   ? 14.799  -0.666  7.035   1.00 42.44 ? 410 HOH A O   1 
HETATM 1448 O O   . HOH D 4 .   ? -12.202 0.931   15.329  1.00 41.77 ? 411 HOH A O   1 
HETATM 1449 O O   . HOH D 4 .   ? -0.087  15.285  17.798  1.00 48.43 ? 412 HOH A O   1 
HETATM 1450 O O   . HOH D 4 .   ? -0.935  14.935  -10.449 1.00 48.50 ? 413 HOH A O   1 
HETATM 1451 O O   . HOH D 4 .   ? 13.273  -6.781  5.190   1.00 44.30 ? 414 HOH A O   1 
HETATM 1452 O O   . HOH D 4 .   ? -14.246 11.824  10.085  1.00 44.43 ? 415 HOH A O   1 
HETATM 1453 O O   . HOH D 4 .   ? 12.791  -1.082  5.010   1.00 33.83 ? 416 HOH A O   1 
HETATM 1454 O O   . HOH D 4 .   ? -17.806 -3.180  -13.823 1.00 51.21 ? 417 HOH A O   1 
HETATM 1455 O O   . HOH D 4 .   ? -15.412 10.231  11.470  1.00 51.14 ? 418 HOH A O   1 
HETATM 1456 O O   . HOH D 4 .   ? -14.898 16.807  8.797   1.00 53.29 ? 419 HOH A O   1 
HETATM 1457 O O   . HOH E 4 .   ? -8.548  -11.892 11.129  1.00 47.74 ? 501 HOH B O   1 
HETATM 1458 O O   . HOH E 4 .   ? 3.654   -7.131  -12.446 1.00 22.50 ? 502 HOH B O   1 
HETATM 1459 O O   . HOH E 4 .   ? 0.233   -12.221 -10.891 1.00 24.79 ? 503 HOH B O   1 
HETATM 1460 O O   . HOH E 4 .   ? -8.652  -15.777 0.587   1.00 31.07 ? 504 HOH B O   1 
HETATM 1461 O O   . HOH E 4 .   ? -4.345  -16.627 9.936   1.00 49.97 ? 505 HOH B O   1 
HETATM 1462 O O   . HOH E 4 .   ? -2.250  -15.812 -0.625  1.00 39.70 ? 506 HOH B O   1 
HETATM 1463 O O   . HOH E 4 .   ? -8.313  -10.151 -12.366 1.00 21.33 ? 507 HOH B O   1 
HETATM 1464 O O   . HOH E 4 .   ? -6.321  -11.453 -13.464 1.00 30.38 ? 508 HOH B O   1 
HETATM 1465 O O   . HOH E 4 .   ? -6.106  -7.117  -13.526 1.00 21.03 ? 509 HOH B O   1 
HETATM 1466 O O   . HOH E 4 .   ? -6.654  -4.897  -13.633 1.00 28.77 ? 510 HOH B O   1 
HETATM 1467 O O   . HOH E 4 .   ? -5.320  -7.891  -15.556 1.00 29.82 ? 511 HOH B O   1 
HETATM 1468 O O   . HOH E 4 .   ? -2.616  -5.552  -19.395 1.00 33.31 ? 512 HOH B O   1 
HETATM 1469 O O   . HOH E 4 .   ? -10.251 -9.330  -6.463  1.00 22.62 ? 513 HOH B O   1 
HETATM 1470 O O   . HOH E 4 .   ? -3.010  -2.975  -19.682 1.00 34.17 ? 514 HOH B O   1 
HETATM 1471 O O   . HOH E 4 .   ? 5.332   -9.255  -12.881 1.00 34.21 ? 515 HOH B O   1 
HETATM 1472 O O   . HOH E 4 .   ? 3.680   -10.831 -12.936 1.00 29.90 ? 516 HOH B O   1 
HETATM 1473 O O   . HOH E 4 .   ? 6.752   -9.027  -17.210 1.00 41.59 ? 517 HOH B O   1 
# 
loop_
_pdbx_poly_seq_scheme.asym_id 
_pdbx_poly_seq_scheme.entity_id 
_pdbx_poly_seq_scheme.seq_id 
_pdbx_poly_seq_scheme.mon_id 
_pdbx_poly_seq_scheme.ndb_seq_num 
_pdbx_poly_seq_scheme.pdb_seq_num 
_pdbx_poly_seq_scheme.auth_seq_num 
_pdbx_poly_seq_scheme.pdb_mon_id 
_pdbx_poly_seq_scheme.auth_mon_id 
_pdbx_poly_seq_scheme.pdb_strand_id 
_pdbx_poly_seq_scheme.pdb_ins_code 
_pdbx_poly_seq_scheme.hetero 
A 1 1   MET 1   1   ?   ?   ?   A . n 
A 1 2   SER 2   2   ?   ?   ?   A . n 
A 1 3   GLN 3   3   ?   ?   ?   A . n 
A 1 4   SER 4   4   4   SER SER A . n 
A 1 5   ASN 5   5   5   ASN ASN A . n 
A 1 6   ARG 6   6   6   ARG ARG A . n 
A 1 7   GLU 7   7   7   GLU GLU A . n 
A 1 8   LEU 8   8   8   LEU LEU A . n 
A 1 9   VAL 9   9   9   VAL VAL A . n 
A 1 10  VAL 10  10  10  VAL VAL A . n 
A 1 11  ASP 11  11  11  ASP ASP A . n 
A 1 12  PHE 12  12  12  PHE PHE A . n 
A 1 13  LEU 13  13  13  LEU LEU A . n 
A 1 14  SER 14  14  14  SER SER A . n 
A 1 15  TYR 15  15  15  TYR TYR A . n 
A 1 16  LYS 16  16  16  LYS LYS A . n 
A 1 17  LEU 17  17  17  LEU LEU A . n 
A 1 18  SER 18  18  18  SER SER A . n 
A 1 19  GLN 19  19  19  GLN GLN A . n 
A 1 20  LYS 20  20  20  LYS LYS A . n 
A 1 21  GLY 21  21  21  GLY GLY A . n 
A 1 22  TYR 22  22  22  TYR TYR A . n 
A 1 23  SER 23  23  23  SER SER A . n 
A 1 24  TRP 24  24  24  TRP TRP A . n 
A 1 25  SER 25  25  25  SER SER A . n 
A 1 26  GLN 26  26  ?   ?   ?   A . n 
A 1 27  PHE 27  27  ?   ?   ?   A . n 
A 1 28  SER 28  28  ?   ?   ?   A . n 
A 1 29  ASP 29  29  ?   ?   ?   A . n 
A 1 30  VAL 30  30  ?   ?   ?   A . n 
A 1 31  GLU 31  31  ?   ?   ?   A . n 
A 1 32  GLU 32  32  ?   ?   ?   A . n 
A 1 33  ASN 33  33  ?   ?   ?   A . n 
A 1 34  ARG 34  34  ?   ?   ?   A . n 
A 1 35  THR 35  35  ?   ?   ?   A . n 
A 1 36  GLU 36  36  ?   ?   ?   A . n 
A 1 37  ALA 37  37  ?   ?   ?   A . n 
A 1 38  PRO 38  38  ?   ?   ?   A . n 
A 1 39  GLU 39  39  ?   ?   ?   A . n 
A 1 40  GLY 40  40  ?   ?   ?   A . n 
A 1 41  THR 41  41  ?   ?   ?   A . n 
A 1 42  GLU 42  42  ?   ?   ?   A . n 
A 1 43  SER 43  43  ?   ?   ?   A . n 
A 1 44  GLU 44  44  ?   ?   ?   A . n 
A 1 45  ALA 45  85  85  ALA ALA A . n 
A 1 46  VAL 46  86  86  VAL VAL A . n 
A 1 47  LYS 47  87  87  LYS LYS A . n 
A 1 48  GLN 48  88  88  GLN GLN A . n 
A 1 49  ALA 49  89  89  ALA ALA A . n 
A 1 50  LEU 50  90  90  LEU LEU A . n 
A 1 51  ARG 51  91  91  ARG ARG A . n 
A 1 52  GLU 52  92  92  GLU GLU A . n 
A 1 53  ALA 53  93  93  ALA ALA A . n 
A 1 54  GLY 54  94  94  GLY GLY A . n 
A 1 55  ASP 55  95  95  ASP ASP A . n 
A 1 56  GLU 56  96  96  GLU GLU A . n 
A 1 57  PHE 57  97  97  PHE PHE A . n 
A 1 58  GLU 58  98  98  GLU GLU A . n 
A 1 59  LEU 59  99  99  LEU LEU A . n 
A 1 60  ARG 60  100 100 ARG ARG A . n 
A 1 61  TYR 61  101 101 TYR TYR A . n 
A 1 62  ARG 62  102 102 ARG ARG A . n 
A 1 63  ARG 63  103 103 ARG ARG A . n 
A 1 64  ALA 64  104 104 ALA ALA A . n 
A 1 65  PHE 65  105 105 PHE PHE A . n 
A 1 66  SER 66  106 106 SER SER A . n 
A 1 67  ASP 67  107 107 ASP ASP A . n 
A 1 68  LEU 68  108 108 LEU LEU A . n 
A 1 69  THR 69  109 109 THR THR A . n 
A 1 70  SER 70  110 110 SER SER A . n 
A 1 71  GLN 71  111 111 GLN GLN A . n 
A 1 72  LEU 72  112 112 LEU LEU A . n 
A 1 73  HIS 73  113 113 HIS HIS A . n 
A 1 74  ILE 74  114 114 ILE ILE A . n 
A 1 75  THR 75  115 115 THR THR A . n 
A 1 76  PRO 76  116 116 PRO PRO A . n 
A 1 77  GLY 77  117 117 GLY GLY A . n 
A 1 78  THR 78  118 118 THR THR A . n 
A 1 79  ALA 79  119 119 ALA ALA A . n 
A 1 80  TYR 80  120 120 TYR TYR A . n 
A 1 81  GLN 81  121 121 GLN GLN A . n 
A 1 82  SER 82  122 122 SER SER A . n 
A 1 83  PHE 83  123 123 PHE PHE A . n 
A 1 84  GLU 84  124 124 GLU GLU A . n 
A 1 85  GLN 85  125 125 GLN GLN A . n 
A 1 86  VAL 86  126 126 VAL VAL A . n 
A 1 87  VAL 87  127 127 VAL VAL A . n 
A 1 88  ASN 88  128 128 ASN ASN A . n 
A 1 89  GLU 89  129 129 GLU GLU A . n 
A 1 90  LEU 90  130 130 LEU LEU A . n 
A 1 91  PHE 91  131 131 PHE PHE A . n 
A 1 92  ARG 92  132 132 ARG ARG A . n 
A 1 93  ASP 93  133 133 ASP ASP A . n 
A 1 94  GLY 94  134 134 GLY GLY A . n 
A 1 95  VAL 95  135 135 VAL VAL A . n 
A 1 96  ASN 96  136 136 ASN ASN A . n 
A 1 97  TRP 97  137 137 TRP TRP A . n 
A 1 98  GLY 98  138 138 GLY GLY A . n 
A 1 99  ARG 99  139 139 ARG ARG A . n 
A 1 100 ILE 100 140 140 ILE ILE A . n 
A 1 101 VAL 101 141 141 VAL VAL A . n 
A 1 102 ALA 102 142 142 ALA ALA A . n 
A 1 103 PHE 103 143 143 PHE PHE A . n 
A 1 104 PHE 104 144 144 PHE PHE A . n 
A 1 105 SER 105 145 145 SER SER A . n 
A 1 106 PHE 106 146 146 PHE PHE A . n 
A 1 107 GLY 107 147 147 GLY GLY A . n 
A 1 108 GLY 108 148 148 GLY GLY A . n 
A 1 109 ALA 109 149 149 ALA ALA A . n 
A 1 110 LEU 110 150 150 LEU LEU A . n 
A 1 111 CYS 111 151 151 CYS CYS A . n 
A 1 112 VAL 112 152 152 VAL VAL A . n 
A 1 113 GLU 113 153 153 GLU GLU A . n 
A 1 114 SER 114 154 154 SER SER A . n 
A 1 115 VAL 115 155 155 VAL VAL A . n 
A 1 116 ASP 116 156 156 ASP ASP A . n 
A 1 117 LYS 117 157 157 LYS LYS A . n 
A 1 118 GLU 118 158 158 GLU GLU A . n 
A 1 119 MET 119 159 159 MET MET A . n 
A 1 120 GLN 120 160 160 GLN GLN A . n 
A 1 121 VAL 121 161 161 VAL VAL A . n 
A 1 122 LEU 122 162 162 LEU LEU A . n 
A 1 123 VAL 123 163 163 VAL VAL A . n 
A 1 124 SER 124 164 164 SER SER A . n 
A 1 125 ARG 125 165 165 ARG ARG A . n 
A 1 126 ILE 126 166 166 ILE ILE A . n 
A 1 127 ALA 127 167 167 ALA ALA A . n 
A 1 128 ALA 128 168 168 ALA ALA A . n 
A 1 129 TRP 129 169 169 TRP TRP A . n 
A 1 130 MET 130 170 170 MET MET A . n 
A 1 131 ALA 131 171 171 ALA ALA A . n 
A 1 132 THR 132 172 172 THR THR A . n 
A 1 133 TYR 133 173 173 TYR TYR A . n 
A 1 134 LEU 134 174 174 LEU LEU A . n 
A 1 135 ASN 135 175 175 ASN ASN A . n 
A 1 136 ASP 136 176 176 ASP ASP A . n 
A 1 137 HIS 137 177 177 HIS HIS A . n 
A 1 138 LEU 138 178 178 LEU LEU A . n 
A 1 139 GLU 139 179 179 GLU GLU A . n 
A 1 140 PRO 140 180 180 PRO PRO A . n 
A 1 141 TRP 141 181 181 TRP TRP A . n 
A 1 142 ILE 142 182 182 ILE ILE A . n 
A 1 143 GLN 143 183 183 GLN GLN A . n 
A 1 144 GLU 144 184 184 GLU GLU A . n 
A 1 145 ASN 145 185 185 ASN ASN A . n 
A 1 146 GLY 146 186 186 GLY GLY A . n 
A 1 147 GLY 147 187 187 GLY GLY A . n 
A 1 148 TRP 148 188 188 TRP TRP A . n 
A 1 149 ASP 149 189 189 ASP ASP A . n 
A 1 150 THR 150 190 190 THR THR A . n 
A 1 151 PHE 151 191 191 PHE PHE A . n 
A 1 152 VAL 152 192 192 VAL VAL A . n 
A 1 153 GLU 153 193 193 GLU GLU A . n 
A 1 154 LEU 154 194 194 LEU LEU A . n 
A 1 155 TYR 155 195 195 TYR TYR A . n 
A 1 156 GLY 156 196 196 GLY GLY A . n 
A 1 157 ASN 157 197 197 ASN ASN A . n 
A 1 158 ASN 158 198 198 ASN ASN A . n 
A 1 159 ALA 159 199 ?   ?   ?   A . n 
A 1 160 ALA 160 200 ?   ?   ?   A . n 
A 1 161 ALA 161 201 ?   ?   ?   A . n 
A 1 162 GLU 162 202 ?   ?   ?   A . n 
A 1 163 SER 163 203 ?   ?   ?   A . n 
A 1 164 ARG 164 204 ?   ?   ?   A . n 
A 1 165 LYS 165 205 ?   ?   ?   A . n 
A 1 166 GLY 166 206 ?   ?   ?   A . n 
A 1 167 GLN 167 207 ?   ?   ?   A . n 
A 1 168 GLU 168 208 ?   ?   ?   A . n 
A 1 169 ARG 169 209 ?   ?   ?   A . n 
B 2 1   SER 1   76  ?   ?   ?   B . n 
B 2 2   GLU 2   77  77  GLU GLU B . n 
B 2 3   SER 3   78  78  SER SER B . n 
B 2 4   GLN 4   79  79  GLN GLN B . n 
B 2 5   GLU 5   80  80  GLU GLU B . n 
B 2 6   ASP 6   81  81  ASP ASP B . n 
B 2 7   ILE 7   82  82  ILE ILE B . n 
B 2 8   ILE 8   83  83  ILE ILE B . n 
B 2 9   ARG 9   84  84  ARG ARG B . n 
B 2 10  ASN 10  85  85  ASN ASN B . n 
B 2 11  ILE 11  86  86  ILE ILE B . n 
B 2 12  ALA 12  87  87  ALA ALA B . n 
B 2 13  ARG 13  88  88  ARG ARG B . n 
B 2 14  HIS 14  89  89  HIS HIS B . n 
B 2 15  LEU 15  90  90  LEU LEU B . n 
B 2 16  ALA 16  91  91  ALA ALA B . n 
B 2 17  GLN 17  92  92  GLN GLN B . n 
B 2 18  VAL 18  93  93  VAL VAL B . n 
B 2 19  GLY 19  94  94  GLY GLY B . n 
B 2 20  ASP 20  95  95  ASP ASP B . n 
B 2 21  SER 21  96  96  SER SER B . n 
B 2 22  MET 22  97  97  MET MET B . n 
B 2 23  ASP 23  98  98  ASP ASP B . n 
B 2 24  ARG 24  99  99  ARG ARG B . n 
B 2 25  SER 25  100 100 SER SER B . n 
B 2 26  ILE 26  101 101 ILE ILE B . n 
B 2 27  PRO 27  102 102 PRO PRO B . n 
B 2 28  PRO 28  103 103 PRO PRO B . n 
B 2 29  GLY 29  104 104 GLY GLY B . n 
B 2 30  LEU 30  105 ?   ?   ?   B . n 
B 2 31  VAL 31  106 ?   ?   ?   B . n 
B 2 32  ASN 32  107 ?   ?   ?   B . n 
B 2 33  GLY 33  108 ?   ?   ?   B . n 
B 2 34  LEU 34  109 ?   ?   ?   B . n 
# 
loop_
_pdbx_nonpoly_scheme.asym_id 
_pdbx_nonpoly_scheme.entity_id 
_pdbx_nonpoly_scheme.mon_id 
_pdbx_nonpoly_scheme.ndb_seq_num 
_pdbx_nonpoly_scheme.pdb_seq_num 
_pdbx_nonpoly_scheme.auth_seq_num 
_pdbx_nonpoly_scheme.pdb_mon_id 
_pdbx_nonpoly_scheme.auth_mon_id 
_pdbx_nonpoly_scheme.pdb_strand_id 
_pdbx_nonpoly_scheme.pdb_ins_code 
C 3 IMD 1   401 401 IMD IMD B . 
D 4 HOH 1   301 2   HOH HOH A . 
D 4 HOH 2   302 4   HOH HOH A . 
D 4 HOH 3   303 6   HOH HOH A . 
D 4 HOH 4   304 8   HOH HOH A . 
D 4 HOH 5   305 9   HOH HOH A . 
D 4 HOH 6   306 10  HOH HOH A . 
D 4 HOH 7   307 11  HOH HOH A . 
D 4 HOH 8   308 12  HOH HOH A . 
D 4 HOH 9   309 13  HOH HOH A . 
D 4 HOH 10  310 14  HOH HOH A . 
D 4 HOH 11  311 15  HOH HOH A . 
D 4 HOH 12  312 16  HOH HOH A . 
D 4 HOH 13  313 19  HOH HOH A . 
D 4 HOH 14  314 20  HOH HOH A . 
D 4 HOH 15  315 21  HOH HOH A . 
D 4 HOH 16  316 22  HOH HOH A . 
D 4 HOH 17  317 23  HOH HOH A . 
D 4 HOH 18  318 25  HOH HOH A . 
D 4 HOH 19  319 27  HOH HOH A . 
D 4 HOH 20  320 28  HOH HOH A . 
D 4 HOH 21  321 29  HOH HOH A . 
D 4 HOH 22  322 30  HOH HOH A . 
D 4 HOH 23  323 31  HOH HOH A . 
D 4 HOH 24  324 32  HOH HOH A . 
D 4 HOH 25  325 33  HOH HOH A . 
D 4 HOH 26  326 34  HOH HOH A . 
D 4 HOH 27  327 35  HOH HOH A . 
D 4 HOH 28  328 36  HOH HOH A . 
D 4 HOH 29  329 37  HOH HOH A . 
D 4 HOH 30  330 39  HOH HOH A . 
D 4 HOH 31  331 40  HOH HOH A . 
D 4 HOH 32  332 41  HOH HOH A . 
D 4 HOH 33  333 42  HOH HOH A . 
D 4 HOH 34  334 44  HOH HOH A . 
D 4 HOH 35  335 46  HOH HOH A . 
D 4 HOH 36  336 51  HOH HOH A . 
D 4 HOH 37  337 52  HOH HOH A . 
D 4 HOH 38  338 53  HOH HOH A . 
D 4 HOH 39  339 55  HOH HOH A . 
D 4 HOH 40  340 57  HOH HOH A . 
D 4 HOH 41  341 58  HOH HOH A . 
D 4 HOH 42  342 59  HOH HOH A . 
D 4 HOH 43  343 63  HOH HOH A . 
D 4 HOH 44  344 68  HOH HOH A . 
D 4 HOH 45  345 69  HOH HOH A . 
D 4 HOH 46  346 70  HOH HOH A . 
D 4 HOH 47  347 74  HOH HOH A . 
D 4 HOH 48  348 76  HOH HOH A . 
D 4 HOH 49  349 80  HOH HOH A . 
D 4 HOH 50  350 83  HOH HOH A . 
D 4 HOH 51  351 91  HOH HOH A . 
D 4 HOH 52  352 92  HOH HOH A . 
D 4 HOH 53  353 96  HOH HOH A . 
D 4 HOH 54  354 97  HOH HOH A . 
D 4 HOH 55  355 99  HOH HOH A . 
D 4 HOH 56  356 106 HOH HOH A . 
D 4 HOH 57  357 114 HOH HOH A . 
D 4 HOH 58  358 126 HOH HOH A . 
D 4 HOH 59  359 131 HOH HOH A . 
D 4 HOH 60  360 145 HOH HOH A . 
D 4 HOH 61  361 146 HOH HOH A . 
D 4 HOH 62  362 147 HOH HOH A . 
D 4 HOH 63  363 150 HOH HOH A . 
D 4 HOH 64  364 152 HOH HOH A . 
D 4 HOH 65  365 154 HOH HOH A . 
D 4 HOH 66  366 155 HOH HOH A . 
D 4 HOH 67  367 156 HOH HOH A . 
D 4 HOH 68  368 157 HOH HOH A . 
D 4 HOH 69  369 158 HOH HOH A . 
D 4 HOH 70  370 159 HOH HOH A . 
D 4 HOH 71  371 160 HOH HOH A . 
D 4 HOH 72  372 163 HOH HOH A . 
D 4 HOH 73  373 167 HOH HOH A . 
D 4 HOH 74  374 168 HOH HOH A . 
D 4 HOH 75  375 169 HOH HOH A . 
D 4 HOH 76  376 170 HOH HOH A . 
D 4 HOH 77  377 171 HOH HOH A . 
D 4 HOH 78  378 172 HOH HOH A . 
D 4 HOH 79  379 174 HOH HOH A . 
D 4 HOH 80  380 175 HOH HOH A . 
D 4 HOH 81  381 176 HOH HOH A . 
D 4 HOH 82  382 178 HOH HOH A . 
D 4 HOH 83  383 179 HOH HOH A . 
D 4 HOH 84  384 182 HOH HOH A . 
D 4 HOH 85  385 183 HOH HOH A . 
D 4 HOH 86  386 184 HOH HOH A . 
D 4 HOH 87  387 185 HOH HOH A . 
D 4 HOH 88  388 187 HOH HOH A . 
D 4 HOH 89  389 190 HOH HOH A . 
D 4 HOH 90  390 191 HOH HOH A . 
D 4 HOH 91  391 192 HOH HOH A . 
D 4 HOH 92  392 193 HOH HOH A . 
D 4 HOH 93  393 194 HOH HOH A . 
D 4 HOH 94  394 196 HOH HOH A . 
D 4 HOH 95  395 198 HOH HOH A . 
D 4 HOH 96  396 199 HOH HOH A . 
D 4 HOH 97  397 200 HOH HOH A . 
D 4 HOH 98  398 201 HOH HOH A . 
D 4 HOH 99  399 202 HOH HOH A . 
D 4 HOH 100 400 211 HOH HOH A . 
D 4 HOH 101 401 216 HOH HOH A . 
D 4 HOH 102 402 217 HOH HOH A . 
D 4 HOH 103 403 219 HOH HOH A . 
D 4 HOH 104 404 221 HOH HOH A . 
D 4 HOH 105 405 227 HOH HOH A . 
D 4 HOH 106 406 230 HOH HOH A . 
D 4 HOH 107 407 238 HOH HOH A . 
D 4 HOH 108 408 254 HOH HOH A . 
D 4 HOH 109 409 264 HOH HOH A . 
D 4 HOH 110 410 294 HOH HOH A . 
D 4 HOH 111 411 304 HOH HOH A . 
D 4 HOH 112 412 322 HOH HOH A . 
D 4 HOH 113 413 327 HOH HOH A . 
D 4 HOH 114 414 328 HOH HOH A . 
D 4 HOH 115 415 329 HOH HOH A . 
D 4 HOH 116 416 330 HOH HOH A . 
D 4 HOH 117 417 331 HOH HOH A . 
D 4 HOH 118 418 332 HOH HOH A . 
D 4 HOH 119 419 335 HOH HOH A . 
E 4 HOH 1   501 186 HOH HOH B . 
E 4 HOH 2   502 1   HOH HOH B . 
E 4 HOH 3   503 3   HOH HOH B . 
E 4 HOH 4   504 17  HOH HOH B . 
E 4 HOH 5   505 93  HOH HOH B . 
E 4 HOH 6   506 140 HOH HOH B . 
E 4 HOH 7   507 161 HOH HOH B . 
E 4 HOH 8   508 162 HOH HOH B . 
E 4 HOH 9   509 164 HOH HOH B . 
E 4 HOH 10  510 165 HOH HOH B . 
E 4 HOH 11  511 166 HOH HOH B . 
E 4 HOH 12  512 180 HOH HOH B . 
E 4 HOH 13  513 189 HOH HOH B . 
E 4 HOH 14  514 212 HOH HOH B . 
E 4 HOH 15  515 214 HOH HOH B . 
E 4 HOH 16  516 226 HOH HOH B . 
E 4 HOH 17  517 339 HOH HOH B . 
# 
_pdbx_struct_assembly.id                   1 
_pdbx_struct_assembly.details              author_and_software_defined_assembly 
_pdbx_struct_assembly.method_details       PISA 
_pdbx_struct_assembly.oligomeric_details   dimeric 
_pdbx_struct_assembly.oligomeric_count     2 
# 
_pdbx_struct_assembly_gen.assembly_id       1 
_pdbx_struct_assembly_gen.oper_expression   1 
_pdbx_struct_assembly_gen.asym_id_list      A,B,C,D,E 
# 
loop_
_pdbx_struct_assembly_prop.biol_id 
_pdbx_struct_assembly_prop.type 
_pdbx_struct_assembly_prop.value 
_pdbx_struct_assembly_prop.details 
1 'ABSA (A^2)' 2340 ? 
1 MORE         -16  ? 
1 'SSA (A^2)'  8450 ? 
# 
_pdbx_struct_oper_list.id                   1 
_pdbx_struct_oper_list.type                 'identity operation' 
_pdbx_struct_oper_list.name                 1_555 
_pdbx_struct_oper_list.symmetry_operation   x,y,z 
_pdbx_struct_oper_list.matrix[1][1]         1.0000000000 
_pdbx_struct_oper_list.matrix[1][2]         0.0000000000 
_pdbx_struct_oper_list.matrix[1][3]         0.0000000000 
_pdbx_struct_oper_list.vector[1]            0.0000000000 
_pdbx_struct_oper_list.matrix[2][1]         0.0000000000 
_pdbx_struct_oper_list.matrix[2][2]         1.0000000000 
_pdbx_struct_oper_list.matrix[2][3]         0.0000000000 
_pdbx_struct_oper_list.vector[2]            0.0000000000 
_pdbx_struct_oper_list.matrix[3][1]         0.0000000000 
_pdbx_struct_oper_list.matrix[3][2]         0.0000000000 
_pdbx_struct_oper_list.matrix[3][3]         1.0000000000 
_pdbx_struct_oper_list.vector[3]            0.0000000000 
# 
loop_
_pdbx_struct_special_symmetry.id 
_pdbx_struct_special_symmetry.PDB_model_num 
_pdbx_struct_special_symmetry.auth_asym_id 
_pdbx_struct_special_symmetry.auth_comp_id 
_pdbx_struct_special_symmetry.auth_seq_id 
_pdbx_struct_special_symmetry.PDB_ins_code 
_pdbx_struct_special_symmetry.label_asym_id 
_pdbx_struct_special_symmetry.label_comp_id 
_pdbx_struct_special_symmetry.label_seq_id 
1 1 A HIS 113 ? A HIS 73 
2 1 A HOH 394 ? D HOH .  
# 
loop_
_pdbx_audit_revision_history.ordinal 
_pdbx_audit_revision_history.data_content_type 
_pdbx_audit_revision_history.major_revision 
_pdbx_audit_revision_history.minor_revision 
_pdbx_audit_revision_history.revision_date 
1 'Structure model' 1 0 2015-06-10 
2 'Structure model' 1 1 2022-08-24 
3 'Structure model' 1 2 2023-11-08 
# 
_pdbx_audit_revision_details.ordinal             1 
_pdbx_audit_revision_details.revision_ordinal    1 
_pdbx_audit_revision_details.data_content_type   'Structure model' 
_pdbx_audit_revision_details.provider            repository 
_pdbx_audit_revision_details.type                'Initial release' 
_pdbx_audit_revision_details.description         ? 
_pdbx_audit_revision_details.details             ? 
# 
loop_
_pdbx_audit_revision_group.ordinal 
_pdbx_audit_revision_group.revision_ordinal 
_pdbx_audit_revision_group.data_content_type 
_pdbx_audit_revision_group.group 
1 2 'Structure model' 'Database references'    
2 2 'Structure model' 'Derived calculations'   
3 3 'Structure model' 'Data collection'        
4 3 'Structure model' 'Refinement description' 
# 
loop_
_pdbx_audit_revision_category.ordinal 
_pdbx_audit_revision_category.revision_ordinal 
_pdbx_audit_revision_category.data_content_type 
_pdbx_audit_revision_category.category 
1 2 'Structure model' citation                      
2 2 'Structure model' database_2                    
3 2 'Structure model' pdbx_struct_special_symmetry  
4 2 'Structure model' struct_ref_seq_dif            
5 2 'Structure model' struct_site                   
6 3 'Structure model' chem_comp_atom                
7 3 'Structure model' chem_comp_bond                
8 3 'Structure model' pdbx_initial_refinement_model 
# 
loop_
_pdbx_audit_revision_item.ordinal 
_pdbx_audit_revision_item.revision_ordinal 
_pdbx_audit_revision_item.data_content_type 
_pdbx_audit_revision_item.item 
1  2 'Structure model' '_citation.journal_volume'            
2  2 'Structure model' '_citation.page_first'                
3  2 'Structure model' '_citation.page_last'                 
4  2 'Structure model' '_citation.title'                     
5  2 'Structure model' '_database_2.pdbx_DOI'                
6  2 'Structure model' '_database_2.pdbx_database_accession' 
7  2 'Structure model' '_struct_ref_seq_dif.details'         
8  2 'Structure model' '_struct_site.pdbx_auth_asym_id'      
9  2 'Structure model' '_struct_site.pdbx_auth_comp_id'      
10 2 'Structure model' '_struct_site.pdbx_auth_seq_id'       
# 
loop_
_software.name 
_software.classification 
_software.version 
_software.citation_id 
_software.pdbx_ordinal 
ADSC   'data collection' Quantum                       ? 1 
PHASER phasing           .                             ? 2 
PHENIX refinement        '(phenix.refine: 1.8.4_1496)' ? 3 
MOSFLM 'data reduction'  .                             ? 4 
SCALA  'data scaling'    .                             ? 5 
# 
loop_
_pdbx_validate_torsion.id 
_pdbx_validate_torsion.PDB_model_num 
_pdbx_validate_torsion.auth_comp_id 
_pdbx_validate_torsion.auth_asym_id 
_pdbx_validate_torsion.auth_seq_id 
_pdbx_validate_torsion.PDB_ins_code 
_pdbx_validate_torsion.label_alt_id 
_pdbx_validate_torsion.phi 
_pdbx_validate_torsion.psi 
1 1 HIS A 113 ? A 46.07 72.40 
2 1 HIS A 113 ? B 38.03 73.07 
# 
loop_
_pdbx_unobs_or_zero_occ_residues.id 
_pdbx_unobs_or_zero_occ_residues.PDB_model_num 
_pdbx_unobs_or_zero_occ_residues.polymer_flag 
_pdbx_unobs_or_zero_occ_residues.occupancy_flag 
_pdbx_unobs_or_zero_occ_residues.auth_asym_id 
_pdbx_unobs_or_zero_occ_residues.auth_comp_id 
_pdbx_unobs_or_zero_occ_residues.auth_seq_id 
_pdbx_unobs_or_zero_occ_residues.PDB_ins_code 
_pdbx_unobs_or_zero_occ_residues.label_asym_id 
_pdbx_unobs_or_zero_occ_residues.label_comp_id 
_pdbx_unobs_or_zero_occ_residues.label_seq_id 
1  1 Y 1 A MET 1   ? A MET 1   
2  1 Y 1 A SER 2   ? A SER 2   
3  1 Y 1 A GLN 3   ? A GLN 3   
4  1 Y 1 A GLN 26  ? A GLN 26  
5  1 Y 1 A PHE 27  ? A PHE 27  
6  1 Y 1 A SER 28  ? A SER 28  
7  1 Y 1 A ASP 29  ? A ASP 29  
8  1 Y 1 A VAL 30  ? A VAL 30  
9  1 Y 1 A GLU 31  ? A GLU 31  
10 1 Y 1 A GLU 32  ? A GLU 32  
11 1 Y 1 A ASN 33  ? A ASN 33  
12 1 Y 1 A ARG 34  ? A ARG 34  
13 1 Y 1 A THR 35  ? A THR 35  
14 1 Y 1 A GLU 36  ? A GLU 36  
15 1 Y 1 A ALA 37  ? A ALA 37  
16 1 Y 1 A PRO 38  ? A PRO 38  
17 1 Y 1 A GLU 39  ? A GLU 39  
18 1 Y 1 A GLY 40  ? A GLY 40  
19 1 Y 1 A THR 41  ? A THR 41  
20 1 Y 1 A GLU 42  ? A GLU 42  
21 1 Y 1 A SER 43  ? A SER 43  
22 1 Y 1 A GLU 44  ? A GLU 44  
23 1 Y 1 A ALA 199 ? A ALA 159 
24 1 Y 1 A ALA 200 ? A ALA 160 
25 1 Y 1 A ALA 201 ? A ALA 161 
26 1 Y 1 A GLU 202 ? A GLU 162 
27 1 Y 1 A SER 203 ? A SER 163 
28 1 Y 1 A ARG 204 ? A ARG 164 
29 1 Y 1 A LYS 205 ? A LYS 165 
30 1 Y 1 A GLY 206 ? A GLY 166 
31 1 Y 1 A GLN 207 ? A GLN 167 
32 1 Y 1 A GLU 208 ? A GLU 168 
33 1 Y 1 A ARG 209 ? A ARG 169 
34 1 Y 1 B SER 76  ? B SER 1   
35 1 Y 1 B LEU 105 ? B LEU 30  
36 1 Y 1 B VAL 106 ? B VAL 31  
37 1 Y 1 B ASN 107 ? B ASN 32  
38 1 Y 1 B GLY 108 ? B GLY 33  
39 1 Y 1 B LEU 109 ? B LEU 34  
# 
loop_
_chem_comp_atom.comp_id 
_chem_comp_atom.atom_id 
_chem_comp_atom.type_symbol 
_chem_comp_atom.pdbx_aromatic_flag 
_chem_comp_atom.pdbx_stereo_config 
_chem_comp_atom.pdbx_ordinal 
ALA N    N N N 1   
ALA CA   C N S 2   
ALA C    C N N 3   
ALA O    O N N 4   
ALA CB   C N N 5   
ALA OXT  O N N 6   
ALA H    H N N 7   
ALA H2   H N N 8   
ALA HA   H N N 9   
ALA HB1  H N N 10  
ALA HB2  H N N 11  
ALA HB3  H N N 12  
ALA HXT  H N N 13  
ARG N    N N N 14  
ARG CA   C N S 15  
ARG C    C N N 16  
ARG O    O N N 17  
ARG CB   C N N 18  
ARG CG   C N N 19  
ARG CD   C N N 20  
ARG NE   N N N 21  
ARG CZ   C N N 22  
ARG NH1  N N N 23  
ARG NH2  N N N 24  
ARG OXT  O N N 25  
ARG H    H N N 26  
ARG H2   H N N 27  
ARG HA   H N N 28  
ARG HB2  H N N 29  
ARG HB3  H N N 30  
ARG HG2  H N N 31  
ARG HG3  H N N 32  
ARG HD2  H N N 33  
ARG HD3  H N N 34  
ARG HE   H N N 35  
ARG HH11 H N N 36  
ARG HH12 H N N 37  
ARG HH21 H N N 38  
ARG HH22 H N N 39  
ARG HXT  H N N 40  
ASN N    N N N 41  
ASN CA   C N S 42  
ASN C    C N N 43  
ASN O    O N N 44  
ASN CB   C N N 45  
ASN CG   C N N 46  
ASN OD1  O N N 47  
ASN ND2  N N N 48  
ASN OXT  O N N 49  
ASN H    H N N 50  
ASN H2   H N N 51  
ASN HA   H N N 52  
ASN HB2  H N N 53  
ASN HB3  H N N 54  
ASN HD21 H N N 55  
ASN HD22 H N N 56  
ASN HXT  H N N 57  
ASP N    N N N 58  
ASP CA   C N S 59  
ASP C    C N N 60  
ASP O    O N N 61  
ASP CB   C N N 62  
ASP CG   C N N 63  
ASP OD1  O N N 64  
ASP OD2  O N N 65  
ASP OXT  O N N 66  
ASP H    H N N 67  
ASP H2   H N N 68  
ASP HA   H N N 69  
ASP HB2  H N N 70  
ASP HB3  H N N 71  
ASP HD2  H N N 72  
ASP HXT  H N N 73  
CYS N    N N N 74  
CYS CA   C N R 75  
CYS C    C N N 76  
CYS O    O N N 77  
CYS CB   C N N 78  
CYS SG   S N N 79  
CYS OXT  O N N 80  
CYS H    H N N 81  
CYS H2   H N N 82  
CYS HA   H N N 83  
CYS HB2  H N N 84  
CYS HB3  H N N 85  
CYS HG   H N N 86  
CYS HXT  H N N 87  
GLN N    N N N 88  
GLN CA   C N S 89  
GLN C    C N N 90  
GLN O    O N N 91  
GLN CB   C N N 92  
GLN CG   C N N 93  
GLN CD   C N N 94  
GLN OE1  O N N 95  
GLN NE2  N N N 96  
GLN OXT  O N N 97  
GLN H    H N N 98  
GLN H2   H N N 99  
GLN HA   H N N 100 
GLN HB2  H N N 101 
GLN HB3  H N N 102 
GLN HG2  H N N 103 
GLN HG3  H N N 104 
GLN HE21 H N N 105 
GLN HE22 H N N 106 
GLN HXT  H N N 107 
GLU N    N N N 108 
GLU CA   C N S 109 
GLU C    C N N 110 
GLU O    O N N 111 
GLU CB   C N N 112 
GLU CG   C N N 113 
GLU CD   C N N 114 
GLU OE1  O N N 115 
GLU OE2  O N N 116 
GLU OXT  O N N 117 
GLU H    H N N 118 
GLU H2   H N N 119 
GLU HA   H N N 120 
GLU HB2  H N N 121 
GLU HB3  H N N 122 
GLU HG2  H N N 123 
GLU HG3  H N N 124 
GLU HE2  H N N 125 
GLU HXT  H N N 126 
GLY N    N N N 127 
GLY CA   C N N 128 
GLY C    C N N 129 
GLY O    O N N 130 
GLY OXT  O N N 131 
GLY H    H N N 132 
GLY H2   H N N 133 
GLY HA2  H N N 134 
GLY HA3  H N N 135 
GLY HXT  H N N 136 
HIS N    N N N 137 
HIS CA   C N S 138 
HIS C    C N N 139 
HIS O    O N N 140 
HIS CB   C N N 141 
HIS CG   C Y N 142 
HIS ND1  N Y N 143 
HIS CD2  C Y N 144 
HIS CE1  C Y N 145 
HIS NE2  N Y N 146 
HIS OXT  O N N 147 
HIS H    H N N 148 
HIS H2   H N N 149 
HIS HA   H N N 150 
HIS HB2  H N N 151 
HIS HB3  H N N 152 
HIS HD1  H N N 153 
HIS HD2  H N N 154 
HIS HE1  H N N 155 
HIS HE2  H N N 156 
HIS HXT  H N N 157 
HOH O    O N N 158 
HOH H1   H N N 159 
HOH H2   H N N 160 
ILE N    N N N 161 
ILE CA   C N S 162 
ILE C    C N N 163 
ILE O    O N N 164 
ILE CB   C N S 165 
ILE CG1  C N N 166 
ILE CG2  C N N 167 
ILE CD1  C N N 168 
ILE OXT  O N N 169 
ILE H    H N N 170 
ILE H2   H N N 171 
ILE HA   H N N 172 
ILE HB   H N N 173 
ILE HG12 H N N 174 
ILE HG13 H N N 175 
ILE HG21 H N N 176 
ILE HG22 H N N 177 
ILE HG23 H N N 178 
ILE HD11 H N N 179 
ILE HD12 H N N 180 
ILE HD13 H N N 181 
ILE HXT  H N N 182 
IMD N1   N Y N 183 
IMD C2   C Y N 184 
IMD N3   N Y N 185 
IMD C4   C Y N 186 
IMD C5   C Y N 187 
IMD HN1  H N N 188 
IMD H2   H N N 189 
IMD HN3  H N N 190 
IMD H4   H N N 191 
IMD H5   H N N 192 
LEU N    N N N 193 
LEU CA   C N S 194 
LEU C    C N N 195 
LEU O    O N N 196 
LEU CB   C N N 197 
LEU CG   C N N 198 
LEU CD1  C N N 199 
LEU CD2  C N N 200 
LEU OXT  O N N 201 
LEU H    H N N 202 
LEU H2   H N N 203 
LEU HA   H N N 204 
LEU HB2  H N N 205 
LEU HB3  H N N 206 
LEU HG   H N N 207 
LEU HD11 H N N 208 
LEU HD12 H N N 209 
LEU HD13 H N N 210 
LEU HD21 H N N 211 
LEU HD22 H N N 212 
LEU HD23 H N N 213 
LEU HXT  H N N 214 
LYS N    N N N 215 
LYS CA   C N S 216 
LYS C    C N N 217 
LYS O    O N N 218 
LYS CB   C N N 219 
LYS CG   C N N 220 
LYS CD   C N N 221 
LYS CE   C N N 222 
LYS NZ   N N N 223 
LYS OXT  O N N 224 
LYS H    H N N 225 
LYS H2   H N N 226 
LYS HA   H N N 227 
LYS HB2  H N N 228 
LYS HB3  H N N 229 
LYS HG2  H N N 230 
LYS HG3  H N N 231 
LYS HD2  H N N 232 
LYS HD3  H N N 233 
LYS HE2  H N N 234 
LYS HE3  H N N 235 
LYS HZ1  H N N 236 
LYS HZ2  H N N 237 
LYS HZ3  H N N 238 
LYS HXT  H N N 239 
MET N    N N N 240 
MET CA   C N S 241 
MET C    C N N 242 
MET O    O N N 243 
MET CB   C N N 244 
MET CG   C N N 245 
MET SD   S N N 246 
MET CE   C N N 247 
MET OXT  O N N 248 
MET H    H N N 249 
MET H2   H N N 250 
MET HA   H N N 251 
MET HB2  H N N 252 
MET HB3  H N N 253 
MET HG2  H N N 254 
MET HG3  H N N 255 
MET HE1  H N N 256 
MET HE2  H N N 257 
MET HE3  H N N 258 
MET HXT  H N N 259 
PHE N    N N N 260 
PHE CA   C N S 261 
PHE C    C N N 262 
PHE O    O N N 263 
PHE CB   C N N 264 
PHE CG   C Y N 265 
PHE CD1  C Y N 266 
PHE CD2  C Y N 267 
PHE CE1  C Y N 268 
PHE CE2  C Y N 269 
PHE CZ   C Y N 270 
PHE OXT  O N N 271 
PHE H    H N N 272 
PHE H2   H N N 273 
PHE HA   H N N 274 
PHE HB2  H N N 275 
PHE HB3  H N N 276 
PHE HD1  H N N 277 
PHE HD2  H N N 278 
PHE HE1  H N N 279 
PHE HE2  H N N 280 
PHE HZ   H N N 281 
PHE HXT  H N N 282 
PRO N    N N N 283 
PRO CA   C N S 284 
PRO C    C N N 285 
PRO O    O N N 286 
PRO CB   C N N 287 
PRO CG   C N N 288 
PRO CD   C N N 289 
PRO OXT  O N N 290 
PRO H    H N N 291 
PRO HA   H N N 292 
PRO HB2  H N N 293 
PRO HB3  H N N 294 
PRO HG2  H N N 295 
PRO HG3  H N N 296 
PRO HD2  H N N 297 
PRO HD3  H N N 298 
PRO HXT  H N N 299 
SER N    N N N 300 
SER CA   C N S 301 
SER C    C N N 302 
SER O    O N N 303 
SER CB   C N N 304 
SER OG   O N N 305 
SER OXT  O N N 306 
SER H    H N N 307 
SER H2   H N N 308 
SER HA   H N N 309 
SER HB2  H N N 310 
SER HB3  H N N 311 
SER HG   H N N 312 
SER HXT  H N N 313 
THR N    N N N 314 
THR CA   C N S 315 
THR C    C N N 316 
THR O    O N N 317 
THR CB   C N R 318 
THR OG1  O N N 319 
THR CG2  C N N 320 
THR OXT  O N N 321 
THR H    H N N 322 
THR H2   H N N 323 
THR HA   H N N 324 
THR HB   H N N 325 
THR HG1  H N N 326 
THR HG21 H N N 327 
THR HG22 H N N 328 
THR HG23 H N N 329 
THR HXT  H N N 330 
TRP N    N N N 331 
TRP CA   C N S 332 
TRP C    C N N 333 
TRP O    O N N 334 
TRP CB   C N N 335 
TRP CG   C Y N 336 
TRP CD1  C Y N 337 
TRP CD2  C Y N 338 
TRP NE1  N Y N 339 
TRP CE2  C Y N 340 
TRP CE3  C Y N 341 
TRP CZ2  C Y N 342 
TRP CZ3  C Y N 343 
TRP CH2  C Y N 344 
TRP OXT  O N N 345 
TRP H    H N N 346 
TRP H2   H N N 347 
TRP HA   H N N 348 
TRP HB2  H N N 349 
TRP HB3  H N N 350 
TRP HD1  H N N 351 
TRP HE1  H N N 352 
TRP HE3  H N N 353 
TRP HZ2  H N N 354 
TRP HZ3  H N N 355 
TRP HH2  H N N 356 
TRP HXT  H N N 357 
TYR N    N N N 358 
TYR CA   C N S 359 
TYR C    C N N 360 
TYR O    O N N 361 
TYR CB   C N N 362 
TYR CG   C Y N 363 
TYR CD1  C Y N 364 
TYR CD2  C Y N 365 
TYR CE1  C Y N 366 
TYR CE2  C Y N 367 
TYR CZ   C Y N 368 
TYR OH   O N N 369 
TYR OXT  O N N 370 
TYR H    H N N 371 
TYR H2   H N N 372 
TYR HA   H N N 373 
TYR HB2  H N N 374 
TYR HB3  H N N 375 
TYR HD1  H N N 376 
TYR HD2  H N N 377 
TYR HE1  H N N 378 
TYR HE2  H N N 379 
TYR HH   H N N 380 
TYR HXT  H N N 381 
VAL N    N N N 382 
VAL CA   C N S 383 
VAL C    C N N 384 
VAL O    O N N 385 
VAL CB   C N N 386 
VAL CG1  C N N 387 
VAL CG2  C N N 388 
VAL OXT  O N N 389 
VAL H    H N N 390 
VAL H2   H N N 391 
VAL HA   H N N 392 
VAL HB   H N N 393 
VAL HG11 H N N 394 
VAL HG12 H N N 395 
VAL HG13 H N N 396 
VAL HG21 H N N 397 
VAL HG22 H N N 398 
VAL HG23 H N N 399 
VAL HXT  H N N 400 
# 
loop_
_chem_comp_bond.comp_id 
_chem_comp_bond.atom_id_1 
_chem_comp_bond.atom_id_2 
_chem_comp_bond.value_order 
_chem_comp_bond.pdbx_aromatic_flag 
_chem_comp_bond.pdbx_stereo_config 
_chem_comp_bond.pdbx_ordinal 
ALA N   CA   sing N N 1   
ALA N   H    sing N N 2   
ALA N   H2   sing N N 3   
ALA CA  C    sing N N 4   
ALA CA  CB   sing N N 5   
ALA CA  HA   sing N N 6   
ALA C   O    doub N N 7   
ALA C   OXT  sing N N 8   
ALA CB  HB1  sing N N 9   
ALA CB  HB2  sing N N 10  
ALA CB  HB3  sing N N 11  
ALA OXT HXT  sing N N 12  
ARG N   CA   sing N N 13  
ARG N   H    sing N N 14  
ARG N   H2   sing N N 15  
ARG CA  C    sing N N 16  
ARG CA  CB   sing N N 17  
ARG CA  HA   sing N N 18  
ARG C   O    doub N N 19  
ARG C   OXT  sing N N 20  
ARG CB  CG   sing N N 21  
ARG CB  HB2  sing N N 22  
ARG CB  HB3  sing N N 23  
ARG CG  CD   sing N N 24  
ARG CG  HG2  sing N N 25  
ARG CG  HG3  sing N N 26  
ARG CD  NE   sing N N 27  
ARG CD  HD2  sing N N 28  
ARG CD  HD3  sing N N 29  
ARG NE  CZ   sing N N 30  
ARG NE  HE   sing N N 31  
ARG CZ  NH1  sing N N 32  
ARG CZ  NH2  doub N N 33  
ARG NH1 HH11 sing N N 34  
ARG NH1 HH12 sing N N 35  
ARG NH2 HH21 sing N N 36  
ARG NH2 HH22 sing N N 37  
ARG OXT HXT  sing N N 38  
ASN N   CA   sing N N 39  
ASN N   H    sing N N 40  
ASN N   H2   sing N N 41  
ASN CA  C    sing N N 42  
ASN CA  CB   sing N N 43  
ASN CA  HA   sing N N 44  
ASN C   O    doub N N 45  
ASN C   OXT  sing N N 46  
ASN CB  CG   sing N N 47  
ASN CB  HB2  sing N N 48  
ASN CB  HB3  sing N N 49  
ASN CG  OD1  doub N N 50  
ASN CG  ND2  sing N N 51  
ASN ND2 HD21 sing N N 52  
ASN ND2 HD22 sing N N 53  
ASN OXT HXT  sing N N 54  
ASP N   CA   sing N N 55  
ASP N   H    sing N N 56  
ASP N   H2   sing N N 57  
ASP CA  C    sing N N 58  
ASP CA  CB   sing N N 59  
ASP CA  HA   sing N N 60  
ASP C   O    doub N N 61  
ASP C   OXT  sing N N 62  
ASP CB  CG   sing N N 63  
ASP CB  HB2  sing N N 64  
ASP CB  HB3  sing N N 65  
ASP CG  OD1  doub N N 66  
ASP CG  OD2  sing N N 67  
ASP OD2 HD2  sing N N 68  
ASP OXT HXT  sing N N 69  
CYS N   CA   sing N N 70  
CYS N   H    sing N N 71  
CYS N   H2   sing N N 72  
CYS CA  C    sing N N 73  
CYS CA  CB   sing N N 74  
CYS CA  HA   sing N N 75  
CYS C   O    doub N N 76  
CYS C   OXT  sing N N 77  
CYS CB  SG   sing N N 78  
CYS CB  HB2  sing N N 79  
CYS CB  HB3  sing N N 80  
CYS SG  HG   sing N N 81  
CYS OXT HXT  sing N N 82  
GLN N   CA   sing N N 83  
GLN N   H    sing N N 84  
GLN N   H2   sing N N 85  
GLN CA  C    sing N N 86  
GLN CA  CB   sing N N 87  
GLN CA  HA   sing N N 88  
GLN C   O    doub N N 89  
GLN C   OXT  sing N N 90  
GLN CB  CG   sing N N 91  
GLN CB  HB2  sing N N 92  
GLN CB  HB3  sing N N 93  
GLN CG  CD   sing N N 94  
GLN CG  HG2  sing N N 95  
GLN CG  HG3  sing N N 96  
GLN CD  OE1  doub N N 97  
GLN CD  NE2  sing N N 98  
GLN NE2 HE21 sing N N 99  
GLN NE2 HE22 sing N N 100 
GLN OXT HXT  sing N N 101 
GLU N   CA   sing N N 102 
GLU N   H    sing N N 103 
GLU N   H2   sing N N 104 
GLU CA  C    sing N N 105 
GLU CA  CB   sing N N 106 
GLU CA  HA   sing N N 107 
GLU C   O    doub N N 108 
GLU C   OXT  sing N N 109 
GLU CB  CG   sing N N 110 
GLU CB  HB2  sing N N 111 
GLU CB  HB3  sing N N 112 
GLU CG  CD   sing N N 113 
GLU CG  HG2  sing N N 114 
GLU CG  HG3  sing N N 115 
GLU CD  OE1  doub N N 116 
GLU CD  OE2  sing N N 117 
GLU OE2 HE2  sing N N 118 
GLU OXT HXT  sing N N 119 
GLY N   CA   sing N N 120 
GLY N   H    sing N N 121 
GLY N   H2   sing N N 122 
GLY CA  C    sing N N 123 
GLY CA  HA2  sing N N 124 
GLY CA  HA3  sing N N 125 
GLY C   O    doub N N 126 
GLY C   OXT  sing N N 127 
GLY OXT HXT  sing N N 128 
HIS N   CA   sing N N 129 
HIS N   H    sing N N 130 
HIS N   H2   sing N N 131 
HIS CA  C    sing N N 132 
HIS CA  CB   sing N N 133 
HIS CA  HA   sing N N 134 
HIS C   O    doub N N 135 
HIS C   OXT  sing N N 136 
HIS CB  CG   sing N N 137 
HIS CB  HB2  sing N N 138 
HIS CB  HB3  sing N N 139 
HIS CG  ND1  sing Y N 140 
HIS CG  CD2  doub Y N 141 
HIS ND1 CE1  doub Y N 142 
HIS ND1 HD1  sing N N 143 
HIS CD2 NE2  sing Y N 144 
HIS CD2 HD2  sing N N 145 
HIS CE1 NE2  sing Y N 146 
HIS CE1 HE1  sing N N 147 
HIS NE2 HE2  sing N N 148 
HIS OXT HXT  sing N N 149 
HOH O   H1   sing N N 150 
HOH O   H2   sing N N 151 
ILE N   CA   sing N N 152 
ILE N   H    sing N N 153 
ILE N   H2   sing N N 154 
ILE CA  C    sing N N 155 
ILE CA  CB   sing N N 156 
ILE CA  HA   sing N N 157 
ILE C   O    doub N N 158 
ILE C   OXT  sing N N 159 
ILE CB  CG1  sing N N 160 
ILE CB  CG2  sing N N 161 
ILE CB  HB   sing N N 162 
ILE CG1 CD1  sing N N 163 
ILE CG1 HG12 sing N N 164 
ILE CG1 HG13 sing N N 165 
ILE CG2 HG21 sing N N 166 
ILE CG2 HG22 sing N N 167 
ILE CG2 HG23 sing N N 168 
ILE CD1 HD11 sing N N 169 
ILE CD1 HD12 sing N N 170 
ILE CD1 HD13 sing N N 171 
ILE OXT HXT  sing N N 172 
IMD N1  C2   sing Y N 173 
IMD N1  C5   sing Y N 174 
IMD N1  HN1  sing N N 175 
IMD C2  N3   doub Y N 176 
IMD C2  H2   sing N N 177 
IMD N3  C4   sing Y N 178 
IMD N3  HN3  sing N N 179 
IMD C4  C5   doub Y N 180 
IMD C4  H4   sing N N 181 
IMD C5  H5   sing N N 182 
LEU N   CA   sing N N 183 
LEU N   H    sing N N 184 
LEU N   H2   sing N N 185 
LEU CA  C    sing N N 186 
LEU CA  CB   sing N N 187 
LEU CA  HA   sing N N 188 
LEU C   O    doub N N 189 
LEU C   OXT  sing N N 190 
LEU CB  CG   sing N N 191 
LEU CB  HB2  sing N N 192 
LEU CB  HB3  sing N N 193 
LEU CG  CD1  sing N N 194 
LEU CG  CD2  sing N N 195 
LEU CG  HG   sing N N 196 
LEU CD1 HD11 sing N N 197 
LEU CD1 HD12 sing N N 198 
LEU CD1 HD13 sing N N 199 
LEU CD2 HD21 sing N N 200 
LEU CD2 HD22 sing N N 201 
LEU CD2 HD23 sing N N 202 
LEU OXT HXT  sing N N 203 
LYS N   CA   sing N N 204 
LYS N   H    sing N N 205 
LYS N   H2   sing N N 206 
LYS CA  C    sing N N 207 
LYS CA  CB   sing N N 208 
LYS CA  HA   sing N N 209 
LYS C   O    doub N N 210 
LYS C   OXT  sing N N 211 
LYS CB  CG   sing N N 212 
LYS CB  HB2  sing N N 213 
LYS CB  HB3  sing N N 214 
LYS CG  CD   sing N N 215 
LYS CG  HG2  sing N N 216 
LYS CG  HG3  sing N N 217 
LYS CD  CE   sing N N 218 
LYS CD  HD2  sing N N 219 
LYS CD  HD3  sing N N 220 
LYS CE  NZ   sing N N 221 
LYS CE  HE2  sing N N 222 
LYS CE  HE3  sing N N 223 
LYS NZ  HZ1  sing N N 224 
LYS NZ  HZ2  sing N N 225 
LYS NZ  HZ3  sing N N 226 
LYS OXT HXT  sing N N 227 
MET N   CA   sing N N 228 
MET N   H    sing N N 229 
MET N   H2   sing N N 230 
MET CA  C    sing N N 231 
MET CA  CB   sing N N 232 
MET CA  HA   sing N N 233 
MET C   O    doub N N 234 
MET C   OXT  sing N N 235 
MET CB  CG   sing N N 236 
MET CB  HB2  sing N N 237 
MET CB  HB3  sing N N 238 
MET CG  SD   sing N N 239 
MET CG  HG2  sing N N 240 
MET CG  HG3  sing N N 241 
MET SD  CE   sing N N 242 
MET CE  HE1  sing N N 243 
MET CE  HE2  sing N N 244 
MET CE  HE3  sing N N 245 
MET OXT HXT  sing N N 246 
PHE N   CA   sing N N 247 
PHE N   H    sing N N 248 
PHE N   H2   sing N N 249 
PHE CA  C    sing N N 250 
PHE CA  CB   sing N N 251 
PHE CA  HA   sing N N 252 
PHE C   O    doub N N 253 
PHE C   OXT  sing N N 254 
PHE CB  CG   sing N N 255 
PHE CB  HB2  sing N N 256 
PHE CB  HB3  sing N N 257 
PHE CG  CD1  doub Y N 258 
PHE CG  CD2  sing Y N 259 
PHE CD1 CE1  sing Y N 260 
PHE CD1 HD1  sing N N 261 
PHE CD2 CE2  doub Y N 262 
PHE CD2 HD2  sing N N 263 
PHE CE1 CZ   doub Y N 264 
PHE CE1 HE1  sing N N 265 
PHE CE2 CZ   sing Y N 266 
PHE CE2 HE2  sing N N 267 
PHE CZ  HZ   sing N N 268 
PHE OXT HXT  sing N N 269 
PRO N   CA   sing N N 270 
PRO N   CD   sing N N 271 
PRO N   H    sing N N 272 
PRO CA  C    sing N N 273 
PRO CA  CB   sing N N 274 
PRO CA  HA   sing N N 275 
PRO C   O    doub N N 276 
PRO C   OXT  sing N N 277 
PRO CB  CG   sing N N 278 
PRO CB  HB2  sing N N 279 
PRO CB  HB3  sing N N 280 
PRO CG  CD   sing N N 281 
PRO CG  HG2  sing N N 282 
PRO CG  HG3  sing N N 283 
PRO CD  HD2  sing N N 284 
PRO CD  HD3  sing N N 285 
PRO OXT HXT  sing N N 286 
SER N   CA   sing N N 287 
SER N   H    sing N N 288 
SER N   H2   sing N N 289 
SER CA  C    sing N N 290 
SER CA  CB   sing N N 291 
SER CA  HA   sing N N 292 
SER C   O    doub N N 293 
SER C   OXT  sing N N 294 
SER CB  OG   sing N N 295 
SER CB  HB2  sing N N 296 
SER CB  HB3  sing N N 297 
SER OG  HG   sing N N 298 
SER OXT HXT  sing N N 299 
THR N   CA   sing N N 300 
THR N   H    sing N N 301 
THR N   H2   sing N N 302 
THR CA  C    sing N N 303 
THR CA  CB   sing N N 304 
THR CA  HA   sing N N 305 
THR C   O    doub N N 306 
THR C   OXT  sing N N 307 
THR CB  OG1  sing N N 308 
THR CB  CG2  sing N N 309 
THR CB  HB   sing N N 310 
THR OG1 HG1  sing N N 311 
THR CG2 HG21 sing N N 312 
THR CG2 HG22 sing N N 313 
THR CG2 HG23 sing N N 314 
THR OXT HXT  sing N N 315 
TRP N   CA   sing N N 316 
TRP N   H    sing N N 317 
TRP N   H2   sing N N 318 
TRP CA  C    sing N N 319 
TRP CA  CB   sing N N 320 
TRP CA  HA   sing N N 321 
TRP C   O    doub N N 322 
TRP C   OXT  sing N N 323 
TRP CB  CG   sing N N 324 
TRP CB  HB2  sing N N 325 
TRP CB  HB3  sing N N 326 
TRP CG  CD1  doub Y N 327 
TRP CG  CD2  sing Y N 328 
TRP CD1 NE1  sing Y N 329 
TRP CD1 HD1  sing N N 330 
TRP CD2 CE2  doub Y N 331 
TRP CD2 CE3  sing Y N 332 
TRP NE1 CE2  sing Y N 333 
TRP NE1 HE1  sing N N 334 
TRP CE2 CZ2  sing Y N 335 
TRP CE3 CZ3  doub Y N 336 
TRP CE3 HE3  sing N N 337 
TRP CZ2 CH2  doub Y N 338 
TRP CZ2 HZ2  sing N N 339 
TRP CZ3 CH2  sing Y N 340 
TRP CZ3 HZ3  sing N N 341 
TRP CH2 HH2  sing N N 342 
TRP OXT HXT  sing N N 343 
TYR N   CA   sing N N 344 
TYR N   H    sing N N 345 
TYR N   H2   sing N N 346 
TYR CA  C    sing N N 347 
TYR CA  CB   sing N N 348 
TYR CA  HA   sing N N 349 
TYR C   O    doub N N 350 
TYR C   OXT  sing N N 351 
TYR CB  CG   sing N N 352 
TYR CB  HB2  sing N N 353 
TYR CB  HB3  sing N N 354 
TYR CG  CD1  doub Y N 355 
TYR CG  CD2  sing Y N 356 
TYR CD1 CE1  sing Y N 357 
TYR CD1 HD1  sing N N 358 
TYR CD2 CE2  doub Y N 359 
TYR CD2 HD2  sing N N 360 
TYR CE1 CZ   doub Y N 361 
TYR CE1 HE1  sing N N 362 
TYR CE2 CZ   sing Y N 363 
TYR CE2 HE2  sing N N 364 
TYR CZ  OH   sing N N 365 
TYR OH  HH   sing N N 366 
TYR OXT HXT  sing N N 367 
VAL N   CA   sing N N 368 
VAL N   H    sing N N 369 
VAL N   H2   sing N N 370 
VAL CA  C    sing N N 371 
VAL CA  CB   sing N N 372 
VAL CA  HA   sing N N 373 
VAL C   O    doub N N 374 
VAL C   OXT  sing N N 375 
VAL CB  CG1  sing N N 376 
VAL CB  CG2  sing N N 377 
VAL CB  HB   sing N N 378 
VAL CG1 HG11 sing N N 379 
VAL CG1 HG12 sing N N 380 
VAL CG1 HG13 sing N N 381 
VAL CG2 HG21 sing N N 382 
VAL CG2 HG22 sing N N 383 
VAL CG2 HG23 sing N N 384 
VAL OXT HXT  sing N N 385 
# 
loop_
_pdbx_entity_nonpoly.entity_id 
_pdbx_entity_nonpoly.name 
_pdbx_entity_nonpoly.comp_id 
3 IMIDAZOLE IMD 
4 water     HOH 
# 
_pdbx_initial_refinement_model.id               1 
_pdbx_initial_refinement_model.entity_id_list   ? 
_pdbx_initial_refinement_model.type             'experimental model' 
_pdbx_initial_refinement_model.source_name      PDB 
_pdbx_initial_refinement_model.accession_code   4EHR 
_pdbx_initial_refinement_model.details          ? 
# 
